data_8TXN
#
_entry.id   8TXN
#
_cell.length_a   139.120
_cell.length_b   139.120
_cell.length_c   103.381
_cell.angle_alpha   90.000
_cell.angle_beta   90.000
_cell.angle_gamma   120.000
#
_symmetry.space_group_name_H-M   'P 63'
#
loop_
_entity.id
_entity.type
_entity.pdbx_description
1 polymer 'Collagen alpha-1(IV) chain, Collagen IV - chain Viking, Collagen alpha-1(IV) chain'
2 non-polymer 'TRIETHYLENE GLYCOL'
3 non-polymer 'CHLORIDE ION'
4 non-polymer 'MAGNESIUM ION'
5 non-polymer 'TETRAETHYLENE GLYCOL'
6 non-polymer DI(HYDROXYETHYL)ETHER
7 non-polymer 1,2-ETHANEDIOL
8 non-polymer 'PENTAETHYLENE GLYCOL'
9 non-polymer 'PHOSPHATE ION'
10 water water
#
_entity_poly.entity_id   1
_entity_poly.type   'polypeptide(L)'
_entity_poly.pdbx_seq_one_letter_code
;APLADYKDDDDKLASTLDYLTGILITRHSQSETVPACSAGHTELWTGYSLLYVDGNDYAHNQDLGSPGSCVPRFSTLPVL
SCGQNNVCNYASRNDKTFWLTTNAAIPMMPVENIEIRQYISRCVVCEAPANVIAVHSQTIEVPDCPNGWEGLWIGYSFLM
HTAVGNGGGGQALQSPGSCLEDFRATPFIECNGAKGTCHFYETMTSFWMYNLESSQPFERPQQQTIKAGERQSHVSRCQV
CMKNSSGSSASSGAPKSRGFIFARHSQSVHVPQCPANTNLLWEGYSLSGNVAASRAVGQDLGQSGSCMMRFTTMPYMLCD
ITNVCHFAQNNDDSLWLSTAEPMPMTMTPIQGRDLMKYISRCVVCETTTRIIALHSQSMSIPDCPGGWEEMWTGYSYFMS
TLDNVGGVGQNLVSPGSCLEEFRAQPVIECHGHGRCNYYDALASFWLTVIEEQDQFVQPRQQTLKADFTSKISRCTVCRR
RGNGSSASSGLDYLTGILITRHSQSETVPACSAGHTELWTGYSLLYVDGNDYAHNQDLGSPGSCVPRFSTLPVLSCGQNN
VCNYASRNDKTFWLTTNAAIPMMPVENIEIRQYISRCVVCEAPANVIAVHSQTIEVPDCPNGWEGLWIGYSFLMHTAVGN
GGGGQALQSPGSCLEDFRATPFIECNGAKGTCHFYETMTSFWMYNLESSQPFERPQQQTIKAGERQSHVSRCQVCMKNSS
GSGSGS
;
_entity_poly.pdbx_strand_id   A,D
#
loop_
_chem_comp.id
_chem_comp.type
_chem_comp.name
_chem_comp.formula
1PE non-polymer 'PENTAETHYLENE GLYCOL' 'C10 H22 O6'
CL non-polymer 'CHLORIDE ION' 'Cl -1'
EDO non-polymer 1,2-ETHANEDIOL 'C2 H6 O2'
MG non-polymer 'MAGNESIUM ION' 'Mg 2'
PEG non-polymer DI(HYDROXYETHYL)ETHER 'C4 H10 O3'
PG4 non-polymer 'TETRAETHYLENE GLYCOL' 'C8 H18 O5'
PGE non-polymer 'TRIETHYLENE GLYCOL' 'C6 H14 O4'
PO4 non-polymer 'PHOSPHATE ION' 'O4 P -3'
#
# COMPACT_ATOMS: atom_id res chain seq x y z
N THR A 21 20.39 -32.69 -19.22
CA THR A 21 19.83 -32.46 -17.89
C THR A 21 18.90 -31.23 -17.92
N GLY A 22 17.86 -31.26 -17.08
CA GLY A 22 16.68 -30.45 -17.25
C GLY A 22 16.71 -28.98 -16.88
N ILE A 23 17.37 -28.17 -17.71
CA ILE A 23 17.14 -26.73 -17.69
C ILE A 23 15.86 -26.44 -18.47
N LEU A 24 14.94 -25.71 -17.85
CA LEU A 24 13.58 -25.58 -18.37
C LEU A 24 13.32 -24.16 -18.86
N ILE A 25 12.78 -24.05 -20.06
CA ILE A 25 12.45 -22.77 -20.68
C ILE A 25 10.96 -22.74 -20.96
N THR A 26 10.34 -21.58 -20.76
CA THR A 26 8.92 -21.38 -20.96
C THR A 26 8.70 -20.33 -22.05
N ARG A 27 7.83 -20.64 -23.00
CA ARG A 27 7.52 -19.75 -24.11
C ARG A 27 6.04 -19.41 -24.09
N HIS A 28 5.71 -18.15 -24.31
CA HIS A 28 4.33 -17.67 -24.37
C HIS A 28 3.99 -17.22 -25.79
N SER A 29 2.83 -17.66 -26.29
CA SER A 29 2.46 -17.31 -27.67
C SER A 29 1.89 -15.91 -27.81
N GLN A 30 1.38 -15.32 -26.72
CA GLN A 30 0.55 -14.10 -26.79
C GLN A 30 -0.54 -14.23 -27.86
N SER A 31 -1.12 -15.43 -27.95
CA SER A 31 -2.23 -15.67 -28.86
C SER A 31 -2.94 -16.94 -28.42
N GLU A 32 -4.02 -17.26 -29.14
CA GLU A 32 -4.77 -18.48 -28.89
C GLU A 32 -4.00 -19.73 -29.29
N THR A 33 -2.94 -19.58 -30.08
CA THR A 33 -2.12 -20.69 -30.54
C THR A 33 -1.23 -21.21 -29.42
N VAL A 34 -1.12 -22.52 -29.32
CA VAL A 34 -0.15 -23.10 -28.39
C VAL A 34 1.24 -23.03 -29.03
N PRO A 35 2.24 -22.45 -28.37
CA PRO A 35 3.57 -22.33 -28.98
C PRO A 35 4.30 -23.68 -28.98
N ALA A 36 5.40 -23.71 -29.71
CA ALA A 36 6.18 -24.94 -29.88
C ALA A 36 7.58 -24.77 -29.32
N CYS A 37 8.14 -25.89 -28.86
CA CYS A 37 9.56 -25.93 -28.54
C CYS A 37 10.37 -26.02 -29.83
N SER A 38 11.68 -25.88 -29.70
CA SER A 38 12.55 -26.14 -30.82
C SER A 38 12.71 -27.65 -31.02
N ALA A 39 13.23 -28.02 -32.19
CA ALA A 39 13.66 -29.41 -32.36
C ALA A 39 14.77 -29.73 -31.37
N GLY A 40 14.78 -30.95 -30.86
CA GLY A 40 15.74 -31.30 -29.85
C GLY A 40 15.28 -31.02 -28.44
N HIS A 41 14.64 -29.86 -28.22
CA HIS A 41 14.14 -29.50 -26.90
C HIS A 41 12.83 -30.23 -26.65
N THR A 42 12.77 -31.01 -25.57
CA THR A 42 11.61 -31.84 -25.31
C THR A 42 10.52 -31.03 -24.64
N GLU A 43 9.30 -31.13 -25.16
CA GLU A 43 8.16 -30.48 -24.54
C GLU A 43 7.77 -31.22 -23.28
N LEU A 44 7.60 -30.48 -22.19
CA LEU A 44 7.17 -31.08 -20.93
C LEU A 44 5.67 -30.95 -20.71
N TRP A 45 5.10 -29.75 -20.89
CA TRP A 45 3.65 -29.60 -20.89
C TRP A 45 3.29 -28.30 -21.59
N THR A 46 2.00 -28.11 -21.84
CA THR A 46 1.49 -26.85 -22.38
C THR A 46 0.44 -26.31 -21.42
N GLY A 47 0.09 -25.04 -21.61
CA GLY A 47 -0.85 -24.46 -20.67
C GLY A 47 -1.30 -23.06 -21.03
N TYR A 48 -1.67 -22.30 -19.98
CA TYR A 48 -2.15 -20.94 -20.07
C TYR A 48 -1.20 -20.01 -19.31
N SER A 49 -1.00 -18.81 -19.86
CA SER A 49 0.06 -17.90 -19.39
C SER A 49 -0.40 -17.11 -18.16
N LEU A 50 0.00 -17.55 -16.97
CA LEU A 50 -0.39 -16.89 -15.73
C LEU A 50 0.60 -15.78 -15.36
N LEU A 51 0.09 -14.57 -15.17
CA LEU A 51 0.92 -13.43 -14.79
C LEU A 51 0.96 -13.26 -13.26
N TYR A 52 -0.20 -13.10 -12.62
CA TYR A 52 -0.20 -13.01 -11.16
C TYR A 52 -1.59 -13.26 -10.62
N VAL A 53 -1.64 -13.45 -9.30
CA VAL A 53 -2.88 -13.67 -8.55
C VAL A 53 -2.99 -12.56 -7.53
N ASP A 54 -4.17 -11.96 -7.40
CA ASP A 54 -4.47 -10.91 -6.43
C ASP A 54 -5.35 -11.59 -5.38
N GLY A 55 -4.73 -12.01 -4.27
CA GLY A 55 -5.45 -12.75 -3.24
C GLY A 55 -5.41 -11.97 -1.94
N ASN A 56 -6.58 -11.72 -1.34
CA ASN A 56 -6.67 -10.87 -0.16
C ASN A 56 -5.85 -9.58 -0.32
N ASP A 57 -6.03 -8.96 -1.49
CA ASP A 57 -5.45 -7.64 -1.78
C ASP A 57 -3.93 -7.67 -1.80
N TYR A 58 -3.34 -8.81 -2.13
CA TYR A 58 -1.89 -8.97 -2.24
C TYR A 58 -1.58 -9.57 -3.61
N ALA A 59 -0.64 -8.96 -4.33
CA ALA A 59 -0.29 -9.41 -5.67
C ALA A 59 0.89 -10.38 -5.60
N HIS A 60 0.67 -11.62 -6.05
CA HIS A 60 1.74 -12.62 -6.11
C HIS A 60 1.96 -13.00 -7.56
N ASN A 61 3.15 -12.68 -8.09
CA ASN A 61 3.47 -12.83 -9.50
C ASN A 61 4.22 -14.12 -9.76
N GLN A 62 4.04 -14.68 -10.96
CA GLN A 62 4.93 -15.70 -11.50
C GLN A 62 5.91 -15.05 -12.46
N ASP A 63 7.15 -15.54 -12.46
CA ASP A 63 8.15 -15.16 -13.46
C ASP A 63 7.74 -15.71 -14.83
N LEU A 64 7.50 -14.83 -15.80
CA LEU A 64 7.04 -15.26 -17.12
C LEU A 64 8.06 -16.13 -17.83
N GLY A 65 9.32 -16.10 -17.40
CA GLY A 65 10.31 -16.98 -17.99
C GLY A 65 10.38 -18.36 -17.37
N SER A 66 9.62 -18.62 -16.31
CA SER A 66 9.70 -19.85 -15.54
CA SER A 66 9.70 -19.86 -15.54
C SER A 66 8.51 -20.75 -15.82
N PRO A 67 8.66 -22.07 -15.63
CA PRO A 67 7.53 -22.99 -15.86
C PRO A 67 6.33 -22.67 -14.98
N GLY A 68 6.52 -22.01 -13.83
CA GLY A 68 5.38 -21.70 -12.99
C GLY A 68 4.38 -20.75 -13.62
N SER A 69 4.79 -19.96 -14.62
CA SER A 69 3.84 -19.13 -15.34
C SER A 69 3.04 -19.90 -16.39
N CYS A 70 3.21 -21.22 -16.51
CA CYS A 70 2.51 -22.00 -17.53
C CYS A 70 1.62 -23.01 -16.80
N VAL A 71 0.34 -22.67 -16.66
CA VAL A 71 -0.62 -23.42 -15.84
C VAL A 71 -1.43 -24.32 -16.75
N PRO A 72 -1.40 -25.64 -16.57
CA PRO A 72 -2.07 -26.53 -17.54
C PRO A 72 -3.58 -26.35 -17.61
N ARG A 73 -4.25 -26.12 -16.48
CA ARG A 73 -5.71 -26.00 -16.47
C ARG A 73 -6.11 -24.58 -16.07
N PHE A 74 -6.84 -23.92 -16.95
CA PHE A 74 -7.30 -22.57 -16.71
C PHE A 74 -8.48 -22.56 -15.76
N SER A 75 -8.53 -21.52 -14.94
CA SER A 75 -9.74 -21.10 -14.25
C SER A 75 -9.58 -19.62 -13.93
N THR A 76 -10.70 -18.89 -13.88
CA THR A 76 -10.59 -17.52 -13.39
C THR A 76 -10.20 -17.49 -11.92
N LEU A 77 -10.37 -18.61 -11.21
CA LEU A 77 -9.93 -18.69 -9.81
C LEU A 77 -9.40 -20.08 -9.54
N PRO A 78 -8.14 -20.32 -9.84
CA PRO A 78 -7.58 -21.67 -9.65
C PRO A 78 -7.04 -21.87 -8.25
N VAL A 79 -7.43 -21.03 -7.28
CA VAL A 79 -6.88 -21.08 -5.94
C VAL A 79 -8.01 -21.15 -4.93
N LEU A 80 -7.68 -21.71 -3.76
CA LEU A 80 -8.55 -21.83 -2.61
C LEU A 80 -7.95 -21.04 -1.44
N SER A 81 -8.79 -20.32 -0.69
CA SER A 81 -8.37 -19.52 0.44
CA SER A 81 -8.35 -19.53 0.45
C SER A 81 -8.71 -20.25 1.75
N CYS A 82 -7.71 -20.39 2.64
CA CYS A 82 -7.87 -21.14 3.89
C CYS A 82 -7.50 -20.29 5.09
N GLY A 83 -8.38 -20.26 6.10
CA GLY A 83 -8.17 -19.45 7.28
C GLY A 83 -7.75 -20.26 8.50
N GLN A 84 -7.67 -19.57 9.63
CA GLN A 84 -7.04 -20.11 10.83
C GLN A 84 -7.95 -21.06 11.61
N ASN A 85 -9.20 -21.27 11.19
CA ASN A 85 -10.15 -22.03 11.97
C ASN A 85 -10.70 -23.24 11.21
N ASN A 86 -9.84 -23.92 10.45
CA ASN A 86 -10.19 -25.16 9.77
C ASN A 86 -11.39 -25.00 8.83
N VAL A 87 -11.54 -23.82 8.25
CA VAL A 87 -12.50 -23.57 7.18
C VAL A 87 -11.72 -23.01 6.00
N CYS A 88 -11.97 -23.53 4.81
CA CYS A 88 -11.48 -22.90 3.59
C CYS A 88 -12.66 -22.41 2.78
N ASN A 89 -12.44 -21.33 2.02
CA ASN A 89 -13.50 -20.70 1.24
C ASN A 89 -13.05 -20.63 -0.21
N TYR A 90 -13.84 -21.19 -1.11
CA TYR A 90 -13.57 -21.09 -2.54
C TYR A 90 -14.50 -20.06 -3.16
N ALA A 91 -13.92 -19.12 -3.93
CA ALA A 91 -14.70 -18.16 -4.71
C ALA A 91 -15.69 -17.40 -3.84
N SER A 92 -15.25 -17.03 -2.63
CA SER A 92 -16.13 -16.41 -1.64
C SER A 92 -15.81 -14.95 -1.34
N ARG A 93 -14.80 -14.37 -1.99
CA ARG A 93 -14.46 -12.98 -1.69
C ARG A 93 -14.30 -12.20 -2.99
N ASN A 94 -13.19 -11.49 -3.20
CA ASN A 94 -13.09 -10.70 -4.44
CA ASN A 94 -13.07 -10.67 -4.41
C ASN A 94 -11.74 -10.87 -5.10
N ASP A 95 -11.20 -12.08 -5.04
CA ASP A 95 -9.87 -12.31 -5.60
C ASP A 95 -9.88 -12.34 -7.12
N LYS A 96 -8.71 -12.06 -7.71
CA LYS A 96 -8.58 -11.88 -9.16
C LYS A 96 -7.40 -12.69 -9.66
N THR A 97 -7.44 -13.07 -10.94
CA THR A 97 -6.27 -13.62 -11.60
C THR A 97 -5.95 -12.80 -12.84
N PHE A 98 -4.68 -12.79 -13.23
CA PHE A 98 -4.21 -12.02 -14.37
C PHE A 98 -3.38 -12.93 -15.27
N TRP A 99 -3.67 -12.88 -16.57
CA TRP A 99 -3.08 -13.77 -17.56
C TRP A 99 -2.54 -12.92 -18.71
N LEU A 100 -1.42 -13.35 -19.30
CA LEU A 100 -1.04 -12.69 -20.55
C LEU A 100 -2.17 -12.88 -21.55
N THR A 101 -2.37 -11.88 -22.40
CA THR A 101 -3.50 -11.92 -23.32
C THR A 101 -3.01 -12.07 -24.76
N THR A 102 -3.97 -12.03 -25.67
CA THR A 102 -3.75 -12.34 -27.09
C THR A 102 -3.77 -11.06 -27.91
N ASN A 103 -3.77 -11.20 -29.22
CA ASN A 103 -3.88 -10.07 -30.12
C ASN A 103 -5.33 -9.77 -30.48
N ALA A 104 -6.28 -10.42 -29.82
CA ALA A 104 -7.70 -10.16 -30.08
C ALA A 104 -8.06 -8.74 -29.69
N ALA A 105 -9.04 -8.19 -30.39
CA ALA A 105 -9.47 -6.82 -30.11
C ALA A 105 -10.12 -6.73 -28.73
N ILE A 106 -9.93 -5.60 -28.08
CA ILE A 106 -10.46 -5.37 -26.73
C ILE A 106 -11.98 -5.31 -26.77
N PRO A 107 -12.67 -6.14 -26.00
CA PRO A 107 -14.13 -6.17 -26.05
C PRO A 107 -14.74 -5.00 -25.30
N MET A 108 -16.03 -4.78 -25.56
CA MET A 108 -16.75 -3.68 -24.92
C MET A 108 -17.21 -4.06 -23.52
N MET A 109 -17.64 -5.31 -23.36
CA MET A 109 -18.14 -5.85 -22.12
C MET A 109 -17.24 -6.99 -21.66
N PRO A 110 -17.25 -7.33 -20.37
CA PRO A 110 -16.47 -8.49 -19.93
C PRO A 110 -16.90 -9.75 -20.65
N VAL A 111 -15.96 -10.65 -20.85
CA VAL A 111 -16.22 -11.90 -21.55
C VAL A 111 -16.42 -13.01 -20.53
N GLU A 112 -17.25 -13.99 -20.88
CA GLU A 112 -17.59 -15.09 -19.99
C GLU A 112 -17.50 -16.42 -20.73
N ASN A 113 -17.45 -17.49 -19.93
CA ASN A 113 -17.19 -18.88 -20.31
C ASN A 113 -16.31 -18.98 -21.56
N ILE A 114 -16.73 -19.68 -22.61
CA ILE A 114 -15.72 -20.06 -23.60
C ILE A 114 -15.22 -18.88 -24.42
N GLU A 115 -15.92 -17.73 -24.43
CA GLU A 115 -15.35 -16.57 -25.10
C GLU A 115 -14.05 -16.12 -24.45
N ILE A 116 -13.83 -16.47 -23.19
CA ILE A 116 -12.58 -16.13 -22.51
C ILE A 116 -11.39 -16.70 -23.26
N ARG A 117 -11.55 -17.86 -23.90
CA ARG A 117 -10.40 -18.54 -24.47
C ARG A 117 -9.70 -17.71 -25.53
N GLN A 118 -10.45 -16.87 -26.26
CA GLN A 118 -9.87 -15.99 -27.27
C GLN A 118 -8.92 -14.96 -26.69
N TYR A 119 -8.91 -14.77 -25.37
CA TYR A 119 -8.13 -13.71 -24.73
C TYR A 119 -7.03 -14.22 -23.81
N ILE A 120 -6.79 -15.52 -23.73
CA ILE A 120 -5.77 -16.05 -22.82
C ILE A 120 -4.61 -16.60 -23.64
N SER A 121 -3.43 -16.03 -23.42
CA SER A 121 -2.21 -16.53 -24.06
C SER A 121 -1.95 -17.98 -23.66
N ARG A 122 -1.37 -18.75 -24.57
CA ARG A 122 -0.97 -20.13 -24.29
C ARG A 122 0.53 -20.20 -24.12
N CYS A 123 1.00 -21.33 -23.59
CA CYS A 123 2.42 -21.46 -23.30
C CYS A 123 2.86 -22.91 -23.42
N VAL A 124 4.18 -23.09 -23.52
CA VAL A 124 4.78 -24.41 -23.51
C VAL A 124 6.02 -24.37 -22.63
N VAL A 125 6.29 -25.48 -21.95
CA VAL A 125 7.48 -25.65 -21.12
C VAL A 125 8.38 -26.66 -21.80
N CYS A 126 9.65 -26.29 -22.00
CA CYS A 126 10.60 -27.09 -22.76
C CYS A 126 11.90 -27.26 -21.98
N GLU A 127 12.53 -28.42 -22.17
CA GLU A 127 13.82 -28.71 -21.57
C GLU A 127 14.92 -28.31 -22.55
N ALA A 128 15.75 -27.32 -22.17
CA ALA A 128 16.84 -26.83 -22.98
C ALA A 128 18.15 -27.51 -22.59
N PRO A 129 19.07 -27.71 -23.53
CA PRO A 129 20.35 -28.37 -23.19
C PRO A 129 21.29 -27.50 -22.36
N ALA A 130 21.05 -26.20 -22.26
CA ALA A 130 21.96 -25.31 -21.53
C ALA A 130 21.18 -24.10 -21.03
N ASN A 131 21.88 -23.23 -20.30
CA ASN A 131 21.22 -22.07 -19.70
C ASN A 131 20.65 -21.15 -20.77
N VAL A 132 19.59 -20.42 -20.40
CA VAL A 132 18.91 -19.49 -21.31
C VAL A 132 18.72 -18.15 -20.59
N ILE A 133 19.07 -17.06 -21.26
CA ILE A 133 18.94 -15.72 -20.68
C ILE A 133 18.30 -14.79 -21.69
N ALA A 134 17.83 -13.65 -21.19
CA ALA A 134 17.47 -12.50 -22.02
C ALA A 134 18.59 -11.47 -21.95
N VAL A 135 18.87 -10.82 -23.07
CA VAL A 135 19.76 -9.66 -23.13
C VAL A 135 18.98 -8.49 -23.70
N HIS A 136 19.27 -7.28 -23.23
CA HIS A 136 18.50 -6.08 -23.56
C HIS A 136 19.43 -5.00 -24.07
N SER A 137 19.11 -4.42 -25.23
CA SER A 137 19.97 -3.39 -25.80
C SER A 137 19.72 -2.02 -25.20
N GLN A 138 18.52 -1.78 -24.68
CA GLN A 138 18.05 -0.46 -24.28
C GLN A 138 18.06 0.52 -25.46
N THR A 139 18.00 0.00 -26.67
CA THR A 139 17.92 0.84 -27.86
C THR A 139 17.04 0.15 -28.90
N ILE A 140 16.92 0.79 -30.04
CA ILE A 140 16.22 0.22 -31.17
C ILE A 140 16.96 -0.98 -31.74
N GLU A 141 18.25 -1.14 -31.44
CA GLU A 141 19.01 -2.26 -31.98
C GLU A 141 18.60 -3.55 -31.29
N VAL A 142 18.54 -4.64 -32.06
CA VAL A 142 18.34 -5.96 -31.49
C VAL A 142 19.69 -6.39 -30.91
N PRO A 143 19.78 -6.70 -29.63
CA PRO A 143 21.09 -7.04 -29.05
C PRO A 143 21.57 -8.39 -29.53
N ASP A 144 22.88 -8.52 -29.66
CA ASP A 144 23.47 -9.78 -30.06
C ASP A 144 23.60 -10.70 -28.85
N CYS A 145 23.62 -12.02 -29.11
CA CYS A 145 23.90 -12.95 -28.03
C CYS A 145 25.41 -12.99 -27.77
N PRO A 146 25.82 -13.23 -26.53
CA PRO A 146 27.25 -13.34 -26.24
C PRO A 146 27.92 -14.48 -27.00
N ASN A 147 29.25 -14.38 -27.13
CA ASN A 147 30.05 -15.42 -27.74
C ASN A 147 29.76 -16.76 -27.10
N GLY A 148 29.48 -17.76 -27.94
CA GLY A 148 29.13 -19.08 -27.44
C GLY A 148 27.66 -19.26 -27.12
N TRP A 149 26.83 -18.26 -27.42
CA TRP A 149 25.39 -18.32 -27.24
C TRP A 149 24.71 -18.12 -28.58
N GLU A 150 23.49 -18.66 -28.73
CA GLU A 150 22.72 -18.52 -29.94
C GLU A 150 21.30 -18.08 -29.61
N GLY A 151 20.70 -17.35 -30.55
CA GLY A 151 19.40 -16.75 -30.30
C GLY A 151 18.26 -17.74 -30.47
N LEU A 152 17.29 -17.66 -29.54
CA LEU A 152 16.05 -18.43 -29.65
C LEU A 152 14.90 -17.59 -30.19
N TRP A 153 14.74 -16.36 -29.68
CA TRP A 153 13.76 -15.44 -30.25
C TRP A 153 14.18 -14.02 -29.91
N ILE A 154 13.59 -13.05 -30.61
CA ILE A 154 13.79 -11.63 -30.32
C ILE A 154 12.47 -11.02 -29.90
N GLY A 155 12.55 -9.87 -29.24
CA GLY A 155 11.35 -9.27 -28.73
C GLY A 155 11.53 -7.88 -28.17
N TYR A 156 10.65 -7.50 -27.25
CA TYR A 156 10.60 -6.17 -26.66
C TYR A 156 10.77 -6.28 -25.15
N SER A 157 11.45 -5.31 -24.55
CA SER A 157 11.85 -5.37 -23.14
C SER A 157 10.66 -5.02 -22.23
N PHE A 158 10.02 -6.05 -21.69
CA PHE A 158 8.82 -5.90 -20.86
C PHE A 158 9.25 -5.83 -19.39
N LEU A 159 9.00 -4.69 -18.74
CA LEU A 159 9.59 -4.45 -17.42
C LEU A 159 8.59 -4.61 -16.28
N MET A 160 7.46 -3.91 -16.33
CA MET A 160 6.50 -3.92 -15.22
C MET A 160 5.08 -3.81 -15.74
N HIS A 161 4.12 -4.06 -14.83
CA HIS A 161 2.70 -3.92 -15.12
C HIS A 161 1.97 -3.51 -13.85
N THR A 162 0.90 -2.72 -14.01
CA THR A 162 -0.03 -2.53 -12.91
C THR A 162 -1.46 -2.68 -13.44
N ALA A 163 -2.31 -3.37 -12.67
CA ALA A 163 -3.71 -3.48 -13.05
C ALA A 163 -4.48 -2.26 -12.60
N VAL A 164 -4.24 -1.84 -11.37
CA VAL A 164 -4.90 -0.66 -10.80
C VAL A 164 -4.07 -0.23 -9.59
N GLY A 165 -3.99 1.08 -9.38
CA GLY A 165 -3.22 1.55 -8.23
C GLY A 165 -1.78 1.13 -8.36
N ASN A 166 -1.19 0.64 -7.26
CA ASN A 166 0.15 0.07 -7.34
C ASN A 166 0.13 -1.46 -7.27
N GLY A 167 -1.02 -2.08 -7.57
CA GLY A 167 -1.08 -3.54 -7.64
C GLY A 167 -0.58 -4.01 -8.99
N GLY A 168 0.36 -4.96 -8.97
CA GLY A 168 0.99 -5.33 -10.23
C GLY A 168 2.23 -6.15 -9.96
N GLY A 169 3.28 -5.92 -10.73
CA GLY A 169 4.51 -6.68 -10.59
C GLY A 169 5.47 -6.34 -11.72
N GLY A 170 6.49 -7.16 -11.87
CA GLY A 170 7.47 -6.87 -12.92
C GLY A 170 8.35 -8.08 -13.15
N GLN A 171 9.08 -8.05 -14.26
CA GLN A 171 9.91 -9.17 -14.68
C GLN A 171 11.37 -8.97 -14.29
N ALA A 172 12.08 -10.08 -14.13
CA ALA A 172 13.53 -10.05 -14.00
C ALA A 172 14.14 -9.86 -15.37
N LEU A 173 15.02 -8.87 -15.53
CA LEU A 173 15.53 -8.62 -16.88
C LEU A 173 16.48 -9.71 -17.37
N GLN A 174 17.00 -10.59 -16.49
CA GLN A 174 17.70 -11.79 -16.98
C GLN A 174 16.73 -12.81 -17.55
N SER A 175 15.48 -12.79 -17.10
CA SER A 175 14.56 -13.86 -17.46
C SER A 175 14.06 -13.71 -18.90
N PRO A 176 13.90 -14.81 -19.63
CA PRO A 176 13.17 -14.74 -20.91
C PRO A 176 11.79 -14.08 -20.80
N GLY A 177 11.19 -14.10 -19.60
CA GLY A 177 9.90 -13.46 -19.38
C GLY A 177 9.89 -11.95 -19.55
N SER A 178 11.06 -11.32 -19.53
CA SER A 178 11.16 -9.89 -19.80
C SER A 178 11.29 -9.57 -21.28
N CYS A 179 11.20 -10.58 -22.13
CA CYS A 179 11.40 -10.41 -23.58
C CYS A 179 10.20 -11.02 -24.28
N LEU A 180 9.18 -10.20 -24.52
CA LEU A 180 7.96 -10.66 -25.19
C LEU A 180 8.09 -10.45 -26.69
N GLU A 181 7.71 -11.46 -27.47
CA GLU A 181 7.87 -11.34 -28.92
C GLU A 181 6.99 -10.27 -29.52
N ASP A 182 5.84 -9.99 -28.92
CA ASP A 182 4.86 -9.06 -29.47
CA ASP A 182 4.86 -9.06 -29.47
C ASP A 182 4.71 -7.87 -28.52
N PHE A 183 4.94 -6.67 -29.04
CA PHE A 183 4.73 -5.48 -28.22
C PHE A 183 3.23 -5.21 -28.16
N ARG A 184 2.67 -5.15 -26.94
CA ARG A 184 1.27 -4.83 -26.74
CA ARG A 184 1.27 -4.83 -26.74
C ARG A 184 1.17 -3.86 -25.58
N ALA A 185 0.46 -2.75 -25.78
CA ALA A 185 0.30 -1.76 -24.71
C ALA A 185 -0.43 -2.35 -23.51
N THR A 186 -1.35 -3.29 -23.75
CA THR A 186 -2.12 -3.94 -22.70
C THR A 186 -1.89 -5.44 -22.86
N PRO A 187 -0.78 -5.96 -22.34
CA PRO A 187 -0.40 -7.34 -22.66
C PRO A 187 -0.99 -8.39 -21.75
N PHE A 188 -1.88 -8.01 -20.83
CA PHE A 188 -2.51 -8.95 -19.92
C PHE A 188 -3.98 -8.59 -19.73
N ILE A 189 -4.75 -9.56 -19.23
CA ILE A 189 -6.18 -9.40 -19.02
C ILE A 189 -6.49 -9.72 -17.56
N GLU A 190 -7.57 -9.12 -17.03
CA GLU A 190 -7.93 -9.25 -15.62
C GLU A 190 -9.20 -10.07 -15.48
N CYS A 191 -9.13 -11.14 -14.69
CA CYS A 191 -10.29 -11.99 -14.46
C CYS A 191 -10.82 -11.81 -13.05
N ASN A 192 -12.12 -11.52 -12.94
CA ASN A 192 -12.82 -11.49 -11.67
C ASN A 192 -13.07 -12.92 -11.26
N GLY A 193 -12.39 -13.38 -10.22
CA GLY A 193 -12.36 -14.79 -9.89
C GLY A 193 -13.74 -15.42 -9.75
N ALA A 194 -14.54 -14.91 -8.83
CA ALA A 194 -15.82 -15.52 -8.52
C ALA A 194 -16.90 -15.18 -9.52
N LYS A 195 -16.77 -14.09 -10.27
CA LYS A 195 -17.74 -13.82 -11.31
C LYS A 195 -17.47 -14.63 -12.56
N GLY A 196 -16.24 -15.13 -12.73
CA GLY A 196 -15.91 -15.92 -13.89
C GLY A 196 -15.83 -15.14 -15.19
N THR A 197 -15.64 -13.82 -15.12
CA THR A 197 -15.49 -13.01 -16.32
C THR A 197 -14.11 -12.38 -16.37
N CYS A 198 -13.68 -12.00 -17.56
CA CYS A 198 -12.40 -11.33 -17.74
C CYS A 198 -12.62 -10.09 -18.58
N HIS A 199 -11.79 -9.07 -18.35
CA HIS A 199 -12.00 -7.79 -19.03
C HIS A 199 -10.71 -6.99 -19.01
N PHE A 200 -10.71 -5.93 -19.81
CA PHE A 200 -9.67 -4.92 -19.83
C PHE A 200 -10.22 -3.63 -19.21
N TYR A 201 -9.39 -2.97 -18.41
CA TYR A 201 -9.77 -1.75 -17.71
C TYR A 201 -8.80 -0.63 -18.08
N GLU A 202 -9.33 0.60 -18.13
CA GLU A 202 -8.49 1.72 -18.54
C GLU A 202 -7.30 1.95 -17.62
N THR A 203 -7.36 1.51 -16.37
CA THR A 203 -6.20 1.72 -15.49
C THR A 203 -5.05 0.76 -15.78
N MET A 204 -5.27 -0.30 -16.56
CA MET A 204 -4.19 -1.25 -16.82
C MET A 204 -3.05 -0.60 -17.58
N THR A 205 -1.84 -0.70 -17.03
CA THR A 205 -0.65 0.00 -17.54
C THR A 205 0.47 -1.00 -17.73
N SER A 206 1.22 -0.87 -18.83
CA SER A 206 2.44 -1.65 -19.01
C SER A 206 3.63 -0.71 -19.01
N PHE A 207 4.79 -1.22 -18.59
CA PHE A 207 6.01 -0.42 -18.57
C PHE A 207 7.08 -1.19 -19.32
N TRP A 208 7.72 -0.53 -20.28
CA TRP A 208 8.71 -1.15 -21.16
C TRP A 208 10.00 -0.36 -21.08
N MET A 209 11.14 -1.05 -21.17
CA MET A 209 12.40 -0.32 -21.22
C MET A 209 12.42 0.54 -22.47
N TYR A 210 12.99 1.73 -22.34
CA TYR A 210 12.95 2.76 -23.37
C TYR A 210 14.19 2.71 -24.25
N ASN A 211 14.02 3.16 -25.49
CA ASN A 211 15.11 3.26 -26.47
C ASN A 211 15.91 4.53 -26.17
N LEU A 212 17.11 4.37 -25.60
CA LEU A 212 17.98 5.46 -25.19
C LEU A 212 18.95 5.93 -26.27
N GLU A 213 18.74 5.53 -27.52
CA GLU A 213 19.68 5.85 -28.60
C GLU A 213 20.05 7.32 -28.62
N SER A 214 21.36 7.60 -28.65
CA SER A 214 21.93 8.94 -28.79
C SER A 214 21.61 9.89 -27.64
N SER A 215 20.94 9.39 -26.60
CA SER A 215 20.64 10.26 -25.47
C SER A 215 21.95 10.68 -24.80
N GLN A 216 21.93 11.85 -24.20
CA GLN A 216 23.15 12.37 -23.57
C GLN A 216 23.35 11.66 -22.24
N PRO A 217 24.42 10.88 -22.08
CA PRO A 217 24.59 10.12 -20.84
C PRO A 217 24.64 11.06 -19.63
N PHE A 218 23.86 10.69 -18.60
CA PHE A 218 23.74 11.35 -17.31
C PHE A 218 22.97 12.66 -17.35
N GLU A 219 22.51 13.10 -18.52
CA GLU A 219 21.69 14.30 -18.56
C GLU A 219 20.21 13.96 -18.36
N ARG A 220 19.40 15.01 -18.28
CA ARG A 220 17.99 14.84 -17.96
C ARG A 220 17.29 14.05 -19.06
N PRO A 221 16.50 13.03 -18.73
CA PRO A 221 15.68 12.36 -19.76
C PRO A 221 14.86 13.36 -20.56
N GLN A 222 14.82 13.17 -21.87
CA GLN A 222 14.05 14.04 -22.76
C GLN A 222 12.63 13.49 -22.85
N GLN A 223 11.70 14.15 -22.15
CA GLN A 223 10.33 13.63 -22.05
C GLN A 223 9.66 13.60 -23.42
N GLN A 224 8.79 12.60 -23.61
CA GLN A 224 8.13 12.35 -24.88
C GLN A 224 6.74 11.78 -24.63
N THR A 225 5.77 12.20 -25.45
CA THR A 225 4.50 11.48 -25.59
C THR A 225 4.45 10.92 -27.00
N ILE A 226 4.17 9.62 -27.11
CA ILE A 226 4.29 8.86 -28.37
C ILE A 226 2.99 8.11 -28.61
N LYS A 227 2.55 8.04 -29.87
CA LYS A 227 1.20 7.54 -30.15
C LYS A 227 1.18 6.54 -31.30
N ALA A 228 0.29 5.56 -31.20
CA ALA A 228 0.01 4.62 -32.29
C ALA A 228 1.27 3.97 -32.86
N GLY A 229 1.50 4.18 -34.15
CA GLY A 229 2.56 3.47 -34.85
C GLY A 229 3.97 3.88 -34.52
N GLU A 230 4.18 5.00 -33.84
CA GLU A 230 5.56 5.38 -33.52
C GLU A 230 6.03 4.78 -32.21
N ARG A 231 5.16 4.08 -31.49
CA ARG A 231 5.52 3.56 -30.17
C ARG A 231 6.66 2.54 -30.27
N GLN A 232 6.61 1.65 -31.26
CA GLN A 232 7.53 0.53 -31.29
C GLN A 232 8.98 0.97 -31.44
N SER A 233 9.23 2.04 -32.21
CA SER A 233 10.58 2.55 -32.38
C SER A 233 11.16 3.16 -31.10
N HIS A 234 10.35 3.28 -30.05
CA HIS A 234 10.79 3.83 -28.78
C HIS A 234 11.00 2.76 -27.71
N VAL A 235 10.82 1.49 -28.05
CA VAL A 235 10.90 0.38 -27.10
C VAL A 235 12.27 -0.29 -27.24
N SER A 236 12.91 -0.54 -26.09
CA SER A 236 14.13 -1.33 -26.04
C SER A 236 13.87 -2.72 -26.61
N ARG A 237 14.83 -3.25 -27.35
CA ARG A 237 14.71 -4.58 -27.91
C ARG A 237 15.53 -5.58 -27.09
N CYS A 238 15.19 -6.86 -27.24
CA CYS A 238 15.87 -7.90 -26.49
C CYS A 238 16.00 -9.14 -27.36
N GLN A 239 16.89 -10.04 -26.95
CA GLN A 239 16.98 -11.35 -27.56
C GLN A 239 17.13 -12.37 -26.45
N VAL A 240 16.45 -13.50 -26.61
CA VAL A 240 16.58 -14.63 -25.68
C VAL A 240 17.60 -15.58 -26.26
N CYS A 241 18.63 -15.91 -25.49
CA CYS A 241 19.82 -16.60 -25.96
C CYS A 241 20.06 -17.87 -25.16
N MET A 242 20.52 -18.93 -25.83
CA MET A 242 20.85 -20.18 -25.16
C MET A 242 22.33 -20.46 -25.35
N LYS A 243 22.97 -20.93 -24.28
CA LYS A 243 24.39 -21.28 -24.36
C LYS A 243 24.59 -22.47 -25.28
N ASN A 244 25.64 -22.43 -26.09
CA ASN A 244 26.06 -23.59 -26.88
C ASN A 244 26.85 -24.57 -26.02
N SER A 257 30.21 -26.45 -21.42
CA SER A 257 29.68 -25.46 -20.49
C SER A 257 28.17 -25.24 -20.68
N ARG A 258 27.44 -25.24 -19.57
CA ARG A 258 26.03 -24.93 -19.60
C ARG A 258 25.75 -23.43 -19.47
N GLY A 259 26.78 -22.61 -19.30
CA GLY A 259 26.64 -21.17 -19.40
C GLY A 259 25.85 -20.48 -18.32
N PHE A 260 26.09 -20.82 -17.06
CA PHE A 260 25.46 -20.10 -15.98
C PHE A 260 26.08 -18.70 -15.88
N ILE A 261 25.27 -17.69 -15.52
CA ILE A 261 25.81 -16.35 -15.46
C ILE A 261 25.48 -15.74 -14.10
N PHE A 262 26.18 -14.64 -13.80
CA PHE A 262 25.94 -13.89 -12.58
C PHE A 262 26.52 -12.49 -12.75
N ALA A 263 26.05 -11.58 -11.90
CA ALA A 263 26.56 -10.22 -11.87
C ALA A 263 27.48 -10.02 -10.67
N ARG A 264 28.43 -9.11 -10.81
CA ARG A 264 29.27 -8.68 -9.70
C ARG A 264 29.31 -7.16 -9.71
N HIS A 265 29.22 -6.56 -8.53
CA HIS A 265 29.10 -5.11 -8.41
C HIS A 265 30.28 -4.54 -7.66
N SER A 266 30.87 -3.47 -8.19
CA SER A 266 32.00 -2.84 -7.54
C SER A 266 31.60 -1.92 -6.40
N GLN A 267 30.38 -1.38 -6.41
CA GLN A 267 29.97 -0.34 -5.45
C GLN A 267 30.92 0.84 -5.49
N SER A 268 31.50 1.10 -6.66
CA SER A 268 32.43 2.22 -6.88
C SER A 268 32.33 2.62 -8.34
N VAL A 269 33.09 3.66 -8.71
CA VAL A 269 33.10 4.11 -10.10
C VAL A 269 33.96 3.22 -10.99
N HIS A 270 34.67 2.26 -10.42
CA HIS A 270 35.55 1.39 -11.19
C HIS A 270 34.80 0.13 -11.57
N VAL A 271 35.01 -0.33 -12.79
CA VAL A 271 34.34 -1.56 -13.21
C VAL A 271 35.00 -2.73 -12.48
N PRO A 272 34.22 -3.65 -11.90
CA PRO A 272 34.84 -4.80 -11.23
C PRO A 272 35.40 -5.80 -12.22
N GLN A 273 35.98 -6.89 -11.71
CA GLN A 273 36.56 -7.93 -12.54
C GLN A 273 35.84 -9.24 -12.30
N CYS A 274 35.70 -10.03 -13.36
CA CYS A 274 35.11 -11.36 -13.19
C CYS A 274 36.07 -12.22 -12.40
N PRO A 275 35.58 -13.04 -11.46
CA PRO A 275 36.47 -13.88 -10.66
C PRO A 275 37.13 -14.95 -11.50
N ALA A 276 38.16 -15.55 -10.91
CA ALA A 276 38.89 -16.61 -11.59
C ALA A 276 37.94 -17.72 -12.04
N ASN A 277 38.24 -18.29 -13.21
CA ASN A 277 37.45 -19.36 -13.82
C ASN A 277 36.07 -18.90 -14.29
N THR A 278 35.89 -17.59 -14.52
CA THR A 278 34.68 -17.06 -15.12
C THR A 278 35.08 -16.05 -16.20
N ASN A 279 34.19 -15.85 -17.19
CA ASN A 279 34.52 -15.04 -18.36
CA ASN A 279 34.50 -15.05 -18.38
C ASN A 279 33.57 -13.86 -18.49
N LEU A 280 34.14 -12.70 -18.85
CA LEU A 280 33.38 -11.47 -18.95
C LEU A 280 32.44 -11.48 -20.14
N LEU A 281 31.15 -11.22 -19.90
CA LEU A 281 30.18 -11.06 -20.97
C LEU A 281 29.93 -9.58 -21.31
N TRP A 282 29.62 -8.75 -20.31
CA TRP A 282 29.56 -7.31 -20.53
C TRP A 282 29.74 -6.58 -19.21
N GLU A 283 30.02 -5.27 -19.32
CA GLU A 283 30.12 -4.34 -18.21
C GLU A 283 28.93 -3.39 -18.24
N GLY A 284 28.62 -2.78 -17.10
CA GLY A 284 27.50 -1.87 -17.06
C GLY A 284 27.40 -1.11 -15.76
N TYR A 285 26.17 -0.68 -15.48
CA TYR A 285 25.80 0.10 -14.29
C TYR A 285 24.81 -0.68 -13.43
N SER A 286 24.93 -0.54 -12.11
CA SER A 286 24.25 -1.43 -11.16
C SER A 286 22.82 -1.00 -10.92
N LEU A 287 21.87 -1.70 -11.55
CA LEU A 287 20.45 -1.40 -11.41
C LEU A 287 19.87 -2.21 -10.25
N SER A 288 19.35 -1.50 -9.24
CA SER A 288 18.72 -2.12 -8.08
CA SER A 288 18.74 -2.17 -8.10
C SER A 288 17.24 -2.42 -8.29
N GLY A 289 16.55 -1.58 -9.06
CA GLY A 289 15.13 -1.77 -9.24
C GLY A 289 14.52 -0.54 -9.86
N ASN A 290 13.19 -0.58 -9.96
CA ASN A 290 12.42 0.49 -10.58
C ASN A 290 11.16 0.71 -9.73
N VAL A 291 10.70 1.95 -9.65
CA VAL A 291 9.49 2.25 -8.89
C VAL A 291 8.53 2.94 -9.84
N ALA A 292 7.58 2.18 -10.39
CA ALA A 292 6.63 2.70 -11.36
C ALA A 292 5.24 2.61 -10.76
N ALA A 293 4.46 3.70 -10.89
CA ALA A 293 3.13 3.73 -10.31
C ALA A 293 3.13 3.32 -8.84
N SER A 294 4.13 3.79 -8.09
CA SER A 294 4.24 3.59 -6.65
C SER A 294 4.44 2.13 -6.25
N ARG A 295 4.97 1.30 -7.14
CA ARG A 295 5.35 -0.06 -6.79
C ARG A 295 6.82 -0.28 -7.11
N ALA A 296 7.62 -0.58 -6.09
CA ALA A 296 9.03 -0.91 -6.31
C ALA A 296 9.16 -2.39 -6.69
N VAL A 297 9.83 -2.65 -7.81
CA VAL A 297 10.15 -4.01 -8.25
C VAL A 297 11.65 -4.09 -8.41
N GLY A 298 12.28 -4.97 -7.66
CA GLY A 298 13.73 -5.06 -7.71
C GLY A 298 14.25 -5.97 -8.80
N GLN A 299 15.52 -5.77 -9.13
CA GLN A 299 16.32 -6.71 -9.92
C GLN A 299 17.28 -7.38 -8.96
N ASP A 300 17.23 -8.70 -8.89
CA ASP A 300 18.14 -9.40 -8.01
C ASP A 300 19.58 -9.09 -8.41
N LEU A 301 20.37 -8.65 -7.43
CA LEU A 301 21.73 -8.16 -7.73
C LEU A 301 22.68 -9.28 -8.14
N GLY A 302 22.27 -10.53 -8.04
CA GLY A 302 23.06 -11.61 -8.58
C GLY A 302 22.83 -11.89 -10.06
N GLN A 303 21.76 -11.33 -10.64
CA GLN A 303 21.33 -11.63 -12.00
C GLN A 303 21.77 -10.55 -12.97
N SER A 304 21.79 -10.89 -14.26
CA SER A 304 22.23 -9.92 -15.26
C SER A 304 21.27 -8.75 -15.40
N GLY A 305 20.02 -8.89 -14.96
CA GLY A 305 19.10 -7.78 -14.98
C GLY A 305 19.51 -6.63 -14.08
N SER A 306 20.45 -6.87 -13.16
CA SER A 306 20.98 -5.81 -12.31
C SER A 306 22.18 -5.11 -12.93
N CYS A 307 22.54 -5.44 -14.17
CA CYS A 307 23.70 -4.84 -14.82
C CYS A 307 23.29 -4.28 -16.18
N MET A 308 22.94 -3.00 -16.20
CA MET A 308 22.43 -2.35 -17.40
C MET A 308 23.60 -1.76 -18.17
N MET A 309 23.62 -1.98 -19.48
CA MET A 309 24.73 -1.42 -20.26
C MET A 309 24.67 0.11 -20.29
N ARG A 310 23.49 0.70 -20.15
CA ARG A 310 23.30 2.13 -20.28
C ARG A 310 22.64 2.68 -19.02
N PHE A 311 23.27 3.69 -18.40
CA PHE A 311 22.64 4.34 -17.26
C PHE A 311 21.65 5.40 -17.70
N THR A 312 20.54 5.51 -16.98
CA THR A 312 19.65 6.66 -17.08
C THR A 312 18.80 6.73 -15.83
N THR A 313 18.38 7.95 -15.48
CA THR A 313 17.49 8.08 -14.32
C THR A 313 16.10 7.56 -14.61
N MET A 314 15.73 7.37 -15.88
CA MET A 314 14.41 6.85 -16.23
C MET A 314 14.59 5.83 -17.35
N PRO A 315 14.77 4.55 -17.00
CA PRO A 315 15.03 3.52 -18.02
C PRO A 315 13.82 3.06 -18.81
N TYR A 316 12.61 3.49 -18.46
CA TYR A 316 11.40 2.90 -19.03
C TYR A 316 10.35 3.97 -19.30
N MET A 317 9.34 3.59 -20.06
CA MET A 317 8.17 4.42 -20.33
C MET A 317 6.92 3.63 -19.97
N LEU A 318 5.81 4.35 -19.82
CA LEU A 318 4.52 3.74 -19.54
C LEU A 318 3.67 3.78 -20.81
N CYS A 319 2.86 2.73 -21.00
CA CYS A 319 2.01 2.63 -22.18
C CYS A 319 0.59 2.31 -21.71
N ASP A 320 -0.39 3.03 -22.27
CA ASP A 320 -1.77 2.92 -21.83
C ASP A 320 -2.62 2.25 -22.90
N ILE A 321 -3.88 2.02 -22.53
CA ILE A 321 -4.79 1.21 -23.35
C ILE A 321 -5.27 1.92 -24.59
N THR A 322 -5.07 3.24 -24.68
CA THR A 322 -5.44 4.01 -25.87
C THR A 322 -4.29 4.14 -26.85
N ASN A 323 -3.24 3.35 -26.69
CA ASN A 323 -2.09 3.33 -27.60
C ASN A 323 -1.32 4.65 -27.55
N VAL A 324 -1.23 5.22 -26.36
CA VAL A 324 -0.33 6.34 -26.07
C VAL A 324 0.70 5.83 -25.07
N CYS A 325 1.97 6.19 -25.28
CA CYS A 325 3.01 5.95 -24.29
C CYS A 325 3.60 7.29 -23.86
N HIS A 326 3.97 7.38 -22.58
CA HIS A 326 4.58 8.56 -21.99
C HIS A 326 5.95 8.19 -21.42
N PHE A 327 6.98 8.94 -21.82
CA PHE A 327 8.32 8.75 -21.30
C PHE A 327 8.69 9.98 -20.45
N ALA A 328 8.91 9.75 -19.14
CA ALA A 328 9.36 10.79 -18.23
C ALA A 328 8.41 11.99 -18.18
N GLN A 329 7.13 11.76 -18.44
CA GLN A 329 6.13 12.82 -18.31
C GLN A 329 5.54 12.91 -16.91
N ASN A 330 5.39 11.79 -16.22
CA ASN A 330 4.85 11.80 -14.87
C ASN A 330 5.98 11.43 -13.90
N ASN A 331 5.63 10.93 -12.71
CA ASN A 331 6.56 10.95 -11.58
C ASN A 331 6.96 9.54 -11.15
N ASP A 332 7.89 8.92 -11.88
CA ASP A 332 8.37 7.58 -11.55
C ASP A 332 9.87 7.60 -11.28
N ASP A 333 10.40 6.47 -10.80
CA ASP A 333 11.76 6.40 -10.28
C ASP A 333 12.52 5.18 -10.77
N SER A 334 13.84 5.26 -10.66
CA SER A 334 14.70 4.08 -10.75
C SER A 334 15.61 4.06 -9.53
N LEU A 335 16.14 2.88 -9.22
CA LEU A 335 17.01 2.67 -8.06
C LEU A 335 18.30 2.04 -8.53
N TRP A 336 19.44 2.60 -8.10
CA TRP A 336 20.74 2.12 -8.55
C TRP A 336 21.61 1.86 -7.34
N LEU A 337 22.38 0.78 -7.36
CA LEU A 337 23.41 0.59 -6.34
CA LEU A 337 23.39 0.60 -6.32
C LEU A 337 24.41 1.72 -6.45
N SER A 338 24.86 2.22 -5.30
CA SER A 338 25.67 3.45 -5.33
C SER A 338 27.09 3.23 -4.84
N THR A 339 27.92 4.25 -5.07
CA THR A 339 29.29 4.29 -4.61
C THR A 339 29.36 4.85 -3.19
N ALA A 340 30.59 4.95 -2.66
CA ALA A 340 30.81 5.56 -1.36
C ALA A 340 30.98 7.07 -1.43
N GLU A 341 30.68 7.68 -2.57
CA GLU A 341 30.80 9.12 -2.71
C GLU A 341 29.84 9.83 -1.76
N PRO A 342 30.31 10.80 -0.97
CA PRO A 342 29.41 11.49 -0.05
C PRO A 342 28.46 12.42 -0.79
N MET A 343 27.28 12.60 -0.22
CA MET A 343 26.41 13.69 -0.66
C MET A 343 27.19 15.00 -0.55
N PRO A 344 26.93 15.95 -1.44
CA PRO A 344 27.49 17.29 -1.26
C PRO A 344 26.99 17.89 0.04
N MET A 345 27.78 18.83 0.58
CA MET A 345 27.43 19.45 1.85
C MET A 345 26.08 20.16 1.78
N THR A 346 25.69 20.65 0.61
CA THR A 346 24.38 21.28 0.46
C THR A 346 23.23 20.30 0.53
N MET A 347 23.50 19.00 0.38
CA MET A 347 22.51 17.93 0.36
C MET A 347 21.47 18.12 -0.74
N THR A 348 21.79 18.89 -1.77
CA THR A 348 20.94 19.04 -2.93
C THR A 348 21.03 17.80 -3.83
N PRO A 349 19.98 17.50 -4.60
CA PRO A 349 20.03 16.33 -5.49
C PRO A 349 21.14 16.46 -6.51
N ILE A 350 21.67 15.33 -6.93
CA ILE A 350 22.78 15.25 -7.89
CA ILE A 350 22.77 15.29 -7.89
C ILE A 350 22.20 15.20 -9.29
N GLN A 351 22.79 15.97 -10.22
CA GLN A 351 22.29 15.93 -11.59
C GLN A 351 23.46 16.12 -12.55
N GLY A 352 23.20 15.78 -13.81
CA GLY A 352 24.24 15.97 -14.80
C GLY A 352 25.36 14.94 -14.65
N ARG A 353 26.52 15.30 -15.21
CA ARG A 353 27.61 14.34 -15.22
C ARG A 353 28.18 14.07 -13.83
N ASP A 354 27.87 14.89 -12.84
CA ASP A 354 28.20 14.55 -11.45
C ASP A 354 27.64 13.19 -11.05
N LEU A 355 26.55 12.76 -11.69
CA LEU A 355 25.94 11.48 -11.33
C LEU A 355 26.92 10.32 -11.51
N MET A 356 27.88 10.47 -12.43
CA MET A 356 28.87 9.42 -12.66
C MET A 356 29.59 9.04 -11.38
N LYS A 357 29.77 9.98 -10.46
CA LYS A 357 30.49 9.69 -9.22
C LYS A 357 29.69 8.81 -8.28
N TYR A 358 28.38 8.66 -8.50
CA TYR A 358 27.50 8.05 -7.53
C TYR A 358 26.97 6.68 -7.92
N ILE A 359 27.09 6.26 -9.18
CA ILE A 359 26.45 5.03 -9.65
C ILE A 359 27.48 3.90 -9.67
N SER A 360 27.15 2.79 -9.00
CA SER A 360 28.03 1.62 -9.01
C SER A 360 28.13 1.01 -10.41
N ARG A 361 29.28 0.41 -10.69
CA ARG A 361 29.52 -0.33 -11.93
C ARG A 361 29.41 -1.83 -11.68
N CYS A 362 29.28 -2.58 -12.77
CA CYS A 362 29.09 -4.02 -12.64
C CYS A 362 29.64 -4.72 -13.88
N VAL A 363 29.79 -6.03 -13.75
CA VAL A 363 30.05 -6.90 -14.88
C VAL A 363 29.11 -8.09 -14.80
N VAL A 364 28.84 -8.69 -15.96
CA VAL A 364 28.14 -9.96 -16.05
C VAL A 364 29.15 -10.99 -16.51
N CYS A 365 29.25 -12.10 -15.77
CA CYS A 365 30.23 -13.13 -16.01
C CYS A 365 29.56 -14.47 -16.27
N GLU A 366 30.23 -15.32 -17.05
CA GLU A 366 29.75 -16.64 -17.37
C GLU A 366 30.64 -17.70 -16.72
N THR A 367 30.02 -18.77 -16.25
CA THR A 367 30.72 -19.85 -15.55
C THR A 367 30.14 -21.17 -16.02
N THR A 368 30.99 -22.22 -16.00
CA THR A 368 30.53 -23.55 -16.40
C THR A 368 29.60 -24.18 -15.37
N THR A 369 29.58 -23.68 -14.14
CA THR A 369 28.87 -24.30 -13.03
C THR A 369 28.05 -23.26 -12.29
N ARG A 370 27.18 -23.73 -11.40
CA ARG A 370 26.28 -22.84 -10.69
C ARG A 370 27.01 -22.06 -9.61
N ILE A 371 26.39 -20.95 -9.20
CA ILE A 371 26.88 -20.03 -8.19
C ILE A 371 25.89 -20.02 -7.03
N ILE A 372 26.40 -20.00 -5.80
CA ILE A 372 25.53 -19.87 -4.62
C ILE A 372 26.16 -18.89 -3.64
N ALA A 373 25.32 -18.37 -2.75
CA ALA A 373 25.79 -17.63 -1.58
C ALA A 373 25.42 -18.40 -0.32
N LEU A 374 26.31 -18.35 0.67
CA LEU A 374 26.09 -18.90 2.00
C LEU A 374 26.20 -17.77 3.03
N HIS A 375 25.35 -17.81 4.06
CA HIS A 375 25.34 -16.80 5.11
C HIS A 375 25.55 -17.46 6.46
N SER A 376 26.52 -16.94 7.23
CA SER A 376 26.86 -17.54 8.51
C SER A 376 25.96 -17.08 9.65
N GLN A 377 25.34 -15.91 9.52
CA GLN A 377 24.65 -15.26 10.66
C GLN A 377 25.58 -15.15 11.86
N SER A 378 26.86 -14.97 11.61
CA SER A 378 27.83 -14.82 12.67
C SER A 378 28.97 -13.97 12.16
N MET A 379 29.96 -13.75 13.03
CA MET A 379 31.16 -13.06 12.58
C MET A 379 32.07 -13.95 11.76
N SER A 380 31.83 -15.26 11.76
CA SER A 380 32.62 -16.18 10.95
C SER A 380 32.20 -16.06 9.49
N ILE A 381 33.19 -16.04 8.60
CA ILE A 381 32.90 -16.15 7.17
C ILE A 381 32.64 -17.62 6.84
N PRO A 382 31.50 -17.96 6.23
CA PRO A 382 31.24 -19.37 5.93
C PRO A 382 32.22 -19.92 4.92
N ASP A 383 32.54 -21.21 5.05
CA ASP A 383 33.36 -21.86 4.04
C ASP A 383 32.47 -22.36 2.90
N CYS A 384 33.05 -22.42 1.71
CA CYS A 384 32.34 -23.06 0.62
C CYS A 384 32.16 -24.55 0.91
N PRO A 385 31.04 -25.13 0.47
CA PRO A 385 30.86 -26.57 0.63
C PRO A 385 31.95 -27.35 -0.10
N GLY A 386 32.20 -28.57 0.38
CA GLY A 386 33.17 -29.42 -0.29
C GLY A 386 32.87 -29.57 -1.76
N GLY A 387 33.87 -29.30 -2.61
CA GLY A 387 33.71 -29.35 -4.03
C GLY A 387 33.46 -28.01 -4.70
N TRP A 388 33.38 -26.94 -3.92
CA TRP A 388 33.11 -25.59 -4.42
C TRP A 388 34.33 -24.72 -4.17
N GLU A 389 34.37 -23.56 -4.82
CA GLU A 389 35.48 -22.64 -4.63
C GLU A 389 34.97 -21.22 -4.40
N GLU A 390 35.68 -20.50 -3.54
CA GLU A 390 35.26 -19.16 -3.15
C GLU A 390 35.52 -18.16 -4.29
N MET A 391 34.49 -17.40 -4.65
CA MET A 391 34.64 -16.29 -5.59
C MET A 391 34.82 -14.96 -4.91
N TRP A 392 34.05 -14.67 -3.85
CA TRP A 392 34.31 -13.52 -3.01
C TRP A 392 33.60 -13.71 -1.67
N THR A 393 33.91 -12.83 -0.74
CA THR A 393 33.26 -12.80 0.56
C THR A 393 32.67 -11.42 0.78
N GLY A 394 31.75 -11.31 1.74
CA GLY A 394 31.12 -10.03 1.94
C GLY A 394 30.18 -10.00 3.11
N TYR A 395 29.13 -9.20 2.99
CA TYR A 395 28.17 -8.94 4.05
C TYR A 395 26.76 -9.24 3.58
N SER A 396 25.94 -9.79 4.49
CA SER A 396 24.64 -10.39 4.16
C SER A 396 23.60 -9.30 3.95
N TYR A 397 23.31 -8.97 2.69
CA TYR A 397 22.39 -7.90 2.33
C TYR A 397 21.02 -8.50 2.02
N PHE A 398 20.00 -8.06 2.76
CA PHE A 398 18.67 -8.67 2.66
C PHE A 398 17.68 -7.85 1.84
N MET A 399 17.50 -6.56 2.14
CA MET A 399 16.57 -5.77 1.33
C MET A 399 16.81 -4.28 1.55
N SER A 400 16.20 -3.47 0.69
CA SER A 400 16.06 -2.04 0.88
C SER A 400 14.58 -1.68 0.85
N THR A 401 14.15 -0.77 1.72
CA THR A 401 12.75 -0.35 1.75
C THR A 401 12.63 1.14 1.46
N LEU A 402 11.45 1.53 0.98
CA LEU A 402 11.17 2.91 0.61
C LEU A 402 9.79 3.29 1.15
N ASP A 403 9.44 4.58 1.14
CA ASP A 403 8.21 4.99 1.81
C ASP A 403 7.02 4.87 0.85
N ASN A 404 6.12 3.94 1.19
CA ASN A 404 4.81 3.77 0.59
C ASN A 404 4.86 3.17 -0.81
N VAL A 405 6.00 2.60 -1.18
CA VAL A 405 6.13 1.85 -2.43
C VAL A 405 6.67 0.45 -2.21
N GLY A 406 6.88 0.04 -0.96
CA GLY A 406 7.32 -1.31 -0.66
C GLY A 406 8.83 -1.37 -0.49
N GLY A 407 9.50 -2.16 -1.33
CA GLY A 407 10.94 -2.31 -1.20
C GLY A 407 11.43 -3.28 -2.25
N VAL A 408 12.74 -3.55 -2.22
CA VAL A 408 13.38 -4.48 -3.15
C VAL A 408 14.29 -5.38 -2.33
N GLY A 409 14.20 -6.70 -2.55
CA GLY A 409 14.91 -7.65 -1.71
C GLY A 409 15.72 -8.65 -2.52
N GLN A 410 16.63 -9.31 -1.81
CA GLN A 410 17.52 -10.30 -2.42
C GLN A 410 17.14 -11.71 -2.02
N ASN A 411 17.40 -12.65 -2.92
CA ASN A 411 17.33 -14.08 -2.63
C ASN A 411 18.60 -14.46 -1.87
N LEU A 412 18.45 -15.08 -0.69
CA LEU A 412 19.63 -15.32 0.12
C LEU A 412 20.55 -16.41 -0.44
N VAL A 413 20.15 -17.11 -1.52
CA VAL A 413 21.10 -18.00 -2.20
C VAL A 413 21.78 -17.29 -3.36
N SER A 414 21.31 -16.10 -3.74
CA SER A 414 21.87 -15.36 -4.86
C SER A 414 23.15 -14.64 -4.44
N PRO A 415 24.13 -14.50 -5.35
CA PRO A 415 25.29 -13.64 -5.05
C PRO A 415 24.90 -12.20 -4.74
N GLY A 416 23.73 -11.75 -5.20
CA GLY A 416 23.26 -10.41 -4.88
C GLY A 416 22.98 -10.16 -3.42
N SER A 417 22.83 -11.22 -2.62
CA SER A 417 22.67 -11.06 -1.18
C SER A 417 24.00 -10.97 -0.47
N CYS A 418 25.12 -10.96 -1.20
CA CYS A 418 26.44 -10.90 -0.58
C CYS A 418 27.20 -9.73 -1.21
N LEU A 419 27.05 -8.55 -0.62
CA LEU A 419 27.73 -7.35 -1.10
C LEU A 419 29.11 -7.25 -0.47
N GLU A 420 30.10 -6.92 -1.30
CA GLU A 420 31.47 -6.92 -0.82
C GLU A 420 31.79 -5.73 0.08
N GLU A 421 31.00 -4.65 -0.01
CA GLU A 421 31.19 -3.48 0.84
C GLU A 421 29.91 -3.26 1.65
N PHE A 422 30.05 -3.22 2.97
CA PHE A 422 28.91 -2.88 3.81
C PHE A 422 28.60 -1.39 3.70
N ARG A 423 27.32 -1.05 3.52
CA ARG A 423 26.88 0.33 3.35
C ARG A 423 25.55 0.52 4.07
N ALA A 424 25.46 1.53 4.92
CA ALA A 424 24.16 1.88 5.49
C ALA A 424 23.17 2.27 4.41
N GLN A 425 23.65 2.92 3.35
CA GLN A 425 22.81 3.41 2.26
C GLN A 425 23.39 2.88 0.96
N PRO A 426 23.10 1.62 0.60
CA PRO A 426 23.71 1.04 -0.60
C PRO A 426 23.03 1.41 -1.91
N VAL A 427 21.89 2.09 -1.86
CA VAL A 427 21.03 2.34 -3.02
C VAL A 427 20.68 3.82 -3.06
N ILE A 428 20.76 4.40 -4.25
CA ILE A 428 20.39 5.81 -4.48
C ILE A 428 19.15 5.84 -5.36
N GLU A 429 18.30 6.84 -5.14
CA GLU A 429 17.02 6.97 -5.84
C GLU A 429 17.10 8.05 -6.91
N CYS A 430 16.64 7.73 -8.12
CA CYS A 430 16.67 8.62 -9.28
C CYS A 430 15.28 8.81 -9.86
N HIS A 431 15.05 9.95 -10.52
CA HIS A 431 13.72 10.33 -10.99
C HIS A 431 13.71 10.59 -12.49
N GLY A 432 12.51 10.49 -13.07
CA GLY A 432 12.32 10.98 -14.42
C GLY A 432 12.85 12.38 -14.64
N HIS A 433 12.84 13.21 -13.58
CA HIS A 433 13.37 14.57 -13.68
C HIS A 433 14.83 14.64 -14.07
N GLY A 434 15.60 13.58 -13.86
CA GLY A 434 17.02 13.61 -14.18
C GLY A 434 17.96 13.86 -13.01
N ARG A 435 17.52 13.67 -11.78
CA ARG A 435 18.36 13.83 -10.62
C ARG A 435 18.21 12.63 -9.69
N CYS A 436 19.18 12.48 -8.79
CA CYS A 436 19.20 11.38 -7.83
C CYS A 436 19.60 11.92 -6.47
N ASN A 437 19.16 11.25 -5.42
CA ASN A 437 19.63 11.58 -4.07
C ASN A 437 19.32 10.43 -3.15
N TYR A 438 19.88 10.53 -1.95
CA TYR A 438 19.41 9.74 -0.82
C TYR A 438 18.27 10.51 -0.19
N TYR A 439 17.12 9.87 -0.08
CA TYR A 439 15.96 10.45 0.59
C TYR A 439 15.75 9.71 1.90
N ASP A 440 15.19 10.41 2.89
CA ASP A 440 15.31 9.94 4.27
C ASP A 440 14.71 8.56 4.48
N ALA A 441 13.62 8.25 3.77
CA ALA A 441 12.96 6.97 4.06
C ALA A 441 13.69 5.75 3.49
N LEU A 442 14.70 5.95 2.64
CA LEU A 442 15.47 4.81 2.13
C LEU A 442 16.17 4.11 3.27
N ALA A 443 15.89 2.82 3.45
CA ALA A 443 16.52 2.04 4.51
C ALA A 443 17.10 0.78 3.92
N SER A 444 18.14 0.24 4.57
CA SER A 444 18.66 -1.07 4.19
C SER A 444 18.55 -2.04 5.35
N PHE A 445 18.36 -3.32 5.02
CA PHE A 445 18.31 -4.40 6.00
C PHE A 445 19.38 -5.42 5.70
N TRP A 446 20.11 -5.83 6.74
CA TRP A 446 21.18 -6.82 6.61
C TRP A 446 20.94 -7.92 7.63
N LEU A 447 21.31 -9.15 7.29
CA LEU A 447 21.25 -10.20 8.30
C LEU A 447 22.23 -9.86 9.41
N THR A 448 21.83 -10.14 10.65
CA THR A 448 22.64 -9.82 11.82
C THR A 448 23.37 -11.06 12.33
N VAL A 449 24.36 -10.81 13.18
CA VAL A 449 25.03 -11.87 13.93
C VAL A 449 24.10 -12.40 15.01
N ILE A 450 23.91 -13.72 15.04
CA ILE A 450 23.16 -14.40 16.07
C ILE A 450 24.07 -15.46 16.65
N GLU A 451 24.59 -15.24 17.86
CA GLU A 451 25.37 -16.28 18.49
C GLU A 451 24.47 -17.48 18.78
N GLU A 452 25.07 -18.67 18.80
CA GLU A 452 24.27 -19.90 18.90
C GLU A 452 23.40 -19.92 20.14
N GLN A 453 23.93 -19.40 21.26
CA GLN A 453 23.14 -19.43 22.50
C GLN A 453 22.04 -18.38 22.51
N ASP A 454 22.06 -17.43 21.57
CA ASP A 454 21.11 -16.32 21.58
C ASP A 454 19.92 -16.56 20.66
N GLN A 455 19.77 -17.76 20.10
CA GLN A 455 18.75 -17.97 19.08
C GLN A 455 17.35 -17.76 19.64
N PHE A 456 17.08 -18.33 20.81
CA PHE A 456 15.76 -18.26 21.41
C PHE A 456 15.75 -17.33 22.61
N VAL A 457 16.53 -16.25 22.55
CA VAL A 457 16.50 -15.23 23.57
C VAL A 457 15.95 -13.97 22.94
N GLN A 458 15.32 -13.14 23.76
CA GLN A 458 14.76 -11.90 23.27
C GLN A 458 15.84 -11.04 22.63
N PRO A 459 15.63 -10.53 21.41
CA PRO A 459 16.59 -9.58 20.83
C PRO A 459 16.81 -8.39 21.75
N ARG A 460 18.07 -7.97 21.85
CA ARG A 460 18.43 -6.85 22.69
C ARG A 460 18.63 -5.61 21.82
N GLN A 461 17.88 -4.54 22.13
CA GLN A 461 17.98 -3.30 21.36
C GLN A 461 19.41 -2.80 21.34
N GLN A 462 19.85 -2.32 20.18
CA GLN A 462 21.17 -1.74 20.05
C GLN A 462 21.17 -0.75 18.90
N THR A 463 21.80 0.40 19.11
CA THR A 463 22.04 1.37 18.03
C THR A 463 23.54 1.41 17.78
N LEU A 464 23.93 1.33 16.50
CA LEU A 464 25.34 1.16 16.17
C LEU A 464 25.76 2.15 15.08
N LYS A 465 27.03 2.51 15.09
CA LYS A 465 27.61 3.24 13.98
CA LYS A 465 27.61 3.24 13.98
C LYS A 465 27.83 2.30 12.80
N ALA A 466 27.55 2.80 11.60
CA ALA A 466 27.62 1.93 10.42
C ALA A 466 29.03 1.49 10.05
N ASP A 467 30.09 1.80 10.79
CA ASP A 467 31.38 1.16 10.55
C ASP A 467 31.61 -0.03 11.46
N PHE A 468 30.58 -0.48 12.18
CA PHE A 468 30.70 -1.63 13.07
C PHE A 468 30.32 -2.91 12.31
N THR A 469 31.16 -3.26 11.34
CA THR A 469 30.84 -4.41 10.49
C THR A 469 30.80 -5.72 11.26
N SER A 470 31.24 -5.72 12.52
CA SER A 470 31.25 -6.95 13.32
C SER A 470 29.85 -7.40 13.75
N LYS A 471 28.84 -6.54 13.64
CA LYS A 471 27.45 -6.91 13.96
C LYS A 471 26.69 -7.48 12.76
N ILE A 472 27.31 -7.49 11.59
CA ILE A 472 26.65 -7.87 10.34
C ILE A 472 27.04 -9.31 10.00
N SER A 473 26.04 -10.11 9.64
CA SER A 473 26.30 -11.47 9.17
C SER A 473 27.27 -11.46 7.99
N ARG A 474 28.13 -12.46 7.94
CA ARG A 474 29.09 -12.61 6.85
C ARG A 474 28.57 -13.61 5.82
N CYS A 475 29.11 -13.50 4.60
CA CYS A 475 28.70 -14.41 3.55
C CYS A 475 29.87 -14.72 2.62
N THR A 476 29.71 -15.81 1.89
CA THR A 476 30.65 -16.24 0.88
C THR A 476 29.87 -16.58 -0.38
N VAL A 477 30.42 -16.21 -1.53
CA VAL A 477 29.87 -16.59 -2.83
C VAL A 477 30.80 -17.64 -3.41
N CYS A 478 30.21 -18.76 -3.85
CA CYS A 478 30.95 -19.95 -4.25
C CYS A 478 30.48 -20.39 -5.62
N ARG A 479 31.41 -20.91 -6.43
CA ARG A 479 31.05 -21.65 -7.63
C ARG A 479 31.50 -23.10 -7.50
N ARG A 480 30.74 -23.99 -8.13
CA ARG A 480 31.08 -25.40 -8.14
C ARG A 480 32.33 -25.62 -9.00
N ARG A 481 33.25 -26.43 -8.50
CA ARG A 481 34.47 -26.69 -9.26
C ARG A 481 34.21 -27.64 -10.43
N TYR A 493 30.16 -33.73 -14.97
CA TYR A 493 30.48 -33.06 -13.72
C TYR A 493 29.25 -32.39 -13.13
N LEU A 494 29.10 -32.46 -11.81
CA LEU A 494 27.99 -31.81 -11.15
C LEU A 494 28.01 -30.31 -11.44
N THR A 495 26.85 -29.75 -11.77
CA THR A 495 26.77 -28.33 -12.01
C THR A 495 26.47 -27.52 -10.74
N GLY A 496 25.98 -28.17 -9.68
CA GLY A 496 25.78 -27.50 -8.41
C GLY A 496 24.34 -27.15 -8.06
N ILE A 497 23.42 -28.12 -8.16
CA ILE A 497 22.00 -27.88 -7.88
C ILE A 497 21.73 -28.13 -6.40
N LEU A 498 21.05 -27.21 -5.74
CA LEU A 498 20.71 -27.33 -4.33
C LEU A 498 19.21 -27.57 -4.18
N ILE A 499 18.85 -28.52 -3.31
CA ILE A 499 17.47 -28.85 -2.97
C ILE A 499 17.25 -28.49 -1.51
N THR A 500 16.12 -27.85 -1.23
CA THR A 500 15.74 -27.50 0.14
C THR A 500 14.49 -28.27 0.54
N ARG A 501 14.51 -28.88 1.71
CA ARG A 501 13.37 -29.63 2.25
C ARG A 501 13.01 -29.05 3.60
N HIS A 502 11.70 -28.86 3.82
CA HIS A 502 11.19 -28.37 5.09
C HIS A 502 10.42 -29.49 5.77
N SER A 503 10.74 -29.75 7.04
CA SER A 503 10.10 -30.87 7.74
C SER A 503 8.70 -30.52 8.20
N GLN A 504 8.38 -29.24 8.37
CA GLN A 504 7.13 -28.83 9.01
C GLN A 504 6.98 -29.51 10.36
N SER A 505 8.11 -29.71 11.03
CA SER A 505 8.11 -30.32 12.35
C SER A 505 9.37 -29.88 13.09
N GLU A 506 9.47 -30.33 14.35
CA GLU A 506 10.64 -30.06 15.17
C GLU A 506 11.86 -30.88 14.75
N THR A 507 11.67 -31.93 13.98
CA THR A 507 12.78 -32.80 13.61
C THR A 507 13.48 -32.28 12.36
N VAL A 508 14.80 -32.29 12.39
CA VAL A 508 15.58 -31.85 11.23
C VAL A 508 15.46 -32.90 10.12
N PRO A 509 15.08 -32.53 8.91
CA PRO A 509 14.89 -33.52 7.85
C PRO A 509 16.22 -34.00 7.28
N ALA A 510 16.16 -35.15 6.62
CA ALA A 510 17.33 -35.77 6.01
C ALA A 510 17.31 -35.54 4.51
N CYS A 511 18.51 -35.48 3.92
CA CYS A 511 18.61 -35.46 2.47
C CYS A 511 18.24 -36.81 1.90
N SER A 512 17.74 -36.81 0.67
CA SER A 512 17.56 -38.06 -0.06
CA SER A 512 17.56 -38.06 -0.06
C SER A 512 18.89 -38.79 -0.16
N ALA A 513 18.82 -40.11 -0.20
CA ALA A 513 20.04 -40.88 -0.30
C ALA A 513 20.76 -40.57 -1.61
N GLY A 514 22.08 -40.44 -1.54
CA GLY A 514 22.85 -40.03 -2.68
C GLY A 514 23.01 -38.54 -2.85
N HIS A 515 22.26 -37.73 -2.09
CA HIS A 515 22.45 -36.29 -2.05
C HIS A 515 23.29 -35.91 -0.85
N THR A 516 24.03 -34.82 -0.97
CA THR A 516 25.02 -34.43 0.02
C THR A 516 24.45 -33.32 0.90
N GLU A 517 24.39 -33.55 2.20
CA GLU A 517 23.89 -32.52 3.09
C GLU A 517 24.89 -31.37 3.15
N LEU A 518 24.40 -30.15 2.89
CA LEU A 518 25.23 -28.95 2.96
C LEU A 518 25.05 -28.18 4.25
N TRP A 519 23.80 -27.95 4.69
CA TRP A 519 23.57 -27.37 6.01
C TRP A 519 22.12 -27.66 6.42
N THR A 520 21.84 -27.43 7.69
CA THR A 520 20.50 -27.54 8.25
C THR A 520 20.11 -26.21 8.86
N GLY A 521 18.81 -26.00 9.05
CA GLY A 521 18.39 -24.72 9.60
C GLY A 521 16.94 -24.66 10.01
N TYR A 522 16.41 -23.43 9.98
CA TYR A 522 15.04 -23.10 10.34
C TYR A 522 14.34 -22.48 9.13
N SER A 523 13.05 -22.79 8.97
CA SER A 523 12.29 -22.46 7.76
C SER A 523 11.79 -21.02 7.80
N LEU A 524 12.51 -20.12 7.11
CA LEU A 524 12.14 -18.70 7.06
C LEU A 524 11.18 -18.44 5.90
N LEU A 525 10.02 -17.84 6.19
CA LEU A 525 9.07 -17.48 5.14
C LEU A 525 9.25 -16.04 4.66
N TYR A 526 9.15 -15.07 5.58
CA TYR A 526 9.42 -13.69 5.17
C TYR A 526 9.70 -12.81 6.38
N VAL A 527 10.31 -11.66 6.09
CA VAL A 527 10.61 -10.62 7.07
C VAL A 527 9.75 -9.41 6.73
N ASP A 528 9.10 -8.84 7.73
CA ASP A 528 8.25 -7.65 7.57
C ASP A 528 9.06 -6.51 8.16
N GLY A 529 9.70 -5.72 7.29
CA GLY A 529 10.61 -4.69 7.76
C GLY A 529 10.20 -3.36 7.19
N ASN A 530 10.04 -2.35 8.06
CA ASN A 530 9.45 -1.07 7.67
C ASN A 530 8.20 -1.31 6.85
N ASP A 531 7.42 -2.32 7.27
CA ASP A 531 6.12 -2.66 6.71
C ASP A 531 6.19 -3.03 5.24
N TYR A 532 7.32 -3.61 4.82
CA TYR A 532 7.44 -4.29 3.54
C TYR A 532 7.77 -5.76 3.80
N ALA A 533 7.03 -6.67 3.17
CA ALA A 533 7.25 -8.11 3.32
C ALA A 533 8.20 -8.58 2.23
N HIS A 534 9.36 -9.06 2.62
CA HIS A 534 10.30 -9.65 1.67
C HIS A 534 10.44 -11.13 2.00
N ASN A 535 10.10 -11.97 1.03
CA ASN A 535 10.01 -13.41 1.17
C ASN A 535 11.28 -14.11 0.69
N GLN A 536 11.50 -15.30 1.23
CA GLN A 536 12.40 -16.28 0.61
C GLN A 536 11.53 -17.41 0.07
N ASP A 537 11.73 -17.76 -1.20
CA ASP A 537 10.99 -18.88 -1.77
C ASP A 537 11.36 -20.16 -1.03
N LEU A 538 10.34 -20.98 -0.68
CA LEU A 538 10.57 -22.14 0.17
C LEU A 538 11.35 -23.22 -0.56
N GLY A 539 11.46 -23.13 -1.88
CA GLY A 539 12.37 -23.99 -2.62
C GLY A 539 13.81 -23.53 -2.65
N SER A 540 14.07 -22.30 -2.26
CA SER A 540 15.41 -21.73 -2.28
C SER A 540 16.16 -22.08 -0.99
N PRO A 541 17.46 -22.35 -1.06
CA PRO A 541 18.24 -22.48 0.18
C PRO A 541 18.17 -21.23 1.03
N GLY A 542 17.78 -20.09 0.45
CA GLY A 542 17.63 -18.86 1.22
C GLY A 542 16.53 -18.93 2.26
N SER A 543 15.59 -19.87 2.12
CA SER A 543 14.56 -20.08 3.13
CA SER A 543 14.56 -20.07 3.13
C SER A 543 15.01 -21.00 4.25
N CYS A 544 16.25 -21.46 4.23
CA CYS A 544 16.76 -22.36 5.26
C CYS A 544 17.93 -21.65 5.93
N VAL A 545 17.66 -20.96 7.03
CA VAL A 545 18.73 -20.18 7.66
C VAL A 545 19.26 -20.93 8.88
N PRO A 546 20.58 -20.99 9.05
CA PRO A 546 21.15 -21.88 10.08
C PRO A 546 20.76 -21.51 11.51
N ARG A 547 20.48 -20.23 11.77
CA ARG A 547 20.24 -19.75 13.13
C ARG A 547 18.90 -19.04 13.21
N PHE A 548 18.12 -19.37 14.24
CA PHE A 548 16.82 -18.74 14.45
C PHE A 548 16.96 -17.47 15.28
N SER A 549 16.11 -16.48 14.97
CA SER A 549 15.83 -15.38 15.90
C SER A 549 14.51 -14.78 15.49
N THR A 550 13.76 -14.27 16.48
CA THR A 550 12.57 -13.52 16.09
C THR A 550 12.94 -12.28 15.29
N LEU A 551 14.21 -11.85 15.33
CA LEU A 551 14.67 -10.73 14.51
C LEU A 551 16.05 -11.06 13.92
N PRO A 552 16.10 -11.67 12.75
CA PRO A 552 17.40 -12.00 12.13
C PRO A 552 18.01 -10.90 11.27
N VAL A 553 17.43 -9.69 11.27
CA VAL A 553 17.92 -8.56 10.48
C VAL A 553 18.09 -7.36 11.38
N LEU A 554 18.94 -6.44 10.94
CA LEU A 554 18.98 -5.08 11.48
C LEU A 554 18.74 -4.12 10.33
N SER A 555 18.44 -2.87 10.65
CA SER A 555 18.15 -1.88 9.62
CA SER A 555 18.11 -1.85 9.66
C SER A 555 19.12 -0.72 9.74
N CYS A 556 19.45 -0.14 8.60
CA CYS A 556 20.37 0.97 8.55
C CYS A 556 19.71 2.14 7.82
N GLY A 557 20.07 3.35 8.25
CA GLY A 557 19.41 4.52 7.71
C GLY A 557 20.39 5.62 7.39
N GLN A 558 19.92 6.85 7.47
CA GLN A 558 20.74 8.01 7.19
C GLN A 558 21.68 8.28 8.36
N ASN A 559 22.63 9.19 8.14
CA ASN A 559 23.62 9.57 9.15
C ASN A 559 24.48 8.38 9.61
N ASN A 560 24.64 7.36 8.79
CA ASN A 560 25.54 6.23 9.06
C ASN A 560 25.25 5.58 10.42
N VAL A 561 23.97 5.32 10.67
CA VAL A 561 23.51 4.71 11.91
C VAL A 561 22.71 3.46 11.57
N CYS A 562 22.96 2.37 12.32
CA CYS A 562 22.14 1.18 12.17
C CYS A 562 21.45 0.87 13.49
N ASN A 563 20.33 0.13 13.40
CA ASN A 563 19.45 -0.11 14.53
C ASN A 563 19.01 -1.56 14.54
N TYR A 564 19.24 -2.24 15.66
CA TYR A 564 18.77 -3.61 15.83
C TYR A 564 17.68 -3.63 16.89
N ALA A 565 16.54 -4.25 16.56
CA ALA A 565 15.42 -4.40 17.49
C ALA A 565 14.94 -3.05 18.03
N SER A 566 14.98 -2.03 17.18
CA SER A 566 14.72 -0.66 17.62
C SER A 566 13.40 -0.09 17.12
N ARG A 567 12.61 -0.86 16.37
CA ARG A 567 11.38 -0.29 15.84
C ARG A 567 10.23 -1.27 16.05
N ASN A 568 9.57 -1.73 14.99
CA ASN A 568 8.37 -2.55 15.20
C ASN A 568 8.26 -3.63 14.12
N ASP A 569 9.38 -4.28 13.81
CA ASP A 569 9.42 -5.27 12.74
C ASP A 569 9.03 -6.67 13.26
N LYS A 570 8.73 -7.56 12.32
CA LYS A 570 8.27 -8.90 12.68
C LYS A 570 8.74 -9.88 11.62
N THR A 571 8.77 -11.15 11.99
CA THR A 571 9.26 -12.19 11.08
C THR A 571 8.27 -13.36 11.08
N PHE A 572 8.27 -14.09 9.97
CA PHE A 572 7.31 -15.18 9.76
C PHE A 572 8.04 -16.42 9.33
N TRP A 573 7.70 -17.54 9.98
CA TRP A 573 8.41 -18.80 9.80
C TRP A 573 7.40 -19.91 9.50
N LEU A 574 7.79 -20.84 8.64
CA LEU A 574 7.01 -22.05 8.48
C LEU A 574 6.94 -22.79 9.81
N THR A 575 5.77 -23.33 10.15
CA THR A 575 5.57 -23.87 11.48
C THR A 575 5.45 -25.41 11.48
N THR A 576 5.31 -25.95 12.68
CA THR A 576 5.23 -27.38 12.91
C THR A 576 3.79 -27.81 13.09
N ASN A 577 3.62 -29.10 13.39
CA ASN A 577 2.33 -29.71 13.61
C ASN A 577 1.84 -29.57 15.05
N ALA A 578 2.56 -28.80 15.88
CA ALA A 578 2.19 -28.65 17.27
C ALA A 578 0.85 -27.93 17.40
N ALA A 579 0.13 -28.24 18.49
CA ALA A 579 -1.17 -27.62 18.73
C ALA A 579 -1.00 -26.11 18.87
N ILE A 580 -1.97 -25.38 18.34
CA ILE A 580 -1.95 -23.91 18.39
C ILE A 580 -2.04 -23.46 19.85
N PRO A 581 -1.20 -22.54 20.30
CA PRO A 581 -1.27 -22.08 21.69
C PRO A 581 -2.38 -21.05 21.89
N MET A 582 -2.80 -20.92 23.15
CA MET A 582 -3.85 -19.97 23.50
C MET A 582 -3.34 -18.54 23.56
N MET A 583 -2.04 -18.34 23.64
CA MET A 583 -1.44 -17.01 23.67
C MET A 583 -0.02 -17.14 23.16
N PRO A 584 0.66 -16.02 22.89
CA PRO A 584 1.99 -16.11 22.28
C PRO A 584 2.97 -16.92 23.11
N VAL A 585 3.92 -17.56 22.42
CA VAL A 585 4.96 -18.37 23.06
C VAL A 585 6.26 -17.58 23.03
N GLU A 586 7.13 -17.87 23.98
CA GLU A 586 8.26 -16.99 24.27
C GLU A 586 9.55 -17.79 24.43
N ASN A 587 10.64 -17.23 23.90
CA ASN A 587 11.99 -17.76 24.06
C ASN A 587 12.06 -19.23 23.70
N ILE A 588 12.52 -20.10 24.60
CA ILE A 588 12.75 -21.49 24.18
C ILE A 588 11.46 -22.21 23.80
N GLU A 589 10.29 -21.75 24.28
CA GLU A 589 9.03 -22.37 23.87
C GLU A 589 8.77 -22.20 22.38
N ILE A 590 9.41 -21.22 21.74
CA ILE A 590 9.22 -21.00 20.31
C ILE A 590 9.69 -22.20 19.51
N ARG A 591 10.70 -22.91 20.00
CA ARG A 591 11.36 -23.92 19.19
C ARG A 591 10.40 -25.01 18.73
N GLN A 592 9.39 -25.35 19.54
CA GLN A 592 8.48 -26.40 19.10
C GLN A 592 7.55 -25.95 17.98
N TYR A 593 7.57 -24.68 17.58
CA TYR A 593 6.70 -24.14 16.54
C TYR A 593 7.44 -23.71 15.28
N ILE A 594 8.75 -23.94 15.17
CA ILE A 594 9.49 -23.51 13.97
C ILE A 594 9.89 -24.76 13.20
N SER A 595 9.47 -24.81 11.94
CA SER A 595 9.87 -25.90 11.04
C SER A 595 11.38 -25.90 10.87
N ARG A 596 11.96 -27.10 10.75
CA ARG A 596 13.37 -27.26 10.44
C ARG A 596 13.54 -27.57 8.95
N CYS A 597 14.77 -27.42 8.47
CA CYS A 597 15.04 -27.63 7.05
C CYS A 597 16.44 -28.17 6.86
N VAL A 598 16.69 -28.70 5.66
CA VAL A 598 18.01 -29.16 5.26
C VAL A 598 18.21 -28.74 3.80
N VAL A 599 19.46 -28.35 3.47
CA VAL A 599 19.85 -28.01 2.10
C VAL A 599 20.82 -29.08 1.62
N CYS A 600 20.55 -29.62 0.43
CA CYS A 600 21.26 -30.77 -0.10
C CYS A 600 21.72 -30.48 -1.52
N GLU A 601 22.91 -30.98 -1.86
CA GLU A 601 23.39 -30.89 -3.24
C GLU A 601 22.95 -32.15 -3.99
N ALA A 602 22.33 -31.93 -5.14
CA ALA A 602 21.77 -33.00 -5.96
C ALA A 602 22.41 -33.00 -7.35
N PRO A 603 22.50 -34.17 -7.99
CA PRO A 603 23.16 -34.24 -9.29
C PRO A 603 22.36 -33.63 -10.45
N ALA A 604 21.08 -33.28 -10.27
CA ALA A 604 20.30 -32.84 -11.41
C ALA A 604 19.17 -31.92 -10.97
N ASN A 605 18.52 -31.34 -11.97
CA ASN A 605 17.53 -30.30 -11.72
C ASN A 605 16.28 -30.87 -11.09
N VAL A 606 15.56 -29.99 -10.41
CA VAL A 606 14.40 -30.35 -9.60
CA VAL A 606 14.39 -30.36 -9.61
C VAL A 606 13.29 -29.34 -9.85
N ILE A 607 12.05 -29.85 -10.03
CA ILE A 607 10.89 -28.98 -10.17
C ILE A 607 9.70 -29.63 -9.48
N ALA A 608 8.70 -28.82 -9.16
CA ALA A 608 7.41 -29.33 -8.74
C ALA A 608 6.47 -29.34 -9.93
N VAL A 609 5.58 -30.32 -9.96
CA VAL A 609 4.47 -30.35 -10.89
C VAL A 609 3.19 -30.50 -10.09
N HIS A 610 2.09 -29.95 -10.63
CA HIS A 610 0.81 -29.84 -9.93
C HIS A 610 -0.29 -30.44 -10.78
N SER A 611 -1.11 -31.29 -10.16
CA SER A 611 -2.18 -31.94 -10.90
C SER A 611 -3.38 -31.03 -11.10
N GLN A 612 -3.59 -30.09 -10.19
CA GLN A 612 -4.83 -29.32 -10.09
C GLN A 612 -6.04 -30.24 -9.94
N THR A 613 -5.82 -31.46 -9.43
CA THR A 613 -6.89 -32.39 -9.11
C THR A 613 -6.54 -33.09 -7.79
N ILE A 614 -7.41 -34.02 -7.38
CA ILE A 614 -7.15 -34.83 -6.19
C ILE A 614 -6.07 -35.88 -6.40
N GLU A 615 -5.67 -36.15 -7.63
CA GLU A 615 -4.67 -37.19 -7.88
C GLU A 615 -3.26 -36.62 -7.82
N VAL A 616 -2.32 -37.47 -7.42
CA VAL A 616 -0.91 -37.06 -7.47
C VAL A 616 -0.45 -37.06 -8.93
N PRO A 617 0.15 -35.97 -9.41
CA PRO A 617 0.64 -35.96 -10.78
C PRO A 617 1.87 -36.85 -10.92
N ASP A 618 1.98 -37.48 -12.09
CA ASP A 618 3.21 -38.18 -12.43
C ASP A 618 4.30 -37.17 -12.74
N CYS A 619 5.56 -37.59 -12.55
CA CYS A 619 6.66 -36.74 -12.96
C CYS A 619 6.75 -36.73 -14.49
N PRO A 620 7.30 -35.67 -15.08
CA PRO A 620 7.55 -35.69 -16.53
C PRO A 620 8.37 -36.91 -16.92
N ASN A 621 8.22 -37.32 -18.18
CA ASN A 621 8.97 -38.47 -18.68
CA ASN A 621 8.97 -38.47 -18.70
C ASN A 621 10.47 -38.25 -18.50
N GLY A 622 11.12 -39.24 -17.89
CA GLY A 622 12.55 -39.15 -17.61
C GLY A 622 12.92 -38.57 -16.27
N TRP A 623 11.95 -38.08 -15.49
CA TRP A 623 12.15 -37.54 -14.16
C TRP A 623 11.64 -38.53 -13.12
N GLU A 624 12.14 -38.40 -11.89
CA GLU A 624 11.78 -39.32 -10.81
C GLU A 624 11.35 -38.53 -9.59
N GLY A 625 10.40 -39.08 -8.83
CA GLY A 625 9.82 -38.34 -7.73
C GLY A 625 10.70 -38.36 -6.49
N LEU A 626 10.77 -37.21 -5.82
CA LEU A 626 11.43 -37.09 -4.53
C LEU A 626 10.42 -37.07 -3.38
N TRP A 627 9.35 -36.29 -3.50
CA TRP A 627 8.28 -36.33 -2.52
C TRP A 627 6.98 -35.85 -3.18
N ILE A 628 5.87 -36.18 -2.54
CA ILE A 628 4.56 -35.71 -2.95
C ILE A 628 4.00 -34.81 -1.86
N GLY A 629 3.04 -33.96 -2.26
CA GLY A 629 2.48 -33.03 -1.31
C GLY A 629 1.25 -32.31 -1.79
N TYR A 630 1.04 -31.11 -1.25
CA TYR A 630 -0.10 -30.27 -1.55
C TYR A 630 0.37 -28.94 -2.15
N SER A 631 -0.38 -28.45 -3.13
CA SER A 631 0.04 -27.31 -3.95
C SER A 631 -0.17 -25.99 -3.18
N PHE A 632 0.94 -25.41 -2.70
CA PHE A 632 0.95 -24.21 -1.88
C PHE A 632 1.35 -23.02 -2.76
N LEU A 633 0.44 -22.06 -2.94
CA LEU A 633 0.70 -20.95 -3.86
C LEU A 633 1.15 -19.66 -3.19
N MET A 634 0.36 -19.15 -2.24
CA MET A 634 0.69 -17.84 -1.67
C MET A 634 0.08 -17.73 -0.27
N HIS A 635 0.38 -16.63 0.40
CA HIS A 635 -0.05 -16.40 1.77
C HIS A 635 -0.25 -14.91 1.98
N THR A 636 -1.12 -14.55 2.91
CA THR A 636 -1.28 -13.16 3.33
C THR A 636 -1.35 -13.13 4.84
N ALA A 637 -1.03 -11.98 5.42
CA ALA A 637 -1.03 -11.88 6.87
C ALA A 637 -1.34 -10.44 7.24
N VAL A 638 -1.01 -10.05 8.48
CA VAL A 638 -1.37 -8.73 8.97
C VAL A 638 -0.73 -7.63 8.12
N GLY A 639 -1.46 -6.53 7.94
CA GLY A 639 -0.86 -5.36 7.30
C GLY A 639 -0.55 -5.61 5.83
N ASN A 640 0.67 -5.25 5.41
CA ASN A 640 1.10 -5.51 4.04
C ASN A 640 1.71 -6.89 3.87
N GLY A 641 1.50 -7.77 4.84
CA GLY A 641 2.16 -9.07 4.84
C GLY A 641 1.59 -10.01 3.78
N GLY A 642 2.48 -10.72 3.12
CA GLY A 642 2.08 -11.71 2.14
C GLY A 642 3.32 -12.19 1.40
N GLY A 643 3.07 -13.08 0.45
CA GLY A 643 4.13 -13.61 -0.40
C GLY A 643 3.62 -14.83 -1.11
N GLY A 644 4.51 -15.47 -1.86
CA GLY A 644 4.07 -16.68 -2.54
C GLY A 644 5.24 -17.43 -3.15
N GLN A 645 4.92 -18.61 -3.67
CA GLN A 645 5.91 -19.54 -4.21
C GLN A 645 5.83 -19.54 -5.73
N ALA A 646 6.99 -19.80 -6.36
CA ALA A 646 6.99 -20.07 -7.80
C ALA A 646 6.40 -21.45 -8.03
N LEU A 647 5.50 -21.57 -9.01
CA LEU A 647 4.80 -22.84 -9.10
C LEU A 647 5.69 -23.98 -9.59
N GLN A 648 6.87 -23.71 -10.13
CA GLN A 648 7.80 -24.80 -10.44
C GLN A 648 8.74 -25.11 -9.28
N SER A 649 8.72 -24.30 -8.25
CA SER A 649 9.62 -24.46 -7.11
C SER A 649 9.14 -25.61 -6.22
N PRO A 650 10.06 -26.42 -5.67
CA PRO A 650 9.66 -27.37 -4.62
C PRO A 650 8.98 -26.70 -3.45
N GLY A 651 9.21 -25.41 -3.23
CA GLY A 651 8.53 -24.69 -2.17
C GLY A 651 7.03 -24.59 -2.36
N SER A 652 6.54 -24.83 -3.58
CA SER A 652 5.10 -24.84 -3.82
C SER A 652 4.50 -26.20 -3.56
N CYS A 653 5.27 -27.15 -3.02
CA CYS A 653 4.80 -28.51 -2.77
C CYS A 653 5.15 -28.90 -1.34
N LEU A 654 4.25 -28.62 -0.42
CA LEU A 654 4.46 -28.96 0.98
C LEU A 654 3.91 -30.35 1.25
N GLU A 655 4.68 -31.15 2.00
CA GLU A 655 4.25 -32.53 2.24
C GLU A 655 3.02 -32.60 3.14
N ASP A 656 2.85 -31.64 4.04
CA ASP A 656 1.76 -31.62 5.00
C ASP A 656 0.84 -30.45 4.68
N PHE A 657 -0.44 -30.73 4.42
CA PHE A 657 -1.41 -29.65 4.29
C PHE A 657 -1.70 -29.06 5.67
N ARG A 658 -1.55 -27.73 5.77
CA ARG A 658 -1.81 -27.01 7.01
C ARG A 658 -2.51 -25.71 6.66
N ALA A 659 -3.69 -25.48 7.24
CA ALA A 659 -4.41 -24.24 6.95
C ALA A 659 -3.63 -23.01 7.42
N THR A 660 -2.88 -23.14 8.52
CA THR A 660 -2.01 -22.07 9.02
C THR A 660 -0.59 -22.64 9.05
N PRO A 661 0.09 -22.63 7.90
CA PRO A 661 1.42 -23.24 7.81
C PRO A 661 2.55 -22.37 8.33
N PHE A 662 2.27 -21.16 8.85
CA PHE A 662 3.34 -20.28 9.31
C PHE A 662 2.90 -19.56 10.58
N ILE A 663 3.90 -19.02 11.30
CA ILE A 663 3.70 -18.35 12.58
C ILE A 663 4.32 -16.96 12.52
N GLU A 664 3.78 -16.01 13.30
CA GLU A 664 4.20 -14.61 13.29
C GLU A 664 5.01 -14.30 14.54
N CYS A 665 6.26 -13.87 14.38
CA CYS A 665 7.13 -13.56 15.50
C CYS A 665 7.24 -12.04 15.67
N ASN A 666 6.83 -11.55 16.84
CA ASN A 666 7.02 -10.15 17.21
C ASN A 666 8.51 -9.91 17.42
N GLY A 667 9.15 -9.18 16.50
CA GLY A 667 10.59 -9.09 16.44
C GLY A 667 11.29 -8.71 17.75
N ALA A 668 11.00 -7.52 18.27
CA ALA A 668 11.69 -7.08 19.47
C ALA A 668 11.15 -7.71 20.74
N LYS A 669 9.90 -8.21 20.72
CA LYS A 669 9.35 -8.82 21.93
C LYS A 669 9.87 -10.23 22.14
N GLY A 670 10.34 -10.90 21.08
CA GLY A 670 10.82 -12.26 21.22
C GLY A 670 9.74 -13.29 21.44
N THR A 671 8.53 -13.05 20.93
CA THR A 671 7.41 -13.96 21.11
C THR A 671 6.74 -14.20 19.77
N CYS A 672 6.08 -15.35 19.62
CA CYS A 672 5.46 -15.73 18.35
C CYS A 672 4.04 -16.22 18.59
N HIS A 673 3.17 -16.02 17.61
CA HIS A 673 1.78 -16.42 17.78
C HIS A 673 1.11 -16.55 16.42
N PHE A 674 -0.07 -17.19 16.43
CA PHE A 674 -0.94 -17.30 15.27
C PHE A 674 -2.11 -16.32 15.40
N TYR A 675 -2.51 -15.73 14.27
CA TYR A 675 -3.53 -14.69 14.25
C TYR A 675 -4.55 -14.95 13.15
N GLU A 676 -5.78 -14.48 13.39
CA GLU A 676 -6.86 -14.62 12.42
C GLU A 676 -6.59 -13.87 11.13
N THR A 677 -5.62 -12.95 11.11
CA THR A 677 -5.27 -12.24 9.89
C THR A 677 -4.43 -13.08 8.94
N MET A 678 -4.10 -14.32 9.32
CA MET A 678 -3.28 -15.20 8.48
C MET A 678 -4.14 -16.01 7.53
N THR A 679 -3.78 -16.01 6.25
CA THR A 679 -4.49 -16.78 5.23
C THR A 679 -3.48 -17.55 4.41
N SER A 680 -3.80 -18.80 4.07
CA SER A 680 -3.02 -19.57 3.11
C SER A 680 -3.83 -19.82 1.85
N PHE A 681 -3.15 -19.80 0.69
CA PHE A 681 -3.78 -20.02 -0.60
C PHE A 681 -3.16 -21.25 -1.24
N TRP A 682 -4.00 -22.20 -1.64
CA TRP A 682 -3.55 -23.43 -2.25
C TRP A 682 -4.17 -23.54 -3.64
N MET A 683 -3.47 -24.20 -4.55
CA MET A 683 -4.10 -24.47 -5.84
C MET A 683 -5.30 -25.39 -5.64
N TYR A 684 -6.38 -25.08 -6.35
CA TYR A 684 -7.67 -25.74 -6.18
C TYR A 684 -7.79 -27.00 -7.02
N ASN A 685 -8.57 -27.96 -6.52
CA ASN A 685 -8.92 -29.18 -7.24
C ASN A 685 -10.03 -28.84 -8.23
N LEU A 686 -9.67 -28.74 -9.51
CA LEU A 686 -10.58 -28.35 -10.59
C LEU A 686 -11.20 -29.54 -11.30
N GLU A 687 -11.11 -30.75 -10.74
CA GLU A 687 -11.43 -31.96 -11.51
C GLU A 687 -12.86 -31.94 -12.05
N SER A 688 -13.78 -31.27 -11.38
CA SER A 688 -15.19 -31.26 -11.76
C SER A 688 -15.58 -30.05 -12.62
N SER A 689 -14.61 -29.28 -13.12
CA SER A 689 -14.86 -28.04 -13.83
C SER A 689 -14.37 -28.12 -15.28
N GLN A 690 -15.10 -27.45 -16.17
CA GLN A 690 -14.62 -27.15 -17.51
C GLN A 690 -13.68 -25.95 -17.44
N PRO A 691 -12.80 -25.76 -18.45
CA PRO A 691 -11.76 -24.71 -18.32
C PRO A 691 -12.30 -23.34 -18.02
N PHE A 692 -13.42 -22.97 -18.66
CA PHE A 692 -13.92 -21.61 -18.57
C PHE A 692 -15.24 -21.53 -17.82
N GLU A 693 -15.58 -22.58 -17.08
CA GLU A 693 -16.74 -22.58 -16.20
C GLU A 693 -16.52 -21.60 -15.05
N ARG A 694 -17.57 -20.84 -14.71
CA ARG A 694 -17.48 -19.90 -13.59
C ARG A 694 -17.26 -20.65 -12.29
N PRO A 695 -16.32 -20.22 -11.44
CA PRO A 695 -16.18 -20.86 -10.12
C PRO A 695 -17.47 -20.76 -9.32
N GLN A 696 -17.82 -21.83 -8.61
CA GLN A 696 -18.97 -21.82 -7.73
C GLN A 696 -18.54 -21.74 -6.28
N GLN A 697 -19.09 -20.77 -5.54
CA GLN A 697 -18.77 -20.57 -4.14
C GLN A 697 -18.91 -21.87 -3.36
N GLN A 698 -17.94 -22.13 -2.48
CA GLN A 698 -17.99 -23.31 -1.60
C GLN A 698 -17.35 -22.95 -0.27
N THR A 699 -18.01 -23.28 0.82
CA THR A 699 -17.41 -23.23 2.15
C THR A 699 -17.07 -24.66 2.55
N ILE A 700 -15.79 -24.92 2.77
CA ILE A 700 -15.26 -26.26 2.94
C ILE A 700 -14.77 -26.41 4.38
N LYS A 701 -15.29 -27.41 5.09
CA LYS A 701 -15.09 -27.54 6.52
C LYS A 701 -14.23 -28.75 6.85
N ALA A 702 -13.33 -28.57 7.83
CA ALA A 702 -12.64 -29.67 8.50
C ALA A 702 -11.95 -30.64 7.55
N GLY A 703 -12.31 -31.92 7.64
CA GLY A 703 -11.64 -32.96 6.89
C GLY A 703 -11.87 -32.91 5.40
N GLU A 704 -12.84 -32.13 4.93
CA GLU A 704 -13.08 -32.02 3.50
C GLU A 704 -12.11 -31.07 2.82
N ARG A 705 -11.39 -30.26 3.59
CA ARG A 705 -10.50 -29.27 2.99
C ARG A 705 -9.44 -29.93 2.12
N GLN A 706 -8.81 -31.01 2.61
CA GLN A 706 -7.71 -31.61 1.87
C GLN A 706 -8.15 -32.15 0.52
N SER A 707 -9.40 -32.63 0.43
CA SER A 707 -9.90 -33.18 -0.82
C SER A 707 -10.16 -32.13 -1.88
N HIS A 708 -10.14 -30.84 -1.51
CA HIS A 708 -10.35 -29.77 -2.45
C HIS A 708 -9.05 -29.11 -2.88
N VAL A 709 -7.91 -29.69 -2.51
CA VAL A 709 -6.60 -29.08 -2.73
C VAL A 709 -5.85 -29.88 -3.79
N SER A 710 -5.29 -29.17 -4.76
CA SER A 710 -4.43 -29.77 -5.77
C SER A 710 -3.26 -30.52 -5.14
N ARG A 711 -2.89 -31.65 -5.74
CA ARG A 711 -1.71 -32.37 -5.28
C ARG A 711 -0.51 -32.08 -6.17
N CYS A 712 0.67 -32.40 -5.67
CA CYS A 712 1.88 -32.10 -6.40
C CYS A 712 2.91 -33.19 -6.18
N GLN A 713 3.90 -33.22 -7.06
CA GLN A 713 5.06 -34.08 -6.88
C GLN A 713 6.31 -33.27 -7.20
N VAL A 714 7.32 -33.42 -6.36
CA VAL A 714 8.63 -32.82 -6.61
C VAL A 714 9.50 -33.87 -7.29
N CYS A 715 10.06 -33.51 -8.43
CA CYS A 715 10.65 -34.44 -9.39
C CYS A 715 12.08 -34.02 -9.71
N MET A 716 12.96 -35.01 -9.89
CA MET A 716 14.33 -34.72 -10.26
C MET A 716 14.68 -35.43 -11.57
N LYS A 717 15.40 -34.74 -12.44
CA LYS A 717 15.74 -35.29 -13.75
C LYS A 717 16.71 -36.46 -13.64
N LEU B 20 -32.40 27.36 15.69
CA LEU B 20 -31.79 26.18 15.08
C LEU B 20 -31.06 26.55 13.80
N THR B 21 -29.77 26.20 13.73
CA THR B 21 -28.97 26.50 12.55
C THR B 21 -28.75 25.28 11.66
N GLY B 22 -29.36 24.14 11.99
CA GLY B 22 -29.21 22.96 11.18
C GLY B 22 -28.07 22.04 11.59
N ILE B 23 -27.72 22.01 12.87
CA ILE B 23 -26.75 21.03 13.35
C ILE B 23 -27.38 19.66 13.29
N LEU B 24 -26.64 18.68 12.77
CA LEU B 24 -27.20 17.36 12.50
C LEU B 24 -26.46 16.30 13.32
N ILE B 25 -27.23 15.39 13.90
CA ILE B 25 -26.69 14.24 14.62
C ILE B 25 -27.14 12.97 13.90
N THR B 26 -26.24 11.99 13.82
CA THR B 26 -26.50 10.71 13.17
C THR B 26 -26.39 9.61 14.22
N ARG B 27 -27.39 8.73 14.26
CA ARG B 27 -27.43 7.60 15.18
C ARG B 27 -27.51 6.31 14.39
N HIS B 28 -26.73 5.30 14.80
CA HIS B 28 -26.77 3.97 14.22
C HIS B 28 -27.30 2.98 15.26
N SER B 29 -28.27 2.16 14.85
CA SER B 29 -28.89 1.23 15.78
C SER B 29 -28.07 -0.04 16.00
N GLN B 30 -27.15 -0.37 15.09
CA GLN B 30 -26.46 -1.65 15.10
C GLN B 30 -27.48 -2.79 15.16
N SER B 31 -28.60 -2.57 14.50
CA SER B 31 -29.66 -3.57 14.44
C SER B 31 -30.47 -3.33 13.19
N GLU B 32 -31.36 -4.28 12.91
CA GLU B 32 -32.31 -4.19 11.80
C GLU B 32 -33.41 -3.17 12.05
N THR B 33 -33.59 -2.72 13.30
CA THR B 33 -34.63 -1.74 13.61
CA THR B 33 -34.62 -1.74 13.60
C THR B 33 -34.11 -0.33 13.34
N VAL B 34 -34.96 0.50 12.75
CA VAL B 34 -34.58 1.89 12.46
C VAL B 34 -34.60 2.68 13.77
N PRO B 35 -33.55 3.43 14.09
CA PRO B 35 -33.53 4.19 15.34
C PRO B 35 -34.35 5.47 15.23
N ALA B 36 -34.58 6.08 16.40
CA ALA B 36 -35.39 7.28 16.51
C ALA B 36 -34.56 8.43 17.05
N CYS B 37 -35.01 9.65 16.75
CA CYS B 37 -34.39 10.86 17.25
C CYS B 37 -34.76 11.09 18.71
N SER B 38 -33.99 11.95 19.36
CA SER B 38 -34.25 12.33 20.75
C SER B 38 -35.46 13.25 20.82
N ALA B 39 -35.70 13.79 22.02
CA ALA B 39 -36.88 14.57 22.39
C ALA B 39 -37.39 15.52 21.32
N GLY B 40 -36.87 16.75 21.30
CA GLY B 40 -37.31 17.73 20.34
C GLY B 40 -36.54 17.72 19.04
N HIS B 41 -35.75 16.68 18.77
CA HIS B 41 -34.93 16.62 17.57
C HIS B 41 -35.77 16.18 16.38
N THR B 42 -35.66 16.91 15.29
CA THR B 42 -36.45 16.65 14.08
C THR B 42 -35.73 15.64 13.20
N GLU B 43 -36.46 14.60 12.79
CA GLU B 43 -35.89 13.59 11.91
C GLU B 43 -35.83 14.13 10.48
N LEU B 44 -34.65 14.04 9.87
CA LEU B 44 -34.50 14.44 8.48
C LEU B 44 -34.65 13.25 7.53
N TRP B 45 -33.91 12.16 7.77
CA TRP B 45 -34.12 10.95 6.98
C TRP B 45 -33.62 9.75 7.77
N THR B 46 -33.98 8.57 7.28
CA THR B 46 -33.46 7.30 7.78
C THR B 46 -32.70 6.59 6.67
N GLY B 47 -31.92 5.58 7.04
CA GLY B 47 -31.15 4.87 6.04
C GLY B 47 -30.41 3.66 6.57
N TYR B 48 -29.31 3.33 5.90
CA TYR B 48 -28.46 2.19 6.19
C TYR B 48 -27.05 2.67 6.51
N SER B 49 -26.38 2.01 7.46
CA SER B 49 -25.13 2.51 8.04
C SER B 49 -23.93 2.16 7.17
N LEU B 50 -23.44 3.13 6.40
CA LEU B 50 -22.30 2.91 5.50
C LEU B 50 -20.99 3.23 6.22
N LEU B 51 -20.08 2.25 6.25
CA LEU B 51 -18.77 2.43 6.87
C LEU B 51 -17.73 2.89 5.86
N TYR B 52 -17.49 2.11 4.80
CA TYR B 52 -16.62 2.61 3.73
C TYR B 52 -16.84 1.85 2.44
N VAL B 53 -16.19 2.34 1.38
CA VAL B 53 -16.25 1.75 0.06
C VAL B 53 -14.82 1.47 -0.39
N ASP B 54 -14.58 0.26 -0.90
CA ASP B 54 -13.29 -0.17 -1.45
C ASP B 54 -13.46 -0.12 -2.96
N GLY B 55 -13.01 0.98 -3.58
CA GLY B 55 -13.17 1.16 -5.01
C GLY B 55 -11.81 1.25 -5.68
N ASN B 56 -11.57 0.41 -6.68
CA ASN B 56 -10.25 0.32 -7.33
C ASN B 56 -9.13 0.21 -6.29
N ASP B 57 -9.35 -0.66 -5.30
CA ASP B 57 -8.35 -1.00 -4.28
C ASP B 57 -7.98 0.22 -3.43
N TYR B 58 -8.92 1.15 -3.24
CA TYR B 58 -8.73 2.32 -2.41
C TYR B 58 -9.89 2.41 -1.42
N ALA B 59 -9.58 2.56 -0.12
CA ALA B 59 -10.62 2.60 0.91
C ALA B 59 -11.01 4.06 1.18
N HIS B 60 -12.28 4.38 0.96
CA HIS B 60 -12.82 5.71 1.27
C HIS B 60 -13.91 5.57 2.30
N ASN B 61 -13.67 6.12 3.49
CA ASN B 61 -14.53 5.96 4.66
C ASN B 61 -15.49 7.14 4.82
N GLN B 62 -16.67 6.85 5.38
CA GLN B 62 -17.56 7.88 5.91
C GLN B 62 -17.36 7.96 7.43
N ASP B 63 -17.51 9.17 7.97
CA ASP B 63 -17.49 9.38 9.41
C ASP B 63 -18.80 8.88 10.01
N LEU B 64 -18.72 7.88 10.90
CA LEU B 64 -19.96 7.30 11.44
C LEU B 64 -20.77 8.31 12.25
N GLY B 65 -20.17 9.41 12.67
CA GLY B 65 -20.94 10.44 13.35
C GLY B 65 -21.60 11.47 12.46
N SER B 66 -21.38 11.40 11.14
CA SER B 66 -21.87 12.39 10.18
CA SER B 66 -21.87 12.39 10.18
C SER B 66 -23.01 11.82 9.35
N PRO B 67 -23.88 12.69 8.80
CA PRO B 67 -24.99 12.18 7.97
C PRO B 67 -24.54 11.40 6.75
N GLY B 68 -23.32 11.62 6.26
CA GLY B 68 -22.84 10.87 5.11
C GLY B 68 -22.81 9.37 5.34
N SER B 69 -22.70 8.93 6.59
CA SER B 69 -22.72 7.51 6.87
C SER B 69 -24.13 6.93 6.90
N CYS B 70 -25.17 7.75 6.67
CA CYS B 70 -26.55 7.28 6.69
C CYS B 70 -27.12 7.39 5.27
N VAL B 71 -27.13 6.27 4.58
CA VAL B 71 -27.44 6.21 3.15
C VAL B 71 -28.88 5.74 2.99
N PRO B 72 -29.76 6.53 2.37
CA PRO B 72 -31.19 6.17 2.35
C PRO B 72 -31.50 4.88 1.60
N ARG B 73 -30.77 4.54 0.53
CA ARG B 73 -31.05 3.36 -0.26
C ARG B 73 -29.85 2.43 -0.23
N PHE B 74 -30.07 1.20 0.23
CA PHE B 74 -29.01 0.19 0.27
C PHE B 74 -28.75 -0.37 -1.11
N SER B 75 -27.48 -0.72 -1.35
CA SER B 75 -27.09 -1.65 -2.40
C SER B 75 -25.75 -2.23 -2.00
N THR B 76 -25.50 -3.47 -2.43
CA THR B 76 -24.13 -3.96 -2.24
C THR B 76 -23.13 -3.16 -3.06
N LEU B 77 -23.60 -2.44 -4.08
CA LEU B 77 -22.72 -1.60 -4.89
C LEU B 77 -23.49 -0.36 -5.31
N PRO B 78 -23.49 0.67 -4.48
CA PRO B 78 -24.27 1.86 -4.82
C PRO B 78 -23.46 2.89 -5.59
N VAL B 79 -22.40 2.46 -6.27
CA VAL B 79 -21.48 3.37 -6.95
C VAL B 79 -21.22 2.91 -8.38
N LEU B 80 -20.84 3.88 -9.21
CA LEU B 80 -20.51 3.70 -10.62
C LEU B 80 -19.08 4.18 -10.86
N SER B 81 -18.31 3.43 -11.66
CA SER B 81 -16.92 3.73 -11.95
CA SER B 81 -16.92 3.76 -11.94
CA SER B 81 -16.92 3.74 -11.95
C SER B 81 -16.79 4.28 -13.37
N CYS B 82 -16.16 5.46 -13.52
CA CYS B 82 -16.03 6.11 -14.83
C CYS B 82 -14.58 6.40 -15.18
N GLY B 83 -14.20 6.08 -16.42
CA GLY B 83 -12.84 6.25 -16.89
C GLY B 83 -12.69 7.37 -17.91
N GLN B 84 -11.47 7.51 -18.41
CA GLN B 84 -11.17 8.62 -19.30
C GLN B 84 -11.64 8.37 -20.73
N ASN B 85 -11.77 7.12 -21.14
CA ASN B 85 -12.03 6.77 -22.54
C ASN B 85 -13.52 6.51 -22.81
N ASN B 86 -14.39 7.43 -22.38
CA ASN B 86 -15.79 7.50 -22.82
C ASN B 86 -16.62 6.29 -22.40
N VAL B 87 -16.27 5.60 -21.31
CA VAL B 87 -17.07 4.48 -20.83
C VAL B 87 -17.14 4.55 -19.31
N CYS B 88 -18.30 4.26 -18.74
CA CYS B 88 -18.40 3.91 -17.33
C CYS B 88 -18.78 2.44 -17.20
N ASN B 89 -18.43 1.86 -16.06
CA ASN B 89 -18.71 0.46 -15.77
C ASN B 89 -19.45 0.35 -14.44
N TYR B 90 -20.56 -0.37 -14.45
CA TYR B 90 -21.27 -0.68 -13.22
C TYR B 90 -21.09 -2.16 -12.91
N ALA B 91 -20.63 -2.47 -11.71
CA ALA B 91 -20.53 -3.86 -11.24
C ALA B 91 -19.69 -4.72 -12.17
N SER B 92 -18.59 -4.15 -12.67
CA SER B 92 -17.74 -4.81 -13.66
C SER B 92 -16.39 -5.23 -13.12
N ARG B 93 -15.99 -4.77 -11.93
CA ARG B 93 -14.69 -5.13 -11.40
C ARG B 93 -14.88 -5.87 -10.07
N ASN B 94 -14.08 -5.53 -9.09
CA ASN B 94 -14.21 -6.26 -7.79
CA ASN B 94 -14.24 -6.33 -7.78
C ASN B 94 -14.40 -5.40 -6.49
N ASP B 95 -15.17 -4.33 -6.75
CA ASP B 95 -15.30 -3.34 -5.69
C ASP B 95 -16.20 -3.87 -4.57
N LYS B 96 -16.01 -3.29 -3.37
CA LYS B 96 -16.67 -3.77 -2.16
C LYS B 96 -17.33 -2.60 -1.42
N THR B 97 -18.37 -2.90 -0.65
CA THR B 97 -18.89 -1.95 0.32
C THR B 97 -18.88 -2.58 1.70
N PHE B 98 -18.79 -1.73 2.73
CA PHE B 98 -18.74 -2.16 4.12
C PHE B 98 -19.78 -1.38 4.91
N TRP B 99 -20.58 -2.10 5.69
CA TRP B 99 -21.69 -1.51 6.43
C TRP B 99 -21.59 -1.93 7.89
N LEU B 100 -21.99 -1.04 8.81
CA LEU B 100 -22.12 -1.49 10.19
C LEU B 100 -23.14 -2.62 10.24
N THR B 101 -22.88 -3.61 11.09
CA THR B 101 -23.75 -4.78 11.10
C THR B 101 -24.55 -4.85 12.39
N THR B 102 -25.26 -5.95 12.56
CA THR B 102 -26.26 -6.12 13.60
C THR B 102 -25.79 -7.18 14.59
N ASN B 103 -26.73 -7.62 15.42
CA ASN B 103 -26.47 -8.69 16.39
C ASN B 103 -26.75 -10.06 15.81
N ALA B 104 -27.06 -10.17 14.53
CA ALA B 104 -27.40 -11.46 13.95
C ALA B 104 -26.18 -12.37 13.94
N ALA B 105 -26.42 -13.67 14.09
CA ALA B 105 -25.33 -14.63 14.14
C ALA B 105 -24.60 -14.67 12.81
N ILE B 106 -23.28 -14.85 12.88
CA ILE B 106 -22.46 -14.90 11.66
C ILE B 106 -22.87 -16.09 10.82
N PRO B 107 -23.13 -15.92 9.53
CA PRO B 107 -23.50 -17.06 8.69
C PRO B 107 -22.29 -17.88 8.29
N MET B 108 -22.56 -19.09 7.80
CA MET B 108 -21.48 -19.99 7.40
C MET B 108 -20.91 -19.64 6.04
N MET B 109 -21.74 -19.08 5.15
CA MET B 109 -21.33 -18.71 3.80
C MET B 109 -21.93 -17.35 3.47
N PRO B 110 -21.47 -16.67 2.43
CA PRO B 110 -22.03 -15.36 2.10
C PRO B 110 -23.55 -15.42 1.91
N VAL B 111 -24.23 -14.36 2.38
CA VAL B 111 -25.67 -14.25 2.25
C VAL B 111 -25.99 -13.33 1.09
N GLU B 112 -27.16 -13.55 0.49
CA GLU B 112 -27.53 -12.86 -0.75
C GLU B 112 -28.99 -12.45 -0.68
N ASN B 113 -29.33 -11.41 -1.44
CA ASN B 113 -30.73 -11.01 -1.66
C ASN B 113 -31.32 -10.66 -0.29
N ILE B 114 -32.58 -11.02 -0.02
CA ILE B 114 -33.25 -10.55 1.19
C ILE B 114 -32.56 -11.05 2.46
N GLU B 115 -31.76 -12.12 2.37
CA GLU B 115 -31.03 -12.59 3.54
C GLU B 115 -30.00 -11.57 4.04
N ILE B 116 -29.63 -10.59 3.21
CA ILE B 116 -28.71 -9.54 3.65
C ILE B 116 -29.35 -8.65 4.71
N ARG B 117 -30.67 -8.45 4.64
CA ARG B 117 -31.32 -7.38 5.40
C ARG B 117 -31.04 -7.50 6.90
N GLN B 118 -31.04 -8.73 7.43
CA GLN B 118 -30.85 -8.90 8.87
C GLN B 118 -29.47 -8.49 9.34
N TYR B 119 -28.53 -8.22 8.42
CA TYR B 119 -27.15 -7.93 8.78
C TYR B 119 -26.75 -6.47 8.62
N ILE B 120 -27.64 -5.58 8.15
CA ILE B 120 -27.27 -4.19 7.88
C ILE B 120 -27.89 -3.30 8.95
N SER B 121 -27.02 -2.59 9.68
CA SER B 121 -27.45 -1.60 10.67
C SER B 121 -28.23 -0.47 9.99
N ARG B 122 -29.24 0.05 10.69
CA ARG B 122 -30.02 1.18 10.22
C ARG B 122 -29.61 2.45 10.96
N CYS B 123 -30.01 3.59 10.42
CA CYS B 123 -29.58 4.85 10.99
C CYS B 123 -30.66 5.91 10.81
N VAL B 124 -30.53 6.99 11.58
CA VAL B 124 -31.39 8.15 11.47
C VAL B 124 -30.54 9.41 11.56
N VAL B 125 -30.92 10.43 10.81
CA VAL B 125 -30.29 11.75 10.86
C VAL B 125 -31.31 12.72 11.44
N CYS B 126 -30.89 13.45 12.48
CA CYS B 126 -31.76 14.31 13.27
C CYS B 126 -31.16 15.70 13.39
N GLU B 127 -32.02 16.72 13.46
CA GLU B 127 -31.57 18.07 13.72
C GLU B 127 -31.54 18.31 15.22
N ALA B 128 -30.38 18.75 15.73
CA ALA B 128 -30.16 19.02 17.13
C ALA B 128 -30.01 20.53 17.36
N PRO B 129 -30.32 21.03 18.56
CA PRO B 129 -30.21 22.47 18.81
C PRO B 129 -28.78 22.96 19.07
N ALA B 130 -27.84 22.07 19.38
CA ALA B 130 -26.50 22.48 19.78
C ALA B 130 -25.50 21.43 19.33
N ASN B 131 -24.22 21.74 19.54
CA ASN B 131 -23.12 20.85 19.15
C ASN B 131 -23.17 19.55 19.93
N VAL B 132 -22.67 18.49 19.30
CA VAL B 132 -22.64 17.15 19.88
C VAL B 132 -21.24 16.57 19.64
N ILE B 133 -20.68 15.96 20.69
CA ILE B 133 -19.33 15.41 20.67
C ILE B 133 -19.33 14.08 21.42
N ALA B 134 -18.28 13.30 21.21
CA ALA B 134 -17.99 12.13 22.04
C ALA B 134 -16.89 12.47 23.03
N VAL B 135 -17.00 11.96 24.25
CA VAL B 135 -15.94 12.05 25.24
CA VAL B 135 -15.96 12.06 25.25
C VAL B 135 -15.58 10.64 25.68
N HIS B 136 -14.27 10.38 25.78
CA HIS B 136 -13.75 9.06 26.07
C HIS B 136 -12.98 9.08 27.38
N SER B 137 -13.27 8.12 28.27
CA SER B 137 -12.58 8.03 29.54
C SER B 137 -11.22 7.33 29.45
N GLN B 138 -11.03 6.49 28.43
CA GLN B 138 -9.89 5.56 28.37
C GLN B 138 -9.84 4.67 29.62
N THR B 139 -10.98 4.44 30.26
CA THR B 139 -11.09 3.53 31.39
C THR B 139 -12.41 2.77 31.32
N ILE B 140 -12.60 1.87 32.28
CA ILE B 140 -13.84 1.12 32.42
C ILE B 140 -15.00 2.00 32.87
N GLU B 141 -14.72 3.19 33.37
CA GLU B 141 -15.77 4.08 33.85
C GLU B 141 -16.34 4.91 32.70
N VAL B 142 -17.67 5.02 32.69
CA VAL B 142 -18.33 5.87 31.71
C VAL B 142 -17.96 7.31 32.05
N PRO B 143 -17.37 8.07 31.13
CA PRO B 143 -17.04 9.46 31.43
C PRO B 143 -18.28 10.32 31.57
N ASP B 144 -18.21 11.30 32.48
CA ASP B 144 -19.26 12.30 32.59
C ASP B 144 -19.18 13.27 31.42
N CYS B 145 -20.33 13.83 31.05
CA CYS B 145 -20.32 14.92 30.09
C CYS B 145 -19.71 16.15 30.76
N PRO B 146 -19.06 17.03 29.99
CA PRO B 146 -18.54 18.27 30.57
C PRO B 146 -19.65 19.10 31.18
N ASN B 147 -19.31 19.90 32.18
CA ASN B 147 -20.30 20.78 32.81
C ASN B 147 -21.02 21.59 31.74
N GLY B 148 -22.34 21.62 31.85
CA GLY B 148 -23.17 22.30 30.88
C GLY B 148 -23.55 21.49 29.67
N TRP B 149 -23.13 20.23 29.60
CA TRP B 149 -23.47 19.32 28.52
C TRP B 149 -24.33 18.17 29.07
N GLU B 150 -25.18 17.61 28.22
CA GLU B 150 -26.09 16.54 28.61
C GLU B 150 -25.82 15.30 27.77
N GLY B 151 -25.95 14.13 28.40
CA GLY B 151 -25.67 12.89 27.69
C GLY B 151 -26.82 12.48 26.77
N LEU B 152 -26.45 12.01 25.58
CA LEU B 152 -27.41 11.43 24.64
C LEU B 152 -27.35 9.92 24.59
N TRP B 153 -26.16 9.33 24.62
CA TRP B 153 -26.00 7.89 24.79
C TRP B 153 -24.59 7.60 25.28
N ILE B 154 -24.40 6.39 25.78
CA ILE B 154 -23.07 5.93 26.20
C ILE B 154 -22.69 4.73 25.35
N GLY B 155 -21.39 4.45 25.31
CA GLY B 155 -20.95 3.34 24.50
C GLY B 155 -19.51 2.94 24.74
N TYR B 156 -18.90 2.34 23.72
CA TYR B 156 -17.53 1.87 23.74
C TYR B 156 -16.72 2.59 22.67
N SER B 157 -15.44 2.82 22.97
CA SER B 157 -14.56 3.66 22.15
C SER B 157 -14.07 2.89 20.93
N PHE B 158 -14.69 3.15 19.78
CA PHE B 158 -14.42 2.45 18.53
C PHE B 158 -13.42 3.27 17.71
N LEU B 159 -12.23 2.73 17.47
CA LEU B 159 -11.12 3.52 16.93
C LEU B 159 -10.81 3.23 15.47
N MET B 160 -10.59 1.97 15.11
CA MET B 160 -10.19 1.65 13.75
C MET B 160 -10.76 0.30 13.34
N HIS B 161 -10.65 0.00 12.04
CA HIS B 161 -11.07 -1.28 11.50
C HIS B 161 -10.22 -1.61 10.28
N THR B 162 -9.99 -2.90 10.03
CA THR B 162 -9.45 -3.34 8.74
C THR B 162 -10.24 -4.54 8.25
N ALA B 163 -10.52 -4.58 6.95
CA ALA B 163 -11.19 -5.76 6.39
C ALA B 163 -10.19 -6.86 6.06
N VAL B 164 -9.06 -6.48 5.47
CA VAL B 164 -8.02 -7.41 5.07
C VAL B 164 -6.79 -6.55 4.80
N GLY B 165 -5.62 -7.09 5.12
CA GLY B 165 -4.39 -6.34 4.88
C GLY B 165 -4.41 -5.05 5.67
N ASN B 166 -4.06 -3.93 5.02
CA ASN B 166 -4.21 -2.63 5.66
C ASN B 166 -5.32 -1.80 5.03
N GLY B 167 -6.30 -2.46 4.39
CA GLY B 167 -7.49 -1.77 3.93
C GLY B 167 -8.49 -1.61 5.05
N GLY B 168 -8.98 -0.39 5.25
CA GLY B 168 -9.85 -0.13 6.38
C GLY B 168 -9.97 1.34 6.63
N GLY B 169 -10.01 1.76 7.90
CA GLY B 169 -10.14 3.16 8.22
C GLY B 169 -10.27 3.34 9.72
N GLY B 170 -10.75 4.53 10.12
CA GLY B 170 -10.91 4.78 11.54
C GLY B 170 -11.80 5.98 11.78
N GLN B 171 -12.20 6.13 13.04
CA GLN B 171 -13.09 7.20 13.45
C GLN B 171 -12.32 8.36 14.07
N ALA B 172 -12.89 9.55 13.96
CA ALA B 172 -12.44 10.71 14.71
C ALA B 172 -12.96 10.61 16.13
N LEU B 173 -12.06 10.73 17.12
CA LEU B 173 -12.50 10.50 18.48
C LEU B 173 -13.36 11.63 19.04
N GLN B 174 -13.43 12.79 18.37
CA GLN B 174 -14.46 13.77 18.73
C GLN B 174 -15.84 13.34 18.25
N SER B 175 -15.89 12.54 17.19
CA SER B 175 -17.15 12.24 16.53
C SER B 175 -17.97 11.24 17.34
N PRO B 176 -19.30 11.40 17.37
CA PRO B 176 -20.14 10.35 17.98
C PRO B 176 -19.94 9.01 17.31
N GLY B 177 -19.41 8.97 16.08
CA GLY B 177 -19.13 7.70 15.41
C GLY B 177 -18.07 6.87 16.07
N SER B 178 -17.25 7.47 16.93
CA SER B 178 -16.27 6.71 17.71
C SER B 178 -16.88 6.13 18.99
N CYS B 179 -18.18 6.29 19.21
CA CYS B 179 -18.83 5.83 20.43
C CYS B 179 -20.02 4.95 20.05
N LEU B 180 -19.77 3.65 19.88
CA LEU B 180 -20.82 2.72 19.52
C LEU B 180 -21.49 2.18 20.77
N GLU B 181 -22.83 2.15 20.75
CA GLU B 181 -23.57 1.68 21.91
C GLU B 181 -23.30 0.20 22.19
N ASP B 182 -23.06 -0.60 21.15
CA ASP B 182 -22.87 -2.03 21.27
C ASP B 182 -21.44 -2.41 20.88
N PHE B 183 -20.73 -3.04 21.80
CA PHE B 183 -19.41 -3.56 21.50
C PHE B 183 -19.53 -4.88 20.75
N ARG B 184 -18.87 -4.97 19.59
CA ARG B 184 -18.82 -6.18 18.79
C ARG B 184 -17.40 -6.34 18.26
N ALA B 185 -16.86 -7.56 18.34
CA ALA B 185 -15.53 -7.79 17.77
C ALA B 185 -15.50 -7.54 16.28
N THR B 186 -16.62 -7.81 15.59
CA THR B 186 -16.75 -7.64 14.14
C THR B 186 -17.95 -6.73 13.90
N PRO B 187 -17.78 -5.42 14.04
CA PRO B 187 -18.94 -4.51 14.00
C PRO B 187 -19.39 -4.14 12.59
N PHE B 188 -18.79 -4.71 11.55
CA PHE B 188 -19.13 -4.37 10.18
C PHE B 188 -19.14 -5.63 9.33
N ILE B 189 -19.83 -5.57 8.19
CA ILE B 189 -19.94 -6.71 7.28
C ILE B 189 -19.40 -6.24 5.92
N GLU B 190 -18.91 -7.19 5.12
CA GLU B 190 -18.27 -6.88 3.83
C GLU B 190 -19.14 -7.38 2.70
N CYS B 191 -19.47 -6.50 1.75
CA CYS B 191 -20.28 -6.91 0.61
C CYS B 191 -19.44 -6.88 -0.66
N ASN B 192 -19.47 -7.99 -1.40
CA ASN B 192 -18.91 -8.08 -2.75
C ASN B 192 -19.90 -7.40 -3.69
N GLY B 193 -19.52 -6.22 -4.19
CA GLY B 193 -20.45 -5.37 -4.89
C GLY B 193 -21.21 -6.06 -6.01
N ALA B 194 -20.48 -6.61 -6.97
CA ALA B 194 -21.10 -7.15 -8.17
C ALA B 194 -21.76 -8.51 -7.93
N LYS B 195 -21.22 -9.34 -7.03
CA LYS B 195 -21.87 -10.62 -6.74
C LYS B 195 -23.12 -10.46 -5.89
N GLY B 196 -23.30 -9.30 -5.27
CA GLY B 196 -24.49 -9.07 -4.46
C GLY B 196 -24.56 -9.90 -3.20
N THR B 197 -23.42 -10.31 -2.66
CA THR B 197 -23.37 -11.08 -1.42
C THR B 197 -22.63 -10.30 -0.35
N CYS B 198 -22.91 -10.60 0.91
CA CYS B 198 -22.19 -10.02 2.02
C CYS B 198 -21.75 -11.14 2.96
N HIS B 199 -20.67 -10.92 3.68
CA HIS B 199 -20.13 -11.99 4.51
C HIS B 199 -19.18 -11.41 5.54
N PHE B 200 -18.84 -12.25 6.51
CA PHE B 200 -17.79 -11.96 7.48
C PHE B 200 -16.58 -12.84 7.15
N TYR B 201 -15.40 -12.23 7.18
CA TYR B 201 -14.16 -12.94 6.89
C TYR B 201 -13.25 -12.93 8.11
N GLU B 202 -12.45 -14.00 8.24
CA GLU B 202 -11.61 -14.17 9.41
C GLU B 202 -10.59 -13.04 9.55
N THR B 203 -10.20 -12.38 8.46
CA THR B 203 -9.22 -11.31 8.58
C THR B 203 -9.81 -10.02 9.12
N MET B 204 -11.13 -9.88 9.20
CA MET B 204 -11.70 -8.63 9.69
C MET B 204 -11.31 -8.39 11.13
N THR B 205 -10.81 -7.18 11.39
CA THR B 205 -10.29 -6.81 12.69
C THR B 205 -10.91 -5.49 13.12
N SER B 206 -11.25 -5.36 14.39
CA SER B 206 -11.61 -4.08 14.96
C SER B 206 -10.56 -3.66 15.99
N PHE B 207 -10.43 -2.35 16.18
CA PHE B 207 -9.51 -1.80 17.17
C PHE B 207 -10.29 -0.85 18.05
N TRP B 208 -10.16 -1.03 19.37
CA TRP B 208 -10.92 -0.29 20.37
C TRP B 208 -9.94 0.34 21.35
N MET B 209 -10.22 1.57 21.79
CA MET B 209 -9.38 2.18 22.80
C MET B 209 -9.42 1.34 24.08
N TYR B 210 -8.28 1.26 24.76
CA TYR B 210 -8.05 0.30 25.83
C TYR B 210 -8.32 0.95 27.19
N ASN B 211 -8.75 0.11 28.15
CA ASN B 211 -9.02 0.56 29.51
C ASN B 211 -7.69 0.65 30.26
N LEU B 212 -7.26 1.87 30.55
CA LEU B 212 -5.96 2.14 31.16
C LEU B 212 -6.02 2.30 32.68
N GLU B 213 -7.12 1.89 33.31
CA GLU B 213 -7.32 2.19 34.72
C GLU B 213 -6.14 1.72 35.58
N SER B 214 -5.63 0.53 35.33
CA SER B 214 -4.59 -0.05 36.19
C SER B 214 -3.22 0.07 35.54
N SER B 215 -2.80 1.32 35.31
CA SER B 215 -1.52 1.57 34.67
C SER B 215 -1.13 3.03 34.86
N GLN B 216 0.17 3.26 35.05
CA GLN B 216 0.76 4.60 35.07
C GLN B 216 1.15 5.02 33.66
N PRO B 217 1.04 6.32 33.33
CA PRO B 217 1.04 6.72 31.91
C PRO B 217 2.31 6.38 31.15
N PHE B 218 3.48 6.55 31.78
CA PHE B 218 4.75 6.37 31.10
C PHE B 218 5.45 5.11 31.57
N GLU B 219 4.68 4.12 32.02
CA GLU B 219 5.16 2.77 32.26
C GLU B 219 4.82 1.88 31.06
N ARG B 220 5.59 0.82 30.90
CA ARG B 220 5.49 -0.05 29.73
C ARG B 220 4.09 -0.67 29.62
N PRO B 221 3.51 -0.71 28.43
CA PRO B 221 2.23 -1.43 28.25
C PRO B 221 2.34 -2.88 28.67
N GLN B 222 1.38 -3.32 29.49
CA GLN B 222 1.38 -4.70 29.98
C GLN B 222 0.51 -5.52 29.04
N GLN B 223 1.16 -6.29 28.17
CA GLN B 223 0.45 -7.00 27.10
C GLN B 223 -0.51 -8.03 27.68
N GLN B 224 -1.62 -8.24 26.97
CA GLN B 224 -2.66 -9.16 27.44
C GLN B 224 -3.34 -9.82 26.24
N THR B 225 -3.74 -11.08 26.43
CA THR B 225 -4.68 -11.76 25.54
C THR B 225 -5.98 -11.97 26.32
N ILE B 226 -7.09 -11.50 25.76
CA ILE B 226 -8.38 -11.40 26.46
C ILE B 226 -9.43 -12.22 25.72
N LYS B 227 -10.14 -13.09 26.45
CA LYS B 227 -11.06 -14.03 25.82
C LYS B 227 -12.50 -13.67 26.11
N ALA B 228 -13.39 -14.00 25.17
CA ALA B 228 -14.84 -14.08 25.39
C ALA B 228 -15.38 -13.01 26.34
N GLY B 229 -15.76 -13.42 27.55
CA GLY B 229 -16.51 -12.56 28.44
C GLY B 229 -15.71 -11.45 29.09
N GLU B 230 -14.38 -11.57 29.13
CA GLU B 230 -13.59 -10.53 29.77
C GLU B 230 -13.25 -9.38 28.82
N ARG B 231 -13.65 -9.46 27.55
CA ARG B 231 -13.25 -8.42 26.60
C ARG B 231 -13.88 -7.08 26.93
N GLN B 232 -15.15 -7.08 27.31
CA GLN B 232 -15.86 -5.82 27.55
C GLN B 232 -15.18 -4.98 28.63
N SER B 233 -14.66 -5.63 29.68
CA SER B 233 -14.05 -4.91 30.79
C SER B 233 -12.68 -4.31 30.44
N HIS B 234 -12.15 -4.57 29.26
CA HIS B 234 -10.89 -3.96 28.82
C HIS B 234 -11.09 -2.86 27.79
N VAL B 235 -12.33 -2.50 27.48
CA VAL B 235 -12.63 -1.50 26.46
C VAL B 235 -12.85 -0.16 27.14
N SER B 236 -12.29 0.89 26.55
CA SER B 236 -12.54 2.25 27.00
C SER B 236 -14.01 2.61 26.79
N ARG B 237 -14.58 3.36 27.73
CA ARG B 237 -15.97 3.79 27.62
C ARG B 237 -16.06 5.24 27.14
N CYS B 238 -17.23 5.59 26.64
CA CYS B 238 -17.45 6.92 26.09
C CYS B 238 -18.90 7.32 26.32
N GLN B 239 -19.14 8.63 26.26
CA GLN B 239 -20.49 9.19 26.29
C GLN B 239 -20.59 10.24 25.19
N VAL B 240 -21.71 10.25 24.51
CA VAL B 240 -21.99 11.25 23.48
C VAL B 240 -22.83 12.34 24.14
N CYS B 241 -22.35 13.58 24.04
CA CYS B 241 -22.82 14.70 24.85
C CYS B 241 -23.27 15.85 23.97
N MET B 242 -24.39 16.47 24.32
CA MET B 242 -24.87 17.66 23.65
C MET B 242 -24.80 18.86 24.58
N LYS B 243 -24.33 19.98 24.05
CA LYS B 243 -24.29 21.22 24.82
C LYS B 243 -25.70 21.65 25.18
N ASN B 244 -25.87 22.15 26.40
CA ASN B 244 -27.18 22.62 26.84
C ASN B 244 -27.26 24.15 26.78
N SER B 257 -25.06 29.33 24.52
CA SER B 257 -23.97 28.87 23.64
C SER B 257 -24.27 27.50 23.03
N ARG B 258 -23.98 27.37 21.73
CA ARG B 258 -24.10 26.08 21.06
C ARG B 258 -22.94 25.15 21.36
N GLY B 259 -21.88 25.66 21.98
CA GLY B 259 -20.78 24.81 22.42
C GLY B 259 -19.93 24.19 21.33
N PHE B 260 -19.49 24.97 20.36
CA PHE B 260 -18.48 24.46 19.44
C PHE B 260 -17.17 24.29 20.19
N ILE B 261 -16.38 23.30 19.78
CA ILE B 261 -15.15 23.02 20.50
C ILE B 261 -13.99 22.91 19.54
N PHE B 262 -12.79 23.05 20.10
CA PHE B 262 -11.56 22.89 19.34
C PHE B 262 -10.47 22.46 20.31
N ALA B 263 -9.41 21.86 19.77
CA ALA B 263 -8.21 21.56 20.52
C ALA B 263 -7.14 22.60 20.24
N ARG B 264 -6.25 22.79 21.20
CA ARG B 264 -5.08 23.65 21.04
C ARG B 264 -3.88 22.92 21.63
N HIS B 265 -2.76 22.92 20.91
CA HIS B 265 -1.58 22.15 21.28
C HIS B 265 -0.41 23.08 21.56
N SER B 266 0.36 22.76 22.59
CA SER B 266 1.50 23.59 22.96
C SER B 266 2.77 23.22 22.22
N GLN B 267 2.87 21.99 21.71
CA GLN B 267 4.12 21.44 21.18
C GLN B 267 5.23 21.53 22.22
N SER B 268 4.86 21.39 23.49
CA SER B 268 5.81 21.47 24.60
C SER B 268 5.19 20.75 25.78
N VAL B 269 5.95 20.64 26.88
CA VAL B 269 5.40 20.00 28.08
C VAL B 269 4.49 20.92 28.86
N HIS B 270 4.41 22.19 28.49
CA HIS B 270 3.51 23.12 29.14
C HIS B 270 2.09 22.95 28.61
N VAL B 271 1.11 23.00 29.51
CA VAL B 271 -0.28 22.89 29.07
C VAL B 271 -0.71 24.22 28.49
N PRO B 272 -1.20 24.29 27.26
CA PRO B 272 -1.59 25.58 26.69
C PRO B 272 -2.83 26.13 27.37
N GLN B 273 -3.10 27.41 27.10
CA GLN B 273 -4.27 28.08 27.64
C GLN B 273 -5.36 28.16 26.59
N CYS B 274 -6.61 28.14 27.04
CA CYS B 274 -7.71 28.43 26.13
C CYS B 274 -7.69 29.92 25.76
N PRO B 275 -7.84 30.26 24.48
CA PRO B 275 -7.90 31.67 24.08
C PRO B 275 -9.05 32.40 24.75
N ALA B 276 -8.99 33.74 24.66
CA ALA B 276 -10.04 34.56 25.22
C ALA B 276 -11.38 34.20 24.62
N ASN B 277 -12.45 34.39 25.39
CA ASN B 277 -13.81 34.10 24.95
C ASN B 277 -14.03 32.62 24.63
N THR B 278 -13.17 31.74 25.16
CA THR B 278 -13.39 30.31 25.11
C THR B 278 -13.08 29.74 26.50
N ASN B 279 -13.66 28.57 26.79
CA ASN B 279 -13.62 28.01 28.13
C ASN B 279 -13.11 26.58 28.13
N LEU B 280 -12.31 26.24 29.14
CA LEU B 280 -11.62 24.96 29.20
C LEU B 280 -12.58 23.83 29.53
N LEU B 281 -12.51 22.75 28.73
CA LEU B 281 -13.21 21.50 29.03
C LEU B 281 -12.30 20.46 29.68
N TRP B 282 -11.14 20.19 29.08
CA TRP B 282 -10.17 19.30 29.72
C TRP B 282 -8.79 19.57 29.13
N GLU B 283 -7.77 19.07 29.82
CA GLU B 283 -6.39 19.08 29.34
C GLU B 283 -5.95 17.66 29.07
N GLY B 284 -4.95 17.51 28.21
CA GLY B 284 -4.50 16.17 27.86
C GLY B 284 -3.19 16.13 27.10
N TYR B 285 -3.01 15.06 26.32
CA TYR B 285 -1.80 14.81 25.55
C TYR B 285 -2.14 14.77 24.07
N SER B 286 -1.23 15.30 23.24
CA SER B 286 -1.49 15.55 21.82
C SER B 286 -1.36 14.28 21.00
N LEU B 287 -2.49 13.68 20.63
CA LEU B 287 -2.52 12.46 19.82
C LEU B 287 -2.65 12.83 18.35
N SER B 288 -1.63 12.47 17.55
CA SER B 288 -1.63 12.72 16.11
CA SER B 288 -1.67 12.75 16.11
C SER B 288 -2.34 11.64 15.31
N GLY B 289 -2.34 10.40 15.80
CA GLY B 289 -2.94 9.32 15.04
C GLY B 289 -2.49 7.98 15.58
N ASN B 290 -2.91 6.93 14.88
CA ASN B 290 -2.60 5.55 15.23
C ASN B 290 -2.27 4.78 13.97
N VAL B 291 -1.39 3.78 14.10
CA VAL B 291 -0.99 2.96 12.96
C VAL B 291 -1.26 1.51 13.35
N ALA B 292 -2.39 0.96 12.92
CA ALA B 292 -2.79 -0.40 13.27
C ALA B 292 -2.90 -1.22 12.00
N ALA B 293 -2.37 -2.44 12.05
CA ALA B 293 -2.28 -3.30 10.87
C ALA B 293 -1.77 -2.54 9.65
N SER B 294 -0.72 -1.73 9.86
CA SER B 294 0.00 -1.04 8.80
C SER B 294 -0.85 0.02 8.11
N ARG B 295 -1.87 0.56 8.78
CA ARG B 295 -2.63 1.69 8.23
C ARG B 295 -2.59 2.83 9.24
N ALA B 296 -2.03 3.97 8.83
CA ALA B 296 -2.06 5.17 9.67
C ALA B 296 -3.38 5.89 9.51
N VAL B 297 -4.06 6.15 10.63
CA VAL B 297 -5.28 6.95 10.63
C VAL B 297 -5.05 8.12 11.57
N GLY B 298 -5.17 9.33 11.03
CA GLY B 298 -4.90 10.52 11.84
C GLY B 298 -6.09 11.00 12.64
N GLN B 299 -5.78 11.72 13.72
CA GLN B 299 -6.76 12.54 14.43
C GLN B 299 -6.50 13.98 14.03
N ASP B 300 -7.51 14.65 13.48
CA ASP B 300 -7.33 16.05 13.10
C ASP B 300 -6.95 16.86 14.35
N LEU B 301 -5.85 17.62 14.23
CA LEU B 301 -5.32 18.30 15.41
C LEU B 301 -6.18 19.46 15.87
N GLY B 302 -7.23 19.82 15.12
CA GLY B 302 -8.16 20.82 15.61
C GLY B 302 -9.32 20.26 16.39
N GLN B 303 -9.47 18.94 16.42
CA GLN B 303 -10.61 18.28 17.06
C GLN B 303 -10.21 17.68 18.41
N SER B 304 -11.23 17.41 19.24
CA SER B 304 -10.95 16.93 20.59
C SER B 304 -10.35 15.53 20.58
N GLY B 305 -10.48 14.79 19.48
CA GLY B 305 -9.86 13.48 19.37
C GLY B 305 -8.35 13.50 19.39
N SER B 306 -7.75 14.67 19.16
CA SER B 306 -6.30 14.83 19.24
C SER B 306 -5.83 15.18 20.64
N CYS B 307 -6.71 15.19 21.64
CA CYS B 307 -6.34 15.55 23.01
C CYS B 307 -6.85 14.47 23.96
N MET B 308 -5.98 13.49 24.23
CA MET B 308 -6.31 12.35 25.10
C MET B 308 -5.98 12.68 26.55
N MET B 309 -6.88 12.26 27.44
CA MET B 309 -6.65 12.54 28.85
C MET B 309 -5.50 11.71 29.41
N ARG B 310 -5.27 10.53 28.86
CA ARG B 310 -4.23 9.64 29.32
C ARG B 310 -3.29 9.31 28.19
N PHE B 311 -1.99 9.53 28.41
CA PHE B 311 -0.99 9.13 27.42
C PHE B 311 -0.64 7.66 27.61
N THR B 312 -0.40 6.98 26.49
CA THR B 312 0.25 5.68 26.50
C THR B 312 0.79 5.41 25.12
N THR B 313 1.83 4.58 25.05
CA THR B 313 2.38 4.23 23.74
C THR B 313 1.46 3.31 22.94
N MET B 314 0.48 2.66 23.60
CA MET B 314 -0.45 1.77 22.89
C MET B 314 -1.85 2.02 23.45
N PRO B 315 -2.60 2.94 22.85
CA PRO B 315 -3.90 3.32 23.41
C PRO B 315 -5.04 2.38 23.06
N TYR B 316 -4.82 1.35 22.25
CA TYR B 316 -5.91 0.50 21.79
C TYR B 316 -5.49 -0.97 21.79
N MET B 317 -6.49 -1.84 21.65
CA MET B 317 -6.27 -3.27 21.43
C MET B 317 -6.95 -3.68 20.13
N LEU B 318 -6.58 -4.87 19.63
CA LEU B 318 -7.21 -5.45 18.45
C LEU B 318 -8.14 -6.58 18.91
N CYS B 319 -9.25 -6.75 18.19
CA CYS B 319 -10.23 -7.78 18.52
C CYS B 319 -10.58 -8.55 17.25
N ASP B 320 -10.59 -9.88 17.34
CA ASP B 320 -10.75 -10.71 16.15
C ASP B 320 -12.10 -11.41 16.14
N ILE B 321 -12.37 -12.10 15.02
CA ILE B 321 -13.69 -12.67 14.77
C ILE B 321 -14.00 -13.85 15.68
N THR B 322 -13.01 -14.41 16.36
CA THR B 322 -13.21 -15.52 17.27
C THR B 322 -13.34 -15.06 18.72
N ASN B 323 -13.70 -13.79 18.95
CA ASN B 323 -13.95 -13.25 20.28
C ASN B 323 -12.71 -13.35 21.17
N VAL B 324 -11.55 -13.10 20.58
CA VAL B 324 -10.29 -12.91 21.29
C VAL B 324 -9.82 -11.50 20.99
N CYS B 325 -9.34 -10.79 22.00
CA CYS B 325 -8.67 -9.50 21.78
C CYS B 325 -7.24 -9.59 22.27
N HIS B 326 -6.33 -8.90 21.59
CA HIS B 326 -4.91 -8.86 21.96
C HIS B 326 -4.51 -7.43 22.19
N PHE B 327 -3.89 -7.16 23.35
CA PHE B 327 -3.38 -5.84 23.69
C PHE B 327 -1.87 -5.88 23.71
N ALA B 328 -1.23 -5.11 22.82
CA ALA B 328 0.21 -4.95 22.77
C ALA B 328 0.94 -6.28 22.59
N GLN B 329 0.30 -7.25 21.95
CA GLN B 329 0.96 -8.53 21.67
C GLN B 329 1.69 -8.54 20.34
N ASN B 330 1.18 -7.85 19.34
CA ASN B 330 1.82 -7.75 18.06
C ASN B 330 2.37 -6.33 17.87
N ASN B 331 2.56 -5.91 16.62
CA ASN B 331 3.45 -4.78 16.33
C ASN B 331 2.68 -3.61 15.72
N ASP B 332 2.01 -2.83 16.57
CA ASP B 332 1.29 -1.64 16.13
C ASP B 332 1.84 -0.39 16.82
N ASP B 333 1.33 0.78 16.40
CA ASP B 333 1.95 2.04 16.77
C ASP B 333 0.90 3.10 17.13
N SER B 334 1.38 4.11 17.84
CA SER B 334 0.63 5.37 17.99
C SER B 334 1.55 6.52 17.60
N LEU B 335 0.93 7.66 17.26
CA LEU B 335 1.66 8.85 16.83
C LEU B 335 1.25 10.01 17.72
N TRP B 336 2.23 10.73 18.23
CA TRP B 336 1.98 11.86 19.12
C TRP B 336 2.70 13.10 18.62
N LEU B 337 2.02 14.25 18.71
CA LEU B 337 2.70 15.51 18.47
C LEU B 337 3.76 15.71 19.54
N SER B 338 4.95 16.16 19.13
CA SER B 338 6.09 16.16 20.03
C SER B 338 6.55 17.57 20.41
N THR B 339 7.41 17.59 21.42
CA THR B 339 8.05 18.80 21.94
C THR B 339 9.34 19.04 21.18
N ALA B 340 10.06 20.10 21.54
CA ALA B 340 11.34 20.37 20.91
C ALA B 340 12.50 19.67 21.61
N GLU B 341 12.21 18.72 22.50
CA GLU B 341 13.26 18.03 23.24
C GLU B 341 14.18 17.29 22.26
N PRO B 342 15.51 17.44 22.38
CA PRO B 342 16.40 16.75 21.45
C PRO B 342 16.39 15.24 21.66
N MET B 343 16.55 14.50 20.56
CA MET B 343 16.86 13.08 20.65
C MET B 343 18.15 12.90 21.45
N PRO B 344 18.29 11.79 22.17
CA PRO B 344 19.61 11.45 22.72
C PRO B 344 20.63 11.30 21.59
N MET B 345 21.87 11.69 21.87
CA MET B 345 22.91 11.63 20.84
C MET B 345 23.13 10.21 20.35
N THR B 346 22.91 9.22 21.22
CA THR B 346 23.00 7.81 20.83
C THR B 346 21.91 7.39 19.85
N MET B 347 20.88 8.22 19.66
CA MET B 347 19.76 7.94 18.76
C MET B 347 18.99 6.68 19.14
N THR B 348 19.06 6.27 20.41
CA THR B 348 18.31 5.09 20.83
C THR B 348 16.89 5.47 21.22
N PRO B 349 15.94 4.54 21.11
CA PRO B 349 14.54 4.89 21.42
C PRO B 349 14.38 5.29 22.87
N ILE B 350 13.38 6.12 23.11
CA ILE B 350 13.10 6.68 24.42
C ILE B 350 12.05 5.83 25.11
N GLN B 351 12.22 5.61 26.41
CA GLN B 351 11.39 4.68 27.14
C GLN B 351 11.07 5.25 28.51
N GLY B 352 9.93 4.83 29.07
CA GLY B 352 9.67 5.09 30.48
C GLY B 352 9.38 6.55 30.78
N ARG B 353 9.80 6.96 31.98
CA ARG B 353 9.52 8.33 32.44
C ARG B 353 10.13 9.37 31.50
N ASP B 354 11.23 9.02 30.82
CA ASP B 354 11.84 9.94 29.86
C ASP B 354 10.86 10.36 28.75
N LEU B 355 9.82 9.57 28.50
CA LEU B 355 8.88 9.91 27.44
C LEU B 355 8.13 11.20 27.71
N MET B 356 7.91 11.53 28.99
CA MET B 356 7.17 12.75 29.34
C MET B 356 7.74 13.97 28.65
N LYS B 357 9.07 14.03 28.51
CA LYS B 357 9.73 15.20 27.94
C LYS B 357 9.39 15.40 26.46
N TYR B 358 8.88 14.37 25.79
CA TYR B 358 8.74 14.38 24.35
C TYR B 358 7.31 14.59 23.86
N ILE B 359 6.31 14.46 24.73
CA ILE B 359 4.91 14.42 24.30
C ILE B 359 4.30 15.80 24.50
N SER B 360 3.74 16.37 23.43
CA SER B 360 3.08 17.66 23.51
C SER B 360 1.81 17.58 24.35
N ARG B 361 1.45 18.70 24.98
CA ARG B 361 0.25 18.81 25.79
C ARG B 361 -0.79 19.63 25.03
N CYS B 362 -2.05 19.54 25.48
CA CYS B 362 -3.15 20.17 24.77
C CYS B 362 -4.28 20.51 25.74
N VAL B 363 -5.19 21.36 25.26
CA VAL B 363 -6.47 21.61 25.91
C VAL B 363 -7.57 21.49 24.87
N VAL B 364 -8.78 21.23 25.35
CA VAL B 364 -9.99 21.28 24.56
C VAL B 364 -10.85 22.39 25.14
N CYS B 365 -11.28 23.32 24.28
CA CYS B 365 -12.00 24.53 24.68
C CYS B 365 -13.35 24.61 23.98
N GLU B 366 -14.34 25.19 24.67
CA GLU B 366 -15.65 25.43 24.08
C GLU B 366 -15.84 26.92 23.81
N THR B 367 -16.60 27.21 22.76
CA THR B 367 -16.78 28.57 22.28
C THR B 367 -18.19 28.68 21.68
N THR B 368 -18.70 29.91 21.66
CA THR B 368 -20.05 30.13 21.13
C THR B 368 -20.10 30.07 19.62
N THR B 369 -18.95 30.19 18.96
CA THR B 369 -18.90 30.33 17.52
C THR B 369 -17.87 29.35 16.97
N ARG B 370 -17.83 29.24 15.65
CA ARG B 370 -16.96 28.29 14.98
C ARG B 370 -15.56 28.89 14.78
N ILE B 371 -14.60 27.99 14.54
CA ILE B 371 -13.18 28.28 14.47
C ILE B 371 -12.69 27.93 13.08
N ILE B 372 -11.84 28.79 12.49
CA ILE B 372 -11.28 28.52 11.17
C ILE B 372 -9.78 28.86 11.17
N ALA B 373 -9.08 28.30 10.19
CA ALA B 373 -7.70 28.68 9.92
C ALA B 373 -7.62 29.31 8.54
N LEU B 374 -6.76 30.33 8.42
CA LEU B 374 -6.46 31.00 7.16
C LEU B 374 -4.99 30.86 6.88
N HIS B 375 -4.63 30.59 5.62
CA HIS B 375 -3.23 30.38 5.23
C HIS B 375 -2.83 31.42 4.19
N SER B 376 -1.74 32.12 4.44
CA SER B 376 -1.33 33.19 3.54
C SER B 376 -0.52 32.71 2.35
N GLN B 377 0.06 31.51 2.43
CA GLN B 377 1.02 31.04 1.43
C GLN B 377 2.11 32.09 1.20
N SER B 378 2.51 32.77 2.28
CA SER B 378 3.53 33.80 2.19
C SER B 378 4.11 34.02 3.59
N MET B 379 5.11 34.89 3.66
CA MET B 379 5.65 35.27 4.97
C MET B 379 4.75 36.23 5.72
N SER B 380 3.74 36.81 5.07
CA SER B 380 2.77 37.64 5.77
C SER B 380 1.86 36.77 6.63
N ILE B 381 1.53 37.26 7.81
CA ILE B 381 0.54 36.60 8.67
C ILE B 381 -0.83 37.09 8.25
N PRO B 382 -1.77 36.21 7.90
CA PRO B 382 -3.06 36.70 7.39
C PRO B 382 -3.92 37.30 8.50
N ASP B 383 -4.74 38.28 8.12
CA ASP B 383 -5.69 38.88 9.03
C ASP B 383 -7.00 38.09 9.02
N CYS B 384 -7.68 38.08 10.17
CA CYS B 384 -8.97 37.42 10.23
C CYS B 384 -9.97 38.22 9.41
N PRO B 385 -10.96 37.55 8.80
CA PRO B 385 -11.97 38.28 8.02
C PRO B 385 -12.77 39.20 8.94
N GLY B 386 -13.45 40.17 8.31
CA GLY B 386 -14.30 41.07 9.05
C GLY B 386 -15.31 40.34 9.91
N GLY B 387 -15.37 40.68 11.20
CA GLY B 387 -16.26 39.99 12.12
C GLY B 387 -15.65 38.81 12.83
N TRP B 388 -14.37 38.52 12.60
CA TRP B 388 -13.69 37.40 13.23
C TRP B 388 -12.52 37.92 14.06
N GLU B 389 -12.15 37.18 15.11
CA GLU B 389 -11.09 37.60 16.01
C GLU B 389 -10.00 36.53 16.08
N GLU B 390 -8.75 37.00 16.18
CA GLU B 390 -7.59 36.12 16.13
C GLU B 390 -7.39 35.41 17.46
N MET B 391 -7.19 34.10 17.41
CA MET B 391 -6.85 33.31 18.59
C MET B 391 -5.37 32.96 18.68
N TRP B 392 -4.74 32.56 17.57
CA TRP B 392 -3.29 32.40 17.55
C TRP B 392 -2.81 32.45 16.11
N THR B 393 -1.49 32.55 15.95
CA THR B 393 -0.87 32.51 14.63
C THR B 393 0.16 31.39 14.62
N GLY B 394 0.55 30.99 13.42
CA GLY B 394 1.53 29.93 13.35
C GLY B 394 1.99 29.63 11.94
N TYR B 395 2.27 28.36 11.67
CA TYR B 395 2.80 27.90 10.40
C TYR B 395 1.90 26.81 9.82
N SER B 396 1.82 26.79 8.48
CA SER B 396 0.83 25.98 7.76
C SER B 396 1.28 24.52 7.67
N TYR B 397 0.74 23.68 8.56
CA TYR B 397 1.06 22.26 8.64
C TYR B 397 0.06 21.42 7.85
N PHE B 398 0.56 20.64 6.89
CA PHE B 398 -0.29 19.91 5.94
C PHE B 398 -0.41 18.42 6.26
N MET B 399 0.70 17.70 6.42
CA MET B 399 0.60 16.27 6.72
C MET B 399 1.95 15.74 7.22
N SER B 400 1.91 14.55 7.81
CA SER B 400 3.09 13.74 8.08
C SER B 400 2.95 12.42 7.34
N THR B 401 4.04 11.91 6.78
CA THR B 401 4.00 10.64 6.05
C THR B 401 4.94 9.65 6.74
N LEU B 402 4.68 8.36 6.51
CA LEU B 402 5.47 7.30 7.11
C LEU B 402 5.69 6.22 6.07
N ASP B 403 6.62 5.30 6.32
CA ASP B 403 6.99 4.34 5.28
C ASP B 403 6.05 3.13 5.29
N ASN B 404 5.29 3.01 4.20
CA ASN B 404 4.46 1.86 3.84
C ASN B 404 3.21 1.74 4.70
N VAL B 405 2.86 2.78 5.44
CA VAL B 405 1.58 2.82 6.14
C VAL B 405 0.78 4.05 5.79
N GLY B 406 1.26 4.88 4.86
CA GLY B 406 0.50 6.05 4.43
C GLY B 406 0.93 7.30 5.14
N GLY B 407 0.00 7.95 5.83
CA GLY B 407 0.30 9.18 6.53
C GLY B 407 -0.93 9.70 7.25
N VAL B 408 -0.76 10.85 7.91
CA VAL B 408 -1.85 11.53 8.62
C VAL B 408 -1.80 13.01 8.24
N GLY B 409 -2.94 13.58 7.85
CA GLY B 409 -2.97 14.93 7.33
C GLY B 409 -4.03 15.77 8.03
N GLN B 410 -3.92 17.09 7.83
CA GLN B 410 -4.84 18.05 8.42
C GLN B 410 -5.77 18.63 7.37
N ASN B 411 -6.96 19.03 7.82
CA ASN B 411 -7.88 19.84 7.03
C ASN B 411 -7.38 21.28 7.05
N LEU B 412 -7.21 21.90 5.88
CA LEU B 412 -6.57 23.22 5.89
C LEU B 412 -7.49 24.33 6.42
N VAL B 413 -8.77 24.05 6.70
CA VAL B 413 -9.59 25.04 7.40
C VAL B 413 -9.60 24.77 8.91
N SER B 414 -9.08 23.64 9.35
CA SER B 414 -9.07 23.30 10.77
C SER B 414 -7.94 24.04 11.48
N PRO B 415 -8.14 24.44 12.74
CA PRO B 415 -7.01 25.01 13.49
C PRO B 415 -5.85 24.04 13.65
N GLY B 416 -6.08 22.73 13.47
CA GLY B 416 -5.00 21.76 13.49
C GLY B 416 -3.99 21.90 12.35
N SER B 417 -4.32 22.64 11.30
CA SER B 417 -3.38 22.93 10.23
C SER B 417 -2.52 24.15 10.55
N CYS B 418 -2.70 24.75 11.73
CA CYS B 418 -1.94 25.95 12.08
C CYS B 418 -1.22 25.69 13.41
N LEU B 419 0.02 25.22 13.31
CA LEU B 419 0.83 24.93 14.49
C LEU B 419 1.67 26.15 14.86
N GLU B 420 1.69 26.48 16.16
CA GLU B 420 2.37 27.71 16.58
C GLU B 420 3.87 27.64 16.34
N GLU B 421 4.46 26.44 16.36
CA GLU B 421 5.89 26.26 16.20
C GLU B 421 6.17 25.41 14.98
N PHE B 422 7.02 25.92 14.08
CA PHE B 422 7.51 25.09 12.98
C PHE B 422 8.47 24.03 13.50
N ARG B 423 8.32 22.82 13.01
CA ARG B 423 9.18 21.70 13.36
C ARG B 423 9.39 20.83 12.13
N ALA B 424 10.64 20.56 11.78
CA ALA B 424 10.87 19.58 10.72
C ALA B 424 10.32 18.22 11.09
N GLN B 425 10.34 17.87 12.38
CA GLN B 425 9.82 16.58 12.86
CA GLN B 425 9.82 16.58 12.86
C GLN B 425 8.82 16.87 13.97
N PRO B 426 7.57 17.17 13.61
CA PRO B 426 6.55 17.54 14.61
C PRO B 426 5.88 16.36 15.30
N VAL B 427 6.14 15.14 14.87
CA VAL B 427 5.42 13.96 15.33
C VAL B 427 6.43 12.89 15.69
N ILE B 428 6.20 12.18 16.80
CA ILE B 428 7.05 11.09 17.25
C ILE B 428 6.26 9.79 17.19
N GLU B 429 6.96 8.68 16.90
CA GLU B 429 6.30 7.39 16.70
C GLU B 429 6.50 6.51 17.94
N CYS B 430 5.42 5.91 18.44
CA CYS B 430 5.46 5.07 19.64
C CYS B 430 4.94 3.66 19.34
N HIS B 431 5.42 2.69 20.12
CA HIS B 431 5.14 1.29 19.84
C HIS B 431 4.47 0.59 21.00
N GLY B 432 3.75 -0.50 20.70
CA GLY B 432 3.27 -1.38 21.76
C GLY B 432 4.37 -1.80 22.72
N HIS B 433 5.62 -1.85 22.24
CA HIS B 433 6.75 -2.20 23.09
C HIS B 433 6.88 -1.27 24.29
N GLY B 434 6.38 -0.04 24.17
CA GLY B 434 6.53 0.94 25.23
C GLY B 434 7.65 1.93 25.05
N ARG B 435 8.07 2.19 23.81
CA ARG B 435 9.12 3.14 23.50
C ARG B 435 8.68 4.00 22.33
N CYS B 436 9.35 5.14 22.16
CA CYS B 436 9.06 6.05 21.06
C CYS B 436 10.38 6.54 20.47
N ASN B 437 10.35 6.94 19.19
CA ASN B 437 11.50 7.59 18.60
C ASN B 437 11.07 8.34 17.35
N TYR B 438 11.97 9.19 16.86
CA TYR B 438 11.91 9.62 15.48
C TYR B 438 12.59 8.55 14.62
N TYR B 439 11.96 8.21 13.51
CA TYR B 439 12.55 7.30 12.55
C TYR B 439 12.73 8.04 11.23
N ASP B 440 13.69 7.56 10.43
CA ASP B 440 14.13 8.32 9.26
C ASP B 440 13.00 8.58 8.27
N ALA B 441 12.07 7.65 8.14
CA ALA B 441 11.01 7.81 7.14
C ALA B 441 9.92 8.78 7.56
N LEU B 442 9.89 9.20 8.82
CA LEU B 442 8.89 10.17 9.27
CA LEU B 442 8.87 10.16 9.26
C LEU B 442 9.18 11.52 8.64
N ALA B 443 8.29 12.00 7.78
CA ALA B 443 8.50 13.28 7.12
C ALA B 443 7.33 14.20 7.39
N SER B 444 7.56 15.50 7.28
CA SER B 444 6.46 16.45 7.43
C SER B 444 6.33 17.29 6.17
N PHE B 445 5.11 17.75 5.91
CA PHE B 445 4.82 18.61 4.77
C PHE B 445 4.12 19.87 5.27
N TRP B 446 4.57 21.02 4.79
CA TRP B 446 4.04 22.32 5.17
C TRP B 446 3.69 23.06 3.89
N LEU B 447 2.64 23.90 3.94
CA LEU B 447 2.42 24.78 2.80
C LEU B 447 3.60 25.72 2.66
N THR B 448 4.02 25.94 1.41
CA THR B 448 5.18 26.78 1.15
C THR B 448 4.73 28.18 0.75
N VAL B 449 5.70 29.08 0.71
CA VAL B 449 5.46 30.43 0.20
C VAL B 449 5.33 30.36 -1.32
N ILE B 450 4.19 30.80 -1.84
CA ILE B 450 3.96 30.92 -3.29
CA ILE B 450 3.96 30.92 -3.29
C ILE B 450 3.61 32.37 -3.55
N GLU B 451 4.52 33.11 -4.18
CA GLU B 451 4.17 34.47 -4.56
C GLU B 451 3.16 34.43 -5.71
N GLU B 452 2.38 35.52 -5.85
CA GLU B 452 1.47 35.64 -6.98
C GLU B 452 2.16 35.30 -8.29
N GLN B 453 3.36 35.86 -8.49
CA GLN B 453 4.09 35.67 -9.73
C GLN B 453 4.70 34.29 -9.86
N ASP B 454 4.67 33.47 -8.81
CA ASP B 454 5.16 32.10 -8.89
C ASP B 454 4.10 31.13 -9.38
N GLN B 455 2.85 31.57 -9.53
CA GLN B 455 1.79 30.68 -9.97
C GLN B 455 1.99 30.36 -11.45
N PHE B 456 1.87 29.08 -11.79
CA PHE B 456 1.96 28.60 -13.16
C PHE B 456 3.37 28.78 -13.73
N VAL B 457 4.37 28.76 -12.85
CA VAL B 457 5.78 28.75 -13.21
C VAL B 457 6.38 27.47 -12.64
N GLN B 458 7.36 26.91 -13.33
CA GLN B 458 7.98 25.68 -12.85
C GLN B 458 8.63 25.93 -11.48
N PRO B 459 8.35 25.11 -10.47
CA PRO B 459 8.95 25.35 -9.15
C PRO B 459 10.47 25.32 -9.21
N ARG B 460 11.09 26.19 -8.42
CA ARG B 460 12.55 26.24 -8.35
C ARG B 460 13.03 25.37 -7.19
N GLN B 461 13.81 24.35 -7.49
CA GLN B 461 14.31 23.43 -6.46
C GLN B 461 15.13 24.16 -5.42
N GLN B 462 14.97 23.76 -4.16
CA GLN B 462 15.72 24.37 -3.07
C GLN B 462 15.85 23.37 -1.94
N THR B 463 17.07 23.19 -1.43
CA THR B 463 17.31 22.40 -0.24
C THR B 463 17.72 23.35 0.87
N LEU B 464 17.02 23.29 2.00
CA LEU B 464 17.18 24.26 3.09
CA LEU B 464 17.20 24.26 3.09
C LEU B 464 17.78 23.56 4.31
N LYS B 465 18.96 23.99 4.71
CA LYS B 465 19.58 23.53 5.96
C LYS B 465 19.46 24.58 7.05
N ALA B 466 18.91 25.74 6.71
CA ALA B 466 18.71 26.86 7.62
C ALA B 466 17.68 27.78 6.98
N ASP B 467 17.20 28.74 7.76
CA ASP B 467 16.28 29.76 7.25
C ASP B 467 15.01 29.12 6.66
N PHE B 468 14.49 28.12 7.37
CA PHE B 468 13.32 27.40 6.88
C PHE B 468 12.09 28.31 6.77
N THR B 469 11.91 29.22 7.72
CA THR B 469 10.69 30.01 7.79
C THR B 469 10.53 30.96 6.61
N SER B 470 11.61 31.23 5.86
CA SER B 470 11.49 31.98 4.61
C SER B 470 10.62 31.27 3.58
N LYS B 471 10.44 29.96 3.70
CA LYS B 471 9.71 29.18 2.72
C LYS B 471 8.48 28.48 3.28
N ILE B 472 8.03 28.84 4.49
CA ILE B 472 6.86 28.22 5.11
C ILE B 472 5.74 29.24 5.18
N SER B 473 4.57 28.86 4.67
CA SER B 473 3.37 29.68 4.77
C SER B 473 3.01 29.94 6.23
N ARG B 474 2.51 31.13 6.50
CA ARG B 474 2.01 31.50 7.81
C ARG B 474 0.49 31.35 7.86
N CYS B 475 -0.03 31.27 9.08
CA CYS B 475 -1.46 31.05 9.21
C CYS B 475 -1.96 31.74 10.47
N THR B 476 -3.27 31.96 10.49
CA THR B 476 -3.95 32.56 11.63
C THR B 476 -5.20 31.73 11.92
N VAL B 477 -5.45 31.48 13.20
CA VAL B 477 -6.66 30.81 13.64
C VAL B 477 -7.61 31.87 14.20
N CYS B 478 -8.86 31.86 13.71
CA CYS B 478 -9.85 32.89 14.00
C CYS B 478 -11.12 32.26 14.53
N ARG B 479 -11.80 32.97 15.42
CA ARG B 479 -13.15 32.60 15.80
C ARG B 479 -14.12 33.73 15.47
N ARG B 480 -15.34 33.36 15.11
CA ARG B 480 -16.33 34.37 14.79
C ARG B 480 -16.67 35.18 16.04
N ARG B 481 -16.77 36.49 15.89
CA ARG B 481 -17.20 37.34 16.99
C ARG B 481 -18.70 37.15 17.25
N TYR B 493 -26.96 35.60 16.60
CA TYR B 493 -25.64 35.88 16.06
C TYR B 493 -25.19 34.77 15.12
N LEU B 494 -24.52 35.15 14.03
CA LEU B 494 -23.96 34.16 13.12
C LEU B 494 -22.87 33.37 13.84
N THR B 495 -22.83 32.06 13.59
CA THR B 495 -21.83 31.21 14.23
C THR B 495 -20.57 31.01 13.41
N GLY B 496 -20.55 31.45 12.16
CA GLY B 496 -19.35 31.35 11.35
C GLY B 496 -19.28 30.12 10.47
N ILE B 497 -20.35 29.83 9.75
CA ILE B 497 -20.42 28.68 8.86
C ILE B 497 -19.83 29.07 7.51
N LEU B 498 -18.86 28.29 7.04
CA LEU B 498 -18.21 28.56 5.76
C LEU B 498 -18.61 27.53 4.71
N ILE B 499 -18.84 28.01 3.49
CA ILE B 499 -19.24 27.20 2.34
C ILE B 499 -18.22 27.38 1.23
N THR B 500 -17.99 26.31 0.48
CA THR B 500 -17.08 26.33 -0.66
C THR B 500 -17.81 25.91 -1.92
N ARG B 501 -17.63 26.69 -2.99
CA ARG B 501 -18.16 26.37 -4.31
C ARG B 501 -17.01 26.24 -5.30
N HIS B 502 -17.12 25.26 -6.19
CA HIS B 502 -16.11 25.03 -7.23
C HIS B 502 -16.76 25.25 -8.59
N SER B 503 -16.15 26.10 -9.42
CA SER B 503 -16.76 26.44 -10.69
C SER B 503 -16.58 25.38 -11.75
N GLN B 504 -15.57 24.50 -11.60
CA GLN B 504 -15.18 23.59 -12.67
C GLN B 504 -14.95 24.36 -13.98
N SER B 505 -14.38 25.55 -13.84
CA SER B 505 -14.09 26.43 -14.97
C SER B 505 -12.98 27.39 -14.54
N GLU B 506 -12.46 28.15 -15.50
CA GLU B 506 -11.40 29.08 -15.12
C GLU B 506 -11.93 30.40 -14.58
N THR B 507 -13.24 30.54 -14.41
CA THR B 507 -13.82 31.74 -13.83
C THR B 507 -14.24 31.47 -12.40
N VAL B 508 -14.00 32.43 -11.51
CA VAL B 508 -14.30 32.27 -10.09
C VAL B 508 -15.81 32.26 -9.90
N PRO B 509 -16.36 31.32 -9.13
CA PRO B 509 -17.80 31.29 -8.90
C PRO B 509 -18.21 32.36 -7.89
N ALA B 510 -19.51 32.62 -7.84
CA ALA B 510 -20.07 33.61 -6.94
C ALA B 510 -20.69 32.94 -5.71
N CYS B 511 -20.70 33.69 -4.61
CA CYS B 511 -21.45 33.28 -3.42
C CYS B 511 -22.95 33.49 -3.65
N SER B 512 -23.76 32.62 -3.05
CA SER B 512 -25.18 32.87 -2.97
C SER B 512 -25.44 34.18 -2.25
N ALA B 513 -26.49 34.89 -2.66
CA ALA B 513 -26.79 36.19 -2.07
C ALA B 513 -27.10 36.04 -0.58
N GLY B 514 -26.64 37.01 0.21
CA GLY B 514 -26.66 36.89 1.64
C GLY B 514 -25.43 36.24 2.24
N HIS B 515 -24.69 35.46 1.44
CA HIS B 515 -23.41 34.92 1.87
C HIS B 515 -22.32 35.93 1.59
N THR B 516 -21.36 36.03 2.52
CA THR B 516 -20.25 36.97 2.41
C THR B 516 -19.03 36.25 1.85
N GLU B 517 -18.44 36.78 0.79
CA GLU B 517 -17.24 36.17 0.22
C GLU B 517 -16.03 36.43 1.12
N LEU B 518 -15.30 35.37 1.46
CA LEU B 518 -14.12 35.50 2.29
C LEU B 518 -12.82 35.41 1.50
N TRP B 519 -12.70 34.45 0.59
CA TRP B 519 -11.56 34.43 -0.32
C TRP B 519 -11.92 33.61 -1.55
N THR B 520 -11.05 33.70 -2.55
CA THR B 520 -11.17 32.91 -3.77
C THR B 520 -9.88 32.10 -3.95
N GLY B 521 -9.94 31.10 -4.81
CA GLY B 521 -8.77 30.27 -4.98
C GLY B 521 -8.89 29.29 -6.11
N TYR B 522 -8.08 28.24 -6.00
CA TYR B 522 -8.00 27.15 -6.97
C TYR B 522 -8.37 25.85 -6.26
N SER B 523 -9.03 24.95 -7.00
CA SER B 523 -9.69 23.77 -6.43
C SER B 523 -8.70 22.62 -6.21
N LEU B 524 -8.18 22.49 -5.00
CA LEU B 524 -7.24 21.42 -4.67
C LEU B 524 -8.00 20.15 -4.30
N LEU B 525 -7.71 19.03 -5.00
CA LEU B 525 -8.27 17.73 -4.64
C LEU B 525 -7.36 17.00 -3.65
N TYR B 526 -6.11 16.75 -4.03
CA TYR B 526 -5.17 16.13 -3.08
C TYR B 526 -3.73 16.35 -3.48
N VAL B 527 -2.85 16.20 -2.50
CA VAL B 527 -1.41 16.21 -2.68
C VAL B 527 -0.91 14.79 -2.52
N ASP B 528 -0.07 14.35 -3.44
CA ASP B 528 0.60 13.05 -3.37
C ASP B 528 2.02 13.33 -2.92
N GLY B 529 2.29 13.13 -1.64
CA GLY B 529 3.60 13.42 -1.08
C GLY B 529 4.19 12.18 -0.45
N ASN B 530 5.43 11.84 -0.83
CA ASN B 530 6.04 10.56 -0.41
C ASN B 530 5.06 9.42 -0.62
N ASP B 531 4.34 9.49 -1.75
CA ASP B 531 3.40 8.46 -2.21
C ASP B 531 2.28 8.17 -1.21
N TYR B 532 1.90 9.19 -0.45
CA TYR B 532 0.65 9.20 0.30
C TYR B 532 -0.25 10.29 -0.25
N ALA B 533 -1.51 9.95 -0.50
CA ALA B 533 -2.48 10.92 -1.00
C ALA B 533 -3.22 11.53 0.19
N HIS B 534 -3.00 12.81 0.45
CA HIS B 534 -3.78 13.52 1.45
C HIS B 534 -4.71 14.51 0.76
N ASN B 535 -6.00 14.30 0.97
CA ASN B 535 -7.08 15.04 0.31
C ASN B 535 -7.56 16.22 1.16
N GLN B 536 -8.14 17.20 0.48
CA GLN B 536 -9.02 18.18 1.11
C GLN B 536 -10.44 17.91 0.61
N ASP B 537 -11.38 17.77 1.54
CA ASP B 537 -12.78 17.59 1.14
C ASP B 537 -13.25 18.79 0.33
N LEU B 538 -13.92 18.54 -0.79
CA LEU B 538 -14.25 19.63 -1.70
C LEU B 538 -15.32 20.57 -1.12
N GLY B 539 -15.98 20.16 -0.04
CA GLY B 539 -16.87 21.06 0.67
C GLY B 539 -16.19 21.91 1.71
N SER B 540 -14.95 21.58 2.07
CA SER B 540 -14.16 22.33 3.06
C SER B 540 -13.46 23.50 2.40
N PRO B 541 -13.40 24.64 3.09
CA PRO B 541 -12.58 25.76 2.57
C PRO B 541 -11.11 25.38 2.39
N GLY B 542 -10.66 24.29 3.01
CA GLY B 542 -9.30 23.84 2.79
C GLY B 542 -9.00 23.40 1.38
N SER B 543 -10.04 22.98 0.63
CA SER B 543 -9.88 22.67 -0.79
C SER B 543 -9.79 23.91 -1.68
N CYS B 544 -9.93 25.11 -1.11
CA CYS B 544 -9.90 26.33 -1.92
C CYS B 544 -8.62 27.09 -1.56
N VAL B 545 -7.59 26.88 -2.38
CA VAL B 545 -6.24 27.38 -2.11
C VAL B 545 -6.06 28.69 -2.85
N PRO B 546 -5.75 29.81 -2.15
CA PRO B 546 -5.71 31.10 -2.85
C PRO B 546 -4.71 31.19 -4.00
N ARG B 547 -3.55 30.53 -3.91
CA ARG B 547 -2.52 30.63 -4.92
C ARG B 547 -2.16 29.24 -5.45
N PHE B 548 -2.13 29.11 -6.77
CA PHE B 548 -1.85 27.82 -7.39
C PHE B 548 -0.35 27.60 -7.52
N SER B 549 0.05 26.33 -7.37
CA SER B 549 1.35 25.86 -7.81
C SER B 549 1.21 24.37 -8.04
N THR B 550 1.98 23.84 -9.00
CA THR B 550 2.03 22.40 -9.13
C THR B 550 2.65 21.75 -7.88
N LEU B 551 3.34 22.54 -7.06
CA LEU B 551 3.84 22.06 -5.77
C LEU B 551 3.62 23.12 -4.71
N PRO B 552 2.47 23.09 -4.03
CA PRO B 552 2.21 24.08 -2.97
C PRO B 552 2.75 23.69 -1.60
N VAL B 553 3.51 22.61 -1.51
CA VAL B 553 4.05 22.15 -0.23
C VAL B 553 5.55 21.92 -0.36
N LEU B 554 6.22 21.93 0.78
CA LEU B 554 7.59 21.44 0.87
CA LEU B 554 7.58 21.44 0.86
C LEU B 554 7.65 20.35 1.92
N SER B 555 8.73 19.58 1.87
CA SER B 555 8.86 18.41 2.73
CA SER B 555 8.89 18.39 2.70
C SER B 555 10.07 18.58 3.64
N CYS B 556 9.92 18.17 4.90
CA CYS B 556 10.98 18.31 5.89
C CYS B 556 11.24 16.97 6.56
N GLY B 557 12.47 16.76 6.99
CA GLY B 557 12.78 15.46 7.53
C GLY B 557 13.87 15.46 8.58
N GLN B 558 14.48 14.30 8.78
CA GLN B 558 15.56 14.13 9.74
C GLN B 558 16.73 15.06 9.41
N ASN B 559 17.53 15.35 10.44
CA ASN B 559 18.68 16.24 10.37
C ASN B 559 18.29 17.68 10.11
N ASN B 560 17.02 18.02 10.34
CA ASN B 560 16.56 19.40 10.24
C ASN B 560 16.83 19.97 8.85
N VAL B 561 16.47 19.21 7.83
CA VAL B 561 16.61 19.63 6.43
C VAL B 561 15.22 19.66 5.80
N CYS B 562 14.93 20.71 5.03
CA CYS B 562 13.70 20.76 4.25
C CYS B 562 14.03 20.83 2.76
N ASN B 563 13.10 20.35 1.94
CA ASN B 563 13.34 20.18 0.50
C ASN B 563 12.10 20.65 -0.25
N TYR B 564 12.27 21.60 -1.16
CA TYR B 564 11.20 22.05 -2.04
C TYR B 564 11.49 21.58 -3.46
N ALA B 565 10.55 20.86 -4.06
CA ALA B 565 10.67 20.37 -5.44
C ALA B 565 11.90 19.49 -5.63
N SER B 566 12.27 18.73 -4.60
CA SER B 566 13.51 17.97 -4.63
C SER B 566 13.31 16.49 -4.93
N ARG B 567 12.07 16.00 -4.91
CA ARG B 567 11.89 14.56 -5.06
C ARG B 567 10.95 14.27 -6.23
N ASN B 568 9.79 13.65 -5.98
CA ASN B 568 8.97 13.22 -7.12
C ASN B 568 7.49 13.34 -6.79
N ASP B 569 7.10 14.42 -6.11
CA ASP B 569 5.73 14.57 -5.65
C ASP B 569 4.84 15.16 -6.74
N LYS B 570 3.53 15.04 -6.54
CA LYS B 570 2.62 15.54 -7.55
C LYS B 570 1.33 15.99 -6.88
N THR B 571 0.54 16.77 -7.60
CA THR B 571 -0.68 17.33 -7.04
C THR B 571 -1.83 17.15 -8.00
N PHE B 572 -3.04 17.10 -7.45
CA PHE B 572 -4.26 16.85 -8.22
C PHE B 572 -5.27 17.94 -7.89
N TRP B 573 -5.81 18.55 -8.96
CA TRP B 573 -6.71 19.69 -8.86
C TRP B 573 -7.99 19.37 -9.64
N LEU B 574 -9.13 19.85 -9.15
CA LEU B 574 -10.34 19.79 -9.96
C LEU B 574 -10.11 20.54 -11.26
N THR B 575 -10.64 20.03 -12.35
CA THR B 575 -10.35 20.61 -13.64
C THR B 575 -11.57 21.35 -14.20
N THR B 576 -11.41 21.83 -15.41
CA THR B 576 -12.38 22.73 -16.00
C THR B 576 -13.14 22.04 -17.12
N ASN B 577 -13.98 22.83 -17.77
CA ASN B 577 -14.72 22.42 -18.95
C ASN B 577 -13.85 22.39 -20.20
N ALA B 578 -12.58 22.78 -20.09
CA ALA B 578 -11.72 22.89 -21.26
C ALA B 578 -11.46 21.52 -21.88
N ALA B 579 -11.06 21.54 -23.15
CA ALA B 579 -10.93 20.33 -23.95
C ALA B 579 -9.66 19.57 -23.57
N ILE B 580 -9.71 18.25 -23.74
CA ILE B 580 -8.60 17.38 -23.34
C ILE B 580 -7.39 17.66 -24.23
N PRO B 581 -6.21 17.85 -23.66
CA PRO B 581 -5.02 18.06 -24.49
C PRO B 581 -4.42 16.75 -24.95
N MET B 582 -3.64 16.84 -26.04
CA MET B 582 -3.00 15.67 -26.63
C MET B 582 -1.72 15.28 -25.91
N MET B 583 -1.16 16.19 -25.13
CA MET B 583 0.08 15.98 -24.39
CA MET B 583 0.04 15.92 -24.35
C MET B 583 0.03 16.86 -23.15
N PRO B 584 0.95 16.66 -22.20
CA PRO B 584 0.92 17.51 -21.00
C PRO B 584 1.02 18.99 -21.35
N VAL B 585 0.32 19.82 -20.57
CA VAL B 585 0.28 21.25 -20.81
C VAL B 585 1.28 21.94 -19.90
N GLU B 586 1.76 23.10 -20.34
CA GLU B 586 2.76 23.86 -19.60
C GLU B 586 2.40 25.34 -19.61
N ASN B 587 3.06 26.08 -18.70
CA ASN B 587 3.00 27.54 -18.56
C ASN B 587 1.64 28.18 -18.85
N ILE B 588 1.51 28.98 -19.90
CA ILE B 588 0.26 29.72 -20.09
C ILE B 588 -0.92 28.82 -20.42
N GLU B 589 -0.67 27.52 -20.65
CA GLU B 589 -1.74 26.58 -20.95
C GLU B 589 -2.38 25.96 -19.71
N ILE B 590 -1.72 26.02 -18.54
CA ILE B 590 -2.22 25.28 -17.39
C ILE B 590 -3.47 25.92 -16.79
N ARG B 591 -3.51 27.26 -16.73
CA ARG B 591 -4.58 27.95 -16.02
CA ARG B 591 -4.58 27.94 -16.00
C ARG B 591 -5.96 27.52 -16.51
N GLN B 592 -6.13 27.36 -17.83
CA GLN B 592 -7.44 26.99 -18.36
C GLN B 592 -7.90 25.62 -17.90
N TYR B 593 -7.04 24.83 -17.24
CA TYR B 593 -7.38 23.50 -16.76
C TYR B 593 -7.60 23.41 -15.26
N ILE B 594 -7.47 24.50 -14.50
CA ILE B 594 -7.58 24.45 -13.04
C ILE B 594 -8.88 25.13 -12.62
N SER B 595 -9.76 24.36 -11.97
CA SER B 595 -11.01 24.90 -11.45
C SER B 595 -10.74 25.99 -10.41
N ARG B 596 -11.60 27.01 -10.42
CA ARG B 596 -11.59 28.06 -9.42
C ARG B 596 -12.64 27.79 -8.36
N CYS B 597 -12.51 28.50 -7.24
CA CYS B 597 -13.42 28.29 -6.13
C CYS B 597 -13.60 29.59 -5.36
N VAL B 598 -14.65 29.64 -4.56
CA VAL B 598 -14.90 30.77 -3.67
C VAL B 598 -15.32 30.19 -2.33
N VAL B 599 -14.93 30.88 -1.26
CA VAL B 599 -15.29 30.51 0.11
C VAL B 599 -16.16 31.62 0.67
N CYS B 600 -17.34 31.25 1.18
CA CYS B 600 -18.33 32.21 1.61
C CYS B 600 -18.82 31.88 3.02
N GLU B 601 -19.19 32.91 3.77
CA GLU B 601 -19.84 32.69 5.06
C GLU B 601 -21.35 32.63 4.86
N ALA B 602 -21.96 31.56 5.35
CA ALA B 602 -23.39 31.36 5.27
C ALA B 602 -24.02 31.58 6.64
N PRO B 603 -25.30 31.97 6.68
CA PRO B 603 -25.95 32.23 7.98
C PRO B 603 -26.45 30.98 8.69
N ALA B 604 -26.55 29.84 8.01
CA ALA B 604 -26.98 28.61 8.64
C ALA B 604 -26.22 27.45 8.01
N ASN B 605 -26.42 26.25 8.53
CA ASN B 605 -25.63 25.11 8.09
C ASN B 605 -26.07 24.64 6.70
N VAL B 606 -25.16 23.92 6.05
CA VAL B 606 -25.31 23.55 4.64
C VAL B 606 -24.92 22.09 4.50
N ILE B 607 -25.76 21.31 3.81
CA ILE B 607 -25.48 19.91 3.54
C ILE B 607 -25.85 19.59 2.11
N ALA B 608 -25.27 18.51 1.60
CA ALA B 608 -25.74 17.87 0.39
C ALA B 608 -26.71 16.76 0.76
N VAL B 609 -27.77 16.62 -0.03
CA VAL B 609 -28.61 15.43 0.04
C VAL B 609 -28.58 14.75 -1.32
N HIS B 610 -28.70 13.42 -1.31
CA HIS B 610 -28.55 12.61 -2.51
C HIS B 610 -29.80 11.79 -2.71
N SER B 611 -30.32 11.77 -3.94
CA SER B 611 -31.50 10.96 -4.24
C SER B 611 -31.16 9.51 -4.50
N GLN B 612 -29.93 9.23 -4.92
CA GLN B 612 -29.54 7.92 -5.45
C GLN B 612 -30.44 7.49 -6.61
N THR B 613 -30.97 8.48 -7.34
CA THR B 613 -31.74 8.28 -8.57
C THR B 613 -31.42 9.43 -9.52
N ILE B 614 -32.03 9.42 -10.71
CA ILE B 614 -31.83 10.48 -11.70
C ILE B 614 -32.64 11.71 -11.30
N GLU B 615 -33.44 11.58 -10.25
CA GLU B 615 -34.23 12.69 -9.76
C GLU B 615 -33.40 13.61 -8.87
N VAL B 616 -33.59 14.91 -9.01
CA VAL B 616 -32.97 15.86 -8.08
C VAL B 616 -33.73 15.78 -6.77
N PRO B 617 -33.06 15.50 -5.65
CA PRO B 617 -33.80 15.34 -4.39
C PRO B 617 -34.23 16.67 -3.79
N ASP B 618 -35.38 16.64 -3.13
CA ASP B 618 -35.84 17.82 -2.42
CA ASP B 618 -35.88 17.80 -2.39
C ASP B 618 -34.97 18.08 -1.20
N CYS B 619 -34.86 19.35 -0.84
CA CYS B 619 -34.21 19.68 0.40
C CYS B 619 -35.11 19.25 1.56
N PRO B 620 -34.54 18.96 2.74
CA PRO B 620 -35.37 18.64 3.90
C PRO B 620 -36.31 19.79 4.24
N ASN B 621 -37.38 19.46 4.95
CA ASN B 621 -38.34 20.49 5.36
C ASN B 621 -37.66 21.52 6.24
N GLY B 622 -37.82 22.79 5.88
CA GLY B 622 -37.14 23.88 6.55
C GLY B 622 -35.78 24.22 5.99
N TRP B 623 -35.37 23.61 4.88
CA TRP B 623 -34.11 23.89 4.21
C TRP B 623 -34.39 24.36 2.79
N GLU B 624 -33.49 25.17 2.24
CA GLU B 624 -33.66 25.72 0.90
C GLU B 624 -32.43 25.42 0.05
N GLY B 625 -32.67 25.18 -1.24
CA GLY B 625 -31.59 24.78 -2.14
C GLY B 625 -30.70 25.94 -2.54
N LEU B 626 -29.40 25.64 -2.69
CA LEU B 626 -28.37 26.54 -3.18
C LEU B 626 -27.88 26.20 -4.58
N TRP B 627 -27.66 24.92 -4.87
CA TRP B 627 -27.35 24.44 -6.21
C TRP B 627 -27.68 22.96 -6.29
N ILE B 628 -27.69 22.45 -7.52
CA ILE B 628 -27.95 21.03 -7.77
C ILE B 628 -26.76 20.45 -8.53
N GLY B 629 -26.70 19.14 -8.59
CA GLY B 629 -25.59 18.53 -9.28
C GLY B 629 -25.62 17.03 -9.31
N TYR B 630 -24.43 16.44 -9.34
CA TYR B 630 -24.22 15.01 -9.49
C TYR B 630 -23.47 14.48 -8.28
N SER B 631 -23.86 13.27 -7.84
CA SER B 631 -23.33 12.69 -6.60
C SER B 631 -21.93 12.12 -6.82
N PHE B 632 -20.92 12.82 -6.32
CA PHE B 632 -19.51 12.49 -6.51
C PHE B 632 -18.97 11.89 -5.21
N LEU B 633 -18.62 10.61 -5.22
CA LEU B 633 -18.23 9.92 -3.99
C LEU B 633 -16.72 9.82 -3.79
N MET B 634 -15.99 9.32 -4.77
CA MET B 634 -14.56 9.08 -4.55
C MET B 634 -13.82 9.08 -5.88
N HIS B 635 -12.49 8.95 -5.80
CA HIS B 635 -11.66 9.00 -6.99
C HIS B 635 -10.45 8.13 -6.73
N THR B 636 -9.87 7.60 -7.80
CA THR B 636 -8.58 6.94 -7.74
C THR B 636 -7.73 7.40 -8.91
N ALA B 637 -6.41 7.28 -8.74
CA ALA B 637 -5.51 7.72 -9.79
C ALA B 637 -4.23 6.88 -9.70
N VAL B 638 -3.14 7.41 -10.26
CA VAL B 638 -1.92 6.62 -10.38
C VAL B 638 -1.42 6.26 -8.98
N GLY B 639 -0.84 5.06 -8.88
CA GLY B 639 -0.16 4.65 -7.66
C GLY B 639 -1.12 4.52 -6.48
N ASN B 640 -0.75 5.13 -5.35
CA ASN B 640 -1.60 5.13 -4.16
C ASN B 640 -2.63 6.26 -4.19
N GLY B 641 -2.78 6.92 -5.33
CA GLY B 641 -3.66 8.07 -5.40
C GLY B 641 -5.12 7.71 -5.26
N GLY B 642 -5.83 8.51 -4.48
CA GLY B 642 -7.27 8.39 -4.36
C GLY B 642 -7.77 9.32 -3.28
N GLY B 643 -9.06 9.21 -3.00
CA GLY B 643 -9.67 9.98 -1.94
C GLY B 643 -11.17 9.99 -2.15
N GLY B 644 -11.85 10.79 -1.34
CA GLY B 644 -13.30 10.87 -1.52
C GLY B 644 -13.94 11.92 -0.65
N GLN B 645 -15.24 12.09 -0.86
CA GLN B 645 -16.01 13.15 -0.22
C GLN B 645 -16.91 12.56 0.85
N ALA B 646 -17.17 13.36 1.89
CA ALA B 646 -18.21 13.01 2.84
C ALA B 646 -19.55 13.21 2.17
N LEU B 647 -20.46 12.25 2.32
CA LEU B 647 -21.69 12.32 1.53
C LEU B 647 -22.64 13.43 1.98
N GLN B 648 -22.45 14.01 3.17
CA GLN B 648 -23.20 15.20 3.54
C GLN B 648 -22.51 16.49 3.14
N SER B 649 -21.28 16.42 2.65
CA SER B 649 -20.53 17.61 2.28
C SER B 649 -21.00 18.13 0.93
N PRO B 650 -21.07 19.46 0.75
CA PRO B 650 -21.32 19.99 -0.60
C PRO B 650 -20.31 19.52 -1.63
N GLY B 651 -19.10 19.13 -1.19
CA GLY B 651 -18.10 18.62 -2.12
C GLY B 651 -18.48 17.31 -2.79
N SER B 652 -19.48 16.61 -2.25
CA SER B 652 -20.00 15.40 -2.88
C SER B 652 -21.05 15.73 -3.93
N CYS B 653 -21.29 17.01 -4.21
CA CYS B 653 -22.33 17.43 -5.16
C CYS B 653 -21.69 18.39 -6.17
N LEU B 654 -21.08 17.83 -7.22
CA LEU B 654 -20.48 18.66 -8.27
C LEU B 654 -21.54 19.10 -9.27
N GLU B 655 -21.47 20.37 -9.67
CA GLU B 655 -22.53 20.89 -10.52
C GLU B 655 -22.44 20.35 -11.95
N ASP B 656 -21.26 19.92 -12.38
CA ASP B 656 -21.05 19.39 -13.74
C ASP B 656 -20.52 17.97 -13.65
N PHE B 657 -21.18 17.04 -14.35
CA PHE B 657 -20.64 15.70 -14.47
C PHE B 657 -19.47 15.71 -15.45
N ARG B 658 -18.33 15.17 -15.01
CA ARG B 658 -17.17 14.97 -15.88
C ARG B 658 -16.57 13.61 -15.51
N ALA B 659 -16.42 12.74 -16.52
CA ALA B 659 -15.84 11.42 -16.26
C ALA B 659 -14.43 11.51 -15.68
N THR B 660 -13.66 12.53 -16.08
CA THR B 660 -12.34 12.79 -15.52
C THR B 660 -12.37 14.20 -14.94
N PRO B 661 -12.83 14.37 -13.71
CA PRO B 661 -13.05 15.72 -13.16
C PRO B 661 -11.83 16.35 -12.52
N PHE B 662 -10.65 15.74 -12.60
CA PHE B 662 -9.45 16.32 -12.02
C PHE B 662 -8.27 16.09 -12.95
N ILE B 663 -7.19 16.86 -12.72
CA ILE B 663 -5.98 16.78 -13.54
C ILE B 663 -4.78 16.54 -12.63
N GLU B 664 -3.75 15.89 -13.18
CA GLU B 664 -2.54 15.51 -12.44
C GLU B 664 -1.39 16.44 -12.82
N CYS B 665 -0.85 17.16 -11.82
CA CYS B 665 0.26 18.07 -12.06
C CYS B 665 1.55 17.44 -11.55
N ASN B 666 2.52 17.27 -12.44
CA ASN B 666 3.85 16.81 -12.09
C ASN B 666 4.54 17.92 -11.30
N GLY B 667 4.81 17.65 -10.02
CA GLY B 667 5.18 18.70 -9.09
C GLY B 667 6.37 19.54 -9.50
N ALA B 668 7.53 18.90 -9.69
CA ALA B 668 8.74 19.64 -10.02
C ALA B 668 8.83 20.00 -11.50
N LYS B 669 8.14 19.28 -12.38
CA LYS B 669 8.20 19.60 -13.80
C LYS B 669 7.34 20.80 -14.14
N GLY B 670 6.27 21.02 -13.38
CA GLY B 670 5.40 22.16 -13.62
C GLY B 670 4.43 21.99 -14.77
N THR B 671 4.14 20.75 -15.15
CA THR B 671 3.23 20.44 -16.25
C THR B 671 2.12 19.55 -15.71
N CYS B 672 0.94 19.60 -16.36
CA CYS B 672 -0.22 18.84 -15.90
C CYS B 672 -0.82 18.06 -17.07
N HIS B 673 -1.46 16.95 -16.76
CA HIS B 673 -2.05 16.12 -17.81
C HIS B 673 -3.13 15.22 -17.24
N PHE B 674 -3.93 14.64 -18.14
CA PHE B 674 -4.89 13.60 -17.81
C PHE B 674 -4.33 12.25 -18.20
N TYR B 675 -4.61 11.21 -17.41
CA TYR B 675 -4.06 9.88 -17.63
C TYR B 675 -5.14 8.82 -17.53
N GLU B 676 -4.93 7.70 -18.23
CA GLU B 676 -5.88 6.60 -18.19
C GLU B 676 -6.00 5.94 -16.82
N THR B 677 -5.07 6.21 -15.90
CA THR B 677 -5.14 5.70 -14.54
C THR B 677 -6.14 6.47 -13.67
N MET B 678 -6.82 7.49 -14.19
CA MET B 678 -7.76 8.29 -13.43
C MET B 678 -9.17 7.70 -13.49
N THR B 679 -9.77 7.46 -12.32
CA THR B 679 -11.13 6.94 -12.24
C THR B 679 -11.95 7.84 -11.32
N SER B 680 -13.18 8.16 -11.72
CA SER B 680 -14.12 8.83 -10.84
C SER B 680 -15.24 7.88 -10.45
N PHE B 681 -15.67 7.97 -9.19
CA PHE B 681 -16.75 7.14 -8.69
C PHE B 681 -17.93 8.02 -8.32
N TRP B 682 -19.09 7.73 -8.87
CA TRP B 682 -20.30 8.49 -8.59
C TRP B 682 -21.31 7.58 -7.92
N MET B 683 -22.18 8.14 -7.07
CA MET B 683 -23.28 7.34 -6.57
C MET B 683 -24.18 6.95 -7.74
N TYR B 684 -24.64 5.71 -7.73
CA TYR B 684 -25.35 5.12 -8.86
C TYR B 684 -26.84 5.39 -8.75
N ASN B 685 -27.48 5.47 -9.92
CA ASN B 685 -28.93 5.64 -10.03
C ASN B 685 -29.61 4.30 -9.74
N LEU B 686 -30.16 4.17 -8.53
CA LEU B 686 -30.75 2.93 -8.06
C LEU B 686 -32.27 2.92 -8.20
N GLU B 687 -32.83 3.77 -9.06
CA GLU B 687 -34.28 4.00 -9.07
C GLU B 687 -35.05 2.71 -9.27
N SER B 688 -34.63 1.86 -10.20
CA SER B 688 -35.33 0.62 -10.50
C SER B 688 -34.63 -0.60 -9.91
N SER B 689 -33.81 -0.41 -8.89
CA SER B 689 -33.21 -1.51 -8.15
C SER B 689 -34.01 -1.74 -6.87
N GLN B 690 -34.27 -3.01 -6.56
CA GLN B 690 -34.76 -3.33 -5.23
C GLN B 690 -33.60 -3.31 -4.25
N PRO B 691 -33.86 -3.02 -2.97
CA PRO B 691 -32.75 -2.80 -2.01
C PRO B 691 -31.68 -3.88 -2.01
N PHE B 692 -32.07 -5.14 -1.90
CA PHE B 692 -31.10 -6.21 -1.77
C PHE B 692 -30.93 -6.99 -3.07
N GLU B 693 -31.37 -6.39 -4.17
CA GLU B 693 -31.15 -6.94 -5.50
C GLU B 693 -29.67 -7.02 -5.82
N ARG B 694 -29.28 -8.10 -6.50
CA ARG B 694 -27.91 -8.23 -6.98
C ARG B 694 -27.65 -7.20 -8.08
N PRO B 695 -26.57 -6.43 -8.00
CA PRO B 695 -26.25 -5.49 -9.10
C PRO B 695 -26.01 -6.24 -10.41
N GLN B 696 -26.53 -5.68 -11.49
CA GLN B 696 -26.38 -6.24 -12.82
C GLN B 696 -25.24 -5.52 -13.54
N GLN B 697 -24.23 -6.28 -13.96
CA GLN B 697 -23.12 -5.70 -14.71
C GLN B 697 -23.65 -4.94 -15.92
N GLN B 698 -23.13 -3.73 -16.12
CA GLN B 698 -23.48 -2.96 -17.31
C GLN B 698 -22.30 -2.11 -17.74
N THR B 699 -22.00 -2.17 -19.04
CA THR B 699 -21.05 -1.26 -19.67
C THR B 699 -21.83 -0.07 -20.22
N ILE B 700 -21.49 1.13 -19.78
CA ILE B 700 -22.29 2.32 -20.05
C ILE B 700 -21.47 3.24 -20.95
N LYS B 701 -21.89 3.40 -22.19
CA LYS B 701 -21.08 4.17 -23.12
C LYS B 701 -21.48 5.64 -23.07
N ALA B 702 -20.57 6.49 -23.57
CA ALA B 702 -20.87 7.91 -23.67
C ALA B 702 -22.15 8.12 -24.45
N GLY B 703 -22.99 9.03 -23.96
CA GLY B 703 -24.34 9.20 -24.44
C GLY B 703 -25.38 8.78 -23.43
N GLU B 704 -25.00 8.00 -22.42
CA GLU B 704 -25.95 7.68 -21.37
C GLU B 704 -25.28 7.57 -20.00
N ARG B 705 -24.04 8.05 -19.86
CA ARG B 705 -23.37 7.95 -18.57
C ARG B 705 -24.11 8.77 -17.50
N GLN B 706 -24.49 10.01 -17.85
CA GLN B 706 -25.18 10.89 -16.90
C GLN B 706 -26.50 10.29 -16.41
N SER B 707 -27.20 9.55 -17.25
CA SER B 707 -28.48 8.97 -16.86
C SER B 707 -28.34 7.80 -15.89
N HIS B 708 -27.12 7.40 -15.53
CA HIS B 708 -26.91 6.37 -14.52
C HIS B 708 -26.33 6.93 -13.23
N VAL B 709 -26.29 8.27 -13.10
CA VAL B 709 -25.64 8.93 -11.97
C VAL B 709 -26.68 9.54 -11.06
N SER B 710 -26.58 9.23 -9.76
CA SER B 710 -27.38 9.86 -8.73
C SER B 710 -27.23 11.39 -8.76
N ARG B 711 -28.31 12.08 -8.40
CA ARG B 711 -28.32 13.54 -8.38
C ARG B 711 -28.40 14.04 -6.94
N CYS B 712 -28.10 15.32 -6.76
CA CYS B 712 -28.02 15.86 -5.41
C CYS B 712 -28.46 17.32 -5.42
N GLN B 713 -28.77 17.81 -4.23
CA GLN B 713 -29.03 19.22 -4.01
C GLN B 713 -28.31 19.64 -2.75
N VAL B 714 -27.68 20.81 -2.81
CA VAL B 714 -27.02 21.39 -1.65
C VAL B 714 -28.00 22.36 -1.01
N CYS B 715 -28.23 22.19 0.29
CA CYS B 715 -29.37 22.79 0.97
C CYS B 715 -28.89 23.53 2.21
N MET B 716 -29.48 24.68 2.49
CA MET B 716 -29.14 25.46 3.67
C MET B 716 -30.37 25.57 4.57
N LYS B 717 -30.17 25.38 5.87
CA LYS B 717 -31.28 25.53 6.80
C LYS B 717 -31.87 26.92 6.66
N ASN B 718 -33.19 26.97 6.47
CA ASN B 718 -33.99 28.14 6.03
C ASN B 718 -33.26 29.49 5.95
C1 PGE C . 24.65 9.65 4.38
O1 PGE C . 23.49 9.73 5.15
C2 PGE C . 24.25 9.50 2.94
O2 PGE C . 24.77 8.37 2.37
C3 PGE C . 25.83 8.66 1.56
C4 PGE C . 26.41 7.37 1.14
O4 PGE C . 29.88 5.99 3.76
C6 PGE C . 29.50 5.67 2.46
C5 PGE C . 28.05 6.01 2.08
O3 PGE C . 27.76 7.25 1.47
CL CL D . 12.14 -4.03 15.82
CL CL E . -12.94 -14.89 -4.48
MG MG F . 4.79 -1.14 11.29
O1 PG4 G . 13.98 -15.13 -6.65
C1 PG4 G . 13.29 -16.05 -5.84
C2 PG4 G . 12.75 -17.20 -6.69
O2 PG4 G . 13.70 -18.23 -6.81
C3 PG4 G . 13.39 -19.16 -7.82
C4 PG4 G . 12.65 -20.34 -7.22
O3 PG4 G . 13.58 -21.21 -6.65
C5 PG4 G . 13.21 -22.57 -6.73
C6 PG4 G . 14.41 -23.39 -7.24
O4 PG4 G . 15.21 -23.79 -6.16
C7 PG4 G . 16.15 -22.84 -5.74
C8 PG4 G . 17.37 -22.81 -6.65
O5 PG4 G . 18.11 -24.00 -6.50
C1 PGE H . 14.07 -14.44 -10.10
O1 PGE H . 13.26 -13.42 -9.62
C2 PGE H . 13.77 -14.69 -11.58
O2 PGE H . 14.72 -15.57 -12.12
C3 PGE H . 15.16 -15.21 -13.41
C4 PGE H . 16.05 -16.33 -13.96
O4 PGE H . 18.92 -17.83 -11.03
C6 PGE H . 18.88 -16.65 -11.78
C5 PGE H . 18.15 -16.92 -13.10
O3 PGE H . 16.77 -16.89 -12.90
C1 PEG I . 13.35 7.37 -31.33
O1 PEG I . 13.69 6.95 -32.62
C2 PEG I . 14.59 7.98 -30.66
O2 PEG I . 14.17 8.79 -29.59
C3 PEG I . 13.90 10.12 -29.96
C4 PEG I . 15.04 11.02 -29.49
O4 PEG I . 15.12 12.15 -30.31
C1 PGE J . -1.70 -39.45 -12.97
O1 PGE J . -2.02 -39.62 -14.33
C2 PGE J . -2.55 -38.34 -12.39
O2 PGE J . -2.34 -37.16 -13.13
C3 PGE J . -2.95 -36.02 -12.60
C4 PGE J . -2.84 -34.89 -13.62
O4 PGE J . 1.01 -33.53 -14.79
C6 PGE J . 0.02 -32.67 -14.26
C5 PGE J . -1.36 -33.28 -14.47
O3 PGE J . -1.56 -34.31 -13.54
C1 PEG K . 2.15 -30.15 -15.40
O1 PEG K . 2.77 -31.26 -14.80
C2 PEG K . 2.58 -28.86 -14.74
O2 PEG K . 1.82 -28.60 -13.60
C3 PEG K . 2.59 -27.90 -12.69
C4 PEG K . 2.02 -26.50 -12.51
O4 PEG K . 3.09 -25.60 -12.64
C1 EDO L . 1.73 -24.36 24.04
O1 EDO L . 0.86 -25.47 23.98
C2 EDO L . 1.87 -23.90 25.49
O2 EDO L . 3.17 -23.45 25.71
CL CL M . 9.15 17.11 -5.93
CL CL N . -17.45 -3.98 -9.15
MG MG O . 6.85 8.31 -5.81
O1 PG4 P . -3.56 4.49 3.44
C1 PG4 P . -2.94 3.27 3.81
C2 PG4 P . -2.46 2.54 2.57
O2 PG4 P . -1.08 2.36 2.62
C3 PG4 P . -0.55 1.55 1.61
C4 PG4 P . 0.61 2.25 0.90
O3 PG4 P . 1.70 1.38 0.77
C5 PG4 P . 1.45 0.12 0.20
C6 PG4 P . 2.76 -0.46 -0.37
O4 PG4 P . 2.46 -1.42 -1.36
C7 PG4 P . 3.57 -1.95 -2.03
C8 PG4 P . 3.27 -3.38 -2.46
O5 PG4 P . 4.45 -4.04 -2.83
C1 PGE Q . -11.58 0.64 -22.12
O1 PGE Q . -11.91 -0.69 -22.40
C2 PGE Q . -12.19 1.57 -23.18
O2 PGE Q . -11.21 1.93 -24.11
C3 PGE Q . -11.22 1.14 -25.27
C4 PGE Q . -9.79 0.70 -25.59
O4 PGE Q . -7.87 3.52 -28.85
C6 PGE Q . -8.15 2.21 -28.46
C5 PGE Q . -9.06 2.23 -27.23
O3 PGE Q . -9.50 0.93 -26.94
OH2 1PE R . -16.77 11.32 37.44
C12 1PE R . -16.00 10.18 37.16
C22 1PE R . -16.55 9.48 35.92
OH3 1PE R . -15.51 8.89 35.20
C13 1PE R . -13.50 9.12 33.87
C23 1PE R . -14.45 9.75 34.90
OH4 1PE R . -13.63 9.84 32.68
C14 1PE R . -12.99 11.51 31.14
C24 1PE R . -12.58 10.71 32.38
OH5 1PE R . -13.49 12.76 31.55
C15 1PE R . -14.52 14.70 30.59
C25 1PE R . -14.60 13.19 30.82
OH6 1PE R . -15.04 15.36 31.70
C16 1PE R . -14.98 17.21 33.21
C26 1PE R . -14.18 16.32 32.25
OH7 1PE R . -16.32 16.79 33.22
C1 PGE S . -17.78 22.39 6.42
O1 PGE S . -16.48 22.85 6.16
C2 PGE S . -18.39 21.76 5.17
O2 PGE S . -17.69 20.60 4.76
C3 PGE S . -17.19 19.78 5.77
C4 PGE S . -16.84 18.41 5.20
O4 PGE S . -13.12 16.58 6.45
C6 PGE S . -14.07 17.16 7.29
C5 PGE S . -14.90 18.18 6.51
O3 PGE S . -16.16 17.65 6.17
OH2 1PE T . -20.94 20.60 10.67
C12 1PE T . -21.87 21.33 11.42
C22 1PE T . -21.49 21.27 12.89
OH3 1PE T . -22.09 20.15 13.48
C13 1PE T . -22.11 18.40 15.09
C23 1PE T . -21.38 19.63 14.57
OH4 1PE T . -21.69 17.31 14.31
C14 1PE T . -20.56 15.25 14.09
C24 1PE T . -21.29 16.19 15.04
OH5 1PE T . -19.22 15.15 14.51
C15 1PE T . -16.89 15.12 14.04
C25 1PE T . -18.30 14.97 13.47
OH6 1PE T . -16.17 16.07 13.31
C16 1PE T . -15.36 18.33 13.23
C26 1PE T . -16.50 17.40 13.64
OH7 1PE T . -15.85 19.63 13.09
C1 EDO U . 13.58 16.46 16.51
O1 EDO U . 14.40 15.44 16.00
C2 EDO U . 14.12 16.93 17.86
O2 EDO U . 13.82 18.28 18.03
C1 PEG V . 20.97 17.77 18.68
O1 PEG V . 19.98 16.79 18.54
C2 PEG V . 20.33 19.15 18.82
O2 PEG V . 19.53 19.41 17.70
C3 PEG V . 18.47 20.30 17.93
C4 PEG V . 17.49 19.70 18.93
O4 PEG V . 16.19 19.71 18.41
C1 EDO W . -13.20 21.52 13.45
O1 EDO W . -11.95 21.07 13.01
C2 EDO W . -13.01 22.76 14.33
O2 EDO W . -12.32 22.40 15.48
C1 EDO X . -20.83 18.79 7.35
O1 EDO X . -19.77 17.99 7.80
C2 EDO X . -20.64 19.12 5.87
O2 EDO X . -21.74 19.85 5.40
P PO4 Y . -22.83 11.33 -21.43
O1 PO4 Y . -23.68 11.70 -22.62
O2 PO4 Y . -22.39 9.89 -21.56
O3 PO4 Y . -23.67 11.49 -20.19
O4 PO4 Y . -21.63 12.23 -21.35
#